data_9VPY
#
_entry.id   9VPY
#
_cell.length_a   134.854
_cell.length_b   146.604
_cell.length_c   64.900
_cell.angle_alpha   90.00
_cell.angle_beta   90.00
_cell.angle_gamma   90.00
#
_symmetry.space_group_name_H-M   'P 21 21 2'
#
loop_
_entity.id
_entity.type
_entity.pdbx_description
1 polymer 'Dihydroorotate dehydrogenase (fumarate)'
2 non-polymer 1-DEOXY-1-(7,8-DIMETHYL-2,4-DIOXO-3,4-DIHYDRO-2H-BENZO[G]PTERIDIN-1-ID-10(5H)-YL)-5-O-PHOSPHONATO-D-RIBITOL
3 non-polymer 'FUMARIC ACID'
4 non-polymer 'MALONATE ION'
5 water water
#
_entity_poly.entity_id   1
_entity_poly.type   'polypeptide(L)'
_entity_poly.pdbx_seq_one_letter_code
;GPGSMSLKVNILGHEFSNPFMNAAGVLCTTEEDLRRMTESESGSLIGKSCTLAPRTGNPEPRYFGLPLGSINSMGLPNLG
VDFYLSYAAQTHDYSRKPLFLSMSGLSVEESVEMVKKLVPITKEKGTILELNLSAPNVPGKPQVGYDFDTTRTYLQKVSE
AYGLPFGVKMPPYFDIAHFDMAAAVLNDFPLVKFITCVNSIGNGLVIDPANETVVIKPKQGFGGLGGKYVLPTALANVNA
FFRRCPDKLVFGCGGVYSGEEAFLHILAGASMVQVGTALHDEGPIIFARLNKELQEIMTNKGYKTLDEFRGRVKTMD
;
_entity_poly.pdbx_strand_id   A,B,C,D
#
loop_
_chem_comp.id
_chem_comp.type
_chem_comp.name
_chem_comp.formula
FNR non-polymer 1-DEOXY-1-(7,8-DIMETHYL-2,4-DIOXO-3,4-DIHYDRO-2H-BENZO[G]PTERIDIN-1-ID-10(5H)-YL)-5-O-PHOSPHONATO-D-RIBITOL 'C17 H23 N4 O9 P'
FUM non-polymer 'FUMARIC ACID' 'C4 H4 O4'
MLI non-polymer 'MALONATE ION' 'C3 H2 O4 -2'
#
# COMPACT_ATOMS: atom_id res chain seq x y z
N MET A 5 -4.19 -34.14 -10.25
CA MET A 5 -4.49 -32.76 -10.74
C MET A 5 -5.54 -32.80 -11.86
N SER A 6 -6.38 -31.76 -11.92
CA SER A 6 -7.48 -31.68 -12.87
C SER A 6 -7.89 -30.23 -13.14
N LEU A 7 -8.10 -29.89 -14.42
CA LEU A 7 -8.56 -28.58 -14.86
C LEU A 7 -10.02 -28.66 -15.27
N LYS A 8 -10.68 -29.78 -14.95
CA LYS A 8 -12.06 -30.01 -15.36
C LYS A 8 -13.05 -28.99 -14.77
N VAL A 9 -14.16 -28.76 -15.49
CA VAL A 9 -15.21 -27.83 -15.09
C VAL A 9 -16.55 -28.51 -15.34
N ASN A 10 -17.44 -28.52 -14.34
CA ASN A 10 -18.80 -29.03 -14.51
C ASN A 10 -19.81 -27.90 -14.32
N ILE A 11 -20.48 -27.52 -15.41
CA ILE A 11 -21.43 -26.41 -15.40
C ILE A 11 -22.48 -26.64 -16.49
N LEU A 12 -23.70 -26.15 -16.23
CA LEU A 12 -24.79 -26.14 -17.19
C LEU A 12 -25.16 -27.56 -17.63
N GLY A 13 -24.82 -28.53 -16.77
CA GLY A 13 -25.09 -29.93 -17.01
C GLY A 13 -24.07 -30.55 -17.98
N HIS A 14 -22.92 -29.90 -18.16
CA HIS A 14 -21.89 -30.33 -19.10
C HIS A 14 -20.54 -30.47 -18.40
N GLU A 15 -19.66 -31.30 -18.97
CA GLU A 15 -18.30 -31.48 -18.51
C GLU A 15 -17.38 -30.84 -19.54
N PHE A 16 -16.40 -30.06 -19.08
CA PHE A 16 -15.37 -29.46 -19.91
C PHE A 16 -14.01 -29.93 -19.39
N SER A 17 -13.08 -30.24 -20.31
CA SER A 17 -11.76 -30.74 -19.97
C SER A 17 -10.94 -29.65 -19.27
N ASN A 18 -11.20 -28.40 -19.62
CA ASN A 18 -10.50 -27.28 -19.03
C ASN A 18 -11.39 -26.04 -19.14
N PRO A 19 -11.05 -24.93 -18.44
CA PRO A 19 -11.88 -23.74 -18.46
C PRO A 19 -11.70 -22.81 -19.68
N PHE A 20 -10.72 -23.12 -20.54
CA PHE A 20 -10.30 -22.22 -21.61
C PHE A 20 -11.15 -22.42 -22.86
N MET A 21 -11.52 -21.29 -23.47
CA MET A 21 -12.22 -21.26 -24.75
C MET A 21 -11.77 -19.98 -25.46
N ASN A 22 -12.12 -19.86 -26.74
CA ASN A 22 -11.85 -18.63 -27.47
C ASN A 22 -12.87 -17.58 -27.04
N ALA A 23 -12.53 -16.31 -27.27
CA ALA A 23 -13.46 -15.22 -27.12
C ALA A 23 -14.23 -15.05 -28.43
N ALA A 24 -15.55 -14.85 -28.36
CA ALA A 24 -16.37 -14.60 -29.53
C ALA A 24 -15.70 -13.56 -30.42
N GLY A 25 -15.60 -13.87 -31.73
CA GLY A 25 -14.94 -13.03 -32.71
C GLY A 25 -13.55 -13.51 -33.13
N VAL A 26 -12.91 -14.34 -32.29
CA VAL A 26 -11.54 -14.77 -32.54
C VAL A 26 -11.56 -16.25 -32.89
N LEU A 27 -10.96 -16.60 -34.03
CA LEU A 27 -10.88 -17.96 -34.58
C LEU A 27 -12.22 -18.69 -34.50
N CYS A 28 -13.29 -18.12 -35.08
CA CYS A 28 -14.61 -18.72 -34.91
C CYS A 28 -15.63 -18.35 -35.99
N THR A 29 -15.19 -17.75 -37.11
CA THR A 29 -16.09 -17.21 -38.12
C THR A 29 -16.36 -18.27 -39.19
N THR A 30 -15.30 -18.96 -39.62
CA THR A 30 -15.37 -19.89 -40.74
C THR A 30 -15.34 -21.30 -40.19
N GLU A 31 -15.76 -22.27 -41.00
CA GLU A 31 -15.69 -23.67 -40.64
C GLU A 31 -14.26 -24.09 -40.32
N GLU A 32 -13.27 -23.61 -41.10
CA GLU A 32 -11.86 -23.86 -40.81
C GLU A 32 -11.51 -23.35 -39.42
N ASP A 33 -11.93 -22.13 -39.08
CA ASP A 33 -11.64 -21.56 -37.77
C ASP A 33 -12.16 -22.47 -36.66
N LEU A 34 -13.39 -22.99 -36.83
CA LEU A 34 -14.05 -23.75 -35.78
C LEU A 34 -13.47 -25.16 -35.65
N ARG A 35 -13.08 -25.78 -36.77
CA ARG A 35 -12.40 -27.07 -36.73
C ARG A 35 -11.11 -26.91 -35.96
N ARG A 36 -10.36 -25.84 -36.23
CA ARG A 36 -9.07 -25.59 -35.60
C ARG A 36 -9.26 -25.41 -34.08
N MET A 37 -10.34 -24.71 -33.70
CA MET A 37 -10.73 -24.60 -32.31
C MET A 37 -11.10 -25.97 -31.73
N THR A 38 -11.87 -26.77 -32.47
CA THR A 38 -12.27 -28.10 -32.00
C THR A 38 -11.04 -28.99 -31.83
N GLU A 39 -10.05 -28.86 -32.71
CA GLU A 39 -8.85 -29.69 -32.69
C GLU A 39 -7.84 -29.24 -31.62
N SER A 40 -8.00 -28.02 -31.07
CA SER A 40 -7.10 -27.49 -30.04
C SER A 40 -7.36 -28.18 -28.70
N GLU A 41 -6.54 -27.84 -27.68
CA GLU A 41 -6.75 -28.36 -26.34
C GLU A 41 -7.82 -27.57 -25.57
N SER A 42 -8.40 -26.52 -26.17
CA SER A 42 -9.44 -25.73 -25.51
C SER A 42 -10.54 -26.65 -24.97
N GLY A 43 -11.10 -26.26 -23.82
CA GLY A 43 -12.18 -26.98 -23.18
C GLY A 43 -13.51 -26.77 -23.90
N SER A 44 -13.67 -25.60 -24.53
CA SER A 44 -14.83 -25.32 -25.38
C SER A 44 -14.46 -24.36 -26.50
N LEU A 45 -15.50 -23.87 -27.19
CA LEU A 45 -15.34 -22.94 -28.30
C LEU A 45 -16.67 -22.19 -28.45
N ILE A 46 -16.62 -21.00 -29.05
CA ILE A 46 -17.82 -20.23 -29.32
C ILE A 46 -17.77 -19.72 -30.75
N GLY A 47 -18.91 -19.82 -31.47
CA GLY A 47 -19.04 -19.29 -32.83
C GLY A 47 -19.09 -17.76 -32.84
N LYS A 48 -18.65 -17.16 -33.95
CA LYS A 48 -18.63 -15.72 -34.11
C LYS A 48 -20.02 -15.14 -33.83
N SER A 49 -20.07 -13.97 -33.20
CA SER A 49 -21.32 -13.27 -33.04
C SER A 49 -21.97 -13.10 -34.41
N CYS A 50 -23.08 -13.82 -34.66
CA CYS A 50 -23.74 -13.86 -35.96
C CYS A 50 -24.97 -12.95 -35.98
N THR A 51 -25.41 -12.61 -37.20
CA THR A 51 -26.67 -11.95 -37.49
C THR A 51 -27.55 -12.90 -38.33
N LEU A 52 -28.81 -12.50 -38.58
CA LEU A 52 -29.76 -13.30 -39.33
C LEU A 52 -29.28 -13.50 -40.78
N ALA A 53 -28.95 -12.39 -41.44
CA ALA A 53 -28.32 -12.40 -42.76
C ALA A 53 -26.80 -12.21 -42.62
N PRO A 54 -25.99 -12.74 -43.57
CA PRO A 54 -24.54 -12.54 -43.55
C PRO A 54 -24.09 -11.08 -43.55
N ARG A 55 -22.92 -10.84 -42.93
CA ARG A 55 -22.25 -9.56 -42.97
C ARG A 55 -20.79 -9.75 -43.42
N THR A 56 -20.23 -8.72 -44.09
CA THR A 56 -18.81 -8.70 -44.46
C THR A 56 -18.04 -7.77 -43.52
N GLY A 57 -18.73 -6.83 -42.86
CA GLY A 57 -18.17 -6.05 -41.78
C GLY A 57 -17.66 -4.70 -42.26
N ASN A 58 -16.82 -4.06 -41.44
CA ASN A 58 -16.33 -2.73 -41.71
C ASN A 58 -15.17 -2.80 -42.72
N PRO A 59 -14.90 -1.68 -43.42
CA PRO A 59 -13.76 -1.61 -44.33
C PRO A 59 -12.41 -1.61 -43.62
N GLU A 60 -11.34 -1.88 -44.38
CA GLU A 60 -10.01 -2.08 -43.85
C GLU A 60 -9.20 -0.79 -43.85
N PRO A 61 -8.13 -0.65 -43.04
CA PRO A 61 -7.83 -1.58 -41.94
C PRO A 61 -8.79 -1.49 -40.75
N ARG A 62 -9.15 -2.66 -40.18
CA ARG A 62 -10.15 -2.76 -39.12
C ARG A 62 -9.63 -3.52 -37.89
N TYR A 63 -8.36 -3.97 -37.92
CA TYR A 63 -7.67 -4.52 -36.77
C TYR A 63 -6.25 -3.94 -36.73
N PHE A 64 -5.69 -3.77 -35.53
CA PHE A 64 -4.31 -3.33 -35.41
C PHE A 64 -3.72 -3.86 -34.11
N GLY A 65 -2.68 -4.69 -34.23
CA GLY A 65 -1.93 -5.20 -33.09
C GLY A 65 -1.06 -4.12 -32.44
N LEU A 66 -1.10 -4.09 -31.10
CA LEU A 66 -0.47 -3.07 -30.27
C LEU A 66 0.43 -3.75 -29.24
N PRO A 67 1.51 -3.10 -28.77
CA PRO A 67 2.33 -3.66 -27.69
C PRO A 67 1.51 -4.20 -26.51
N LEU A 68 0.45 -3.48 -26.10
CA LEU A 68 -0.37 -3.83 -24.94
C LEU A 68 -1.69 -4.47 -25.33
N GLY A 69 -1.90 -4.79 -26.61
CA GLY A 69 -3.04 -5.61 -27.00
C GLY A 69 -3.50 -5.36 -28.44
N SER A 70 -4.76 -4.92 -28.60
CA SER A 70 -5.38 -4.79 -29.92
C SER A 70 -6.41 -3.68 -29.93
N ILE A 71 -6.61 -3.06 -31.10
CA ILE A 71 -7.78 -2.24 -31.39
C ILE A 71 -8.44 -2.81 -32.65
N ASN A 72 -9.78 -2.87 -32.64
CA ASN A 72 -10.52 -3.50 -33.73
C ASN A 72 -11.87 -2.83 -33.93
N SER A 73 -12.29 -2.80 -35.21
CA SER A 73 -13.62 -2.36 -35.62
C SER A 73 -14.14 -3.33 -36.68
N MET A 74 -14.18 -4.63 -36.33
CA MET A 74 -14.45 -5.67 -37.31
C MET A 74 -15.79 -5.42 -38.01
N GLY A 75 -16.82 -5.10 -37.22
CA GLY A 75 -18.18 -4.86 -37.72
C GLY A 75 -19.00 -6.13 -37.91
N LEU A 76 -18.80 -7.12 -37.02
CA LEU A 76 -19.61 -8.34 -36.98
C LEU A 76 -19.53 -9.12 -38.30
N PRO A 77 -18.34 -9.28 -38.91
CA PRO A 77 -18.24 -10.14 -40.08
C PRO A 77 -18.69 -11.56 -39.77
N ASN A 78 -19.70 -12.09 -40.47
CA ASN A 78 -20.26 -13.40 -40.12
C ASN A 78 -21.02 -14.04 -41.29
N LEU A 79 -21.00 -15.38 -41.35
CA LEU A 79 -21.54 -16.14 -42.46
C LEU A 79 -23.06 -16.32 -42.36
N GLY A 80 -23.68 -15.70 -41.35
CA GLY A 80 -25.12 -15.78 -41.19
C GLY A 80 -25.54 -16.91 -40.26
N VAL A 81 -26.67 -16.72 -39.57
CA VAL A 81 -27.06 -17.61 -38.49
C VAL A 81 -27.26 -19.02 -39.01
N ASP A 82 -27.76 -19.18 -40.24
CA ASP A 82 -28.03 -20.49 -40.83
C ASP A 82 -26.73 -21.30 -40.96
N PHE A 83 -25.60 -20.61 -41.17
CA PHE A 83 -24.32 -21.30 -41.26
C PHE A 83 -23.91 -21.87 -39.91
N TYR A 84 -24.11 -21.09 -38.82
CA TYR A 84 -23.64 -21.49 -37.50
C TYR A 84 -24.58 -22.54 -36.91
N LEU A 85 -25.90 -22.36 -37.12
CA LEU A 85 -26.91 -23.37 -36.81
C LEU A 85 -26.54 -24.71 -37.45
N SER A 86 -26.18 -24.65 -38.73
CA SER A 86 -25.82 -25.84 -39.50
C SER A 86 -24.54 -26.47 -38.95
N TYR A 87 -23.58 -25.64 -38.54
CA TYR A 87 -22.32 -26.12 -37.96
C TYR A 87 -22.60 -26.84 -36.64
N ALA A 88 -23.49 -26.25 -35.83
CA ALA A 88 -23.87 -26.80 -34.54
C ALA A 88 -24.63 -28.12 -34.68
N ALA A 89 -25.47 -28.26 -35.71
CA ALA A 89 -26.39 -29.38 -35.83
C ALA A 89 -25.75 -30.56 -36.57
N GLN A 90 -24.78 -30.30 -37.45
CA GLN A 90 -24.34 -31.29 -38.42
C GLN A 90 -22.84 -31.53 -38.36
N THR A 91 -22.03 -30.47 -38.29
CA THR A 91 -20.58 -30.59 -38.41
C THR A 91 -19.93 -30.87 -37.07
N HIS A 92 -20.29 -30.10 -36.03
CA HIS A 92 -19.49 -30.00 -34.81
C HIS A 92 -19.42 -31.35 -34.10
N ASP A 93 -18.20 -31.67 -33.62
CA ASP A 93 -17.87 -32.88 -32.87
C ASP A 93 -18.03 -32.62 -31.36
N TYR A 94 -19.18 -33.04 -30.82
CA TYR A 94 -19.54 -32.85 -29.42
C TYR A 94 -18.81 -33.81 -28.49
N SER A 95 -18.14 -34.84 -29.02
CA SER A 95 -17.31 -35.69 -28.17
C SER A 95 -15.97 -35.00 -27.86
N ARG A 96 -15.52 -34.05 -28.70
CA ARG A 96 -14.30 -33.31 -28.42
C ARG A 96 -14.58 -32.28 -27.32
N LYS A 97 -15.64 -31.49 -27.48
CA LYS A 97 -15.98 -30.46 -26.51
C LYS A 97 -17.38 -29.93 -26.78
N PRO A 98 -18.04 -29.35 -25.76
CA PRO A 98 -19.28 -28.61 -25.97
C PRO A 98 -19.07 -27.35 -26.80
N LEU A 99 -20.14 -26.90 -27.47
CA LEU A 99 -20.07 -25.77 -28.37
C LEU A 99 -20.96 -24.66 -27.84
N PHE A 100 -20.41 -23.44 -27.80
CA PHE A 100 -21.23 -22.26 -27.59
C PHE A 100 -21.47 -21.58 -28.95
N LEU A 101 -22.57 -20.82 -29.07
CA LEU A 101 -22.81 -19.96 -30.22
C LEU A 101 -23.16 -18.55 -29.73
N SER A 102 -22.51 -17.53 -30.29
CA SER A 102 -22.83 -16.16 -29.96
C SER A 102 -23.83 -15.61 -30.96
N MET A 103 -24.99 -15.16 -30.49
CA MET A 103 -25.96 -14.51 -31.37
C MET A 103 -25.99 -13.02 -31.06
N SER A 104 -26.03 -12.20 -32.12
CA SER A 104 -25.76 -10.77 -32.05
C SER A 104 -26.69 -10.02 -33.00
N GLY A 105 -27.99 -10.34 -32.93
CA GLY A 105 -28.99 -9.56 -33.65
C GLY A 105 -28.82 -8.07 -33.30
N LEU A 106 -28.94 -7.22 -34.32
CA LEU A 106 -28.74 -5.79 -34.17
C LEU A 106 -30.02 -5.08 -33.73
N SER A 107 -31.08 -5.87 -33.48
CA SER A 107 -32.32 -5.41 -32.88
C SER A 107 -32.94 -6.58 -32.12
N VAL A 108 -33.88 -6.28 -31.20
CA VAL A 108 -34.61 -7.30 -30.46
C VAL A 108 -35.29 -8.28 -31.42
N GLU A 109 -35.97 -7.73 -32.43
CA GLU A 109 -36.77 -8.51 -33.37
C GLU A 109 -35.86 -9.55 -34.06
N GLU A 110 -34.64 -9.13 -34.45
CA GLU A 110 -33.72 -9.99 -35.17
C GLU A 110 -33.17 -11.08 -34.24
N SER A 111 -33.04 -10.77 -32.95
CA SER A 111 -32.49 -11.71 -31.98
C SER A 111 -33.53 -12.78 -31.64
N VAL A 112 -34.80 -12.38 -31.48
CA VAL A 112 -35.91 -13.29 -31.21
C VAL A 112 -35.98 -14.32 -32.34
N GLU A 113 -36.00 -13.85 -33.59
CA GLU A 113 -36.04 -14.71 -34.77
C GLU A 113 -34.88 -15.72 -34.73
N MET A 114 -33.68 -15.27 -34.35
CA MET A 114 -32.47 -16.09 -34.39
C MET A 114 -32.48 -17.16 -33.29
N VAL A 115 -32.83 -16.79 -32.06
CA VAL A 115 -32.73 -17.70 -30.93
C VAL A 115 -33.80 -18.77 -31.06
N LYS A 116 -34.95 -18.41 -31.65
CA LYS A 116 -36.03 -19.36 -31.88
C LYS A 116 -35.51 -20.49 -32.78
N LYS A 117 -34.65 -20.18 -33.75
CA LYS A 117 -34.09 -21.19 -34.64
C LYS A 117 -33.10 -22.10 -33.90
N LEU A 118 -32.47 -21.58 -32.83
CA LEU A 118 -31.51 -22.37 -32.06
C LEU A 118 -32.17 -23.43 -31.17
N VAL A 119 -33.41 -23.21 -30.71
CA VAL A 119 -34.08 -24.08 -29.73
C VAL A 119 -33.97 -25.56 -30.12
N PRO A 120 -34.50 -26.00 -31.28
CA PRO A 120 -34.41 -27.42 -31.67
C PRO A 120 -33.00 -28.01 -31.58
N ILE A 121 -31.99 -27.25 -32.02
CA ILE A 121 -30.61 -27.71 -32.03
C ILE A 121 -30.05 -27.76 -30.60
N THR A 122 -30.39 -26.79 -29.75
CA THR A 122 -30.01 -26.86 -28.34
C THR A 122 -30.62 -28.14 -27.73
N LYS A 123 -31.90 -28.40 -28.00
CA LYS A 123 -32.57 -29.56 -27.45
C LYS A 123 -31.87 -30.86 -27.90
N GLU A 124 -31.56 -30.97 -29.20
CA GLU A 124 -31.04 -32.22 -29.74
C GLU A 124 -29.54 -32.38 -29.44
N LYS A 125 -28.79 -31.29 -29.25
CA LYS A 125 -27.33 -31.35 -29.32
C LYS A 125 -26.61 -30.77 -28.10
N GLY A 126 -27.24 -29.83 -27.38
CA GLY A 126 -26.65 -29.24 -26.19
C GLY A 126 -25.94 -27.91 -26.46
N THR A 127 -26.08 -27.38 -27.68
CA THR A 127 -25.50 -26.10 -28.06
C THR A 127 -25.97 -25.02 -27.06
N ILE A 128 -25.01 -24.26 -26.50
CA ILE A 128 -25.29 -23.23 -25.50
C ILE A 128 -25.25 -21.86 -26.15
N LEU A 129 -26.18 -20.97 -25.78
CA LEU A 129 -26.30 -19.64 -26.36
C LEU A 129 -25.60 -18.60 -25.49
N GLU A 130 -24.82 -17.71 -26.13
CA GLU A 130 -24.30 -16.50 -25.50
C GLU A 130 -24.89 -15.32 -26.28
N LEU A 131 -25.79 -14.56 -25.64
CA LEU A 131 -26.40 -13.38 -26.25
C LEU A 131 -25.41 -12.22 -26.18
N ASN A 132 -25.07 -11.64 -27.34
CA ASN A 132 -24.13 -10.53 -27.38
C ASN A 132 -24.89 -9.23 -27.09
N LEU A 133 -24.59 -8.59 -25.94
CA LEU A 133 -25.15 -7.29 -25.60
C LEU A 133 -24.06 -6.22 -25.56
N SER A 134 -23.01 -6.39 -26.37
CA SER A 134 -21.81 -5.56 -26.34
C SER A 134 -21.12 -5.59 -27.71
N ALA A 135 -21.82 -5.07 -28.72
CA ALA A 135 -21.28 -4.89 -30.06
C ALA A 135 -20.90 -3.43 -30.22
N PRO A 136 -19.60 -3.03 -30.09
CA PRO A 136 -19.21 -1.63 -30.06
C PRO A 136 -18.74 -1.04 -31.39
N ASN A 137 -18.77 -1.84 -32.47
CA ASN A 137 -18.12 -1.47 -33.73
C ASN A 137 -19.07 -1.40 -34.93
N VAL A 138 -20.40 -1.39 -34.71
CA VAL A 138 -21.38 -1.31 -35.78
C VAL A 138 -21.89 0.14 -35.84
N PRO A 139 -21.49 0.98 -36.82
CA PRO A 139 -21.91 2.38 -36.81
C PRO A 139 -23.42 2.58 -36.71
N GLY A 140 -23.84 3.43 -35.76
CA GLY A 140 -25.24 3.78 -35.58
C GLY A 140 -26.01 2.80 -34.69
N LYS A 141 -25.27 1.91 -34.00
CA LYS A 141 -25.85 0.94 -33.06
C LYS A 141 -25.10 0.99 -31.73
N PRO A 142 -25.67 1.58 -30.66
CA PRO A 142 -25.06 1.54 -29.33
C PRO A 142 -24.86 0.13 -28.76
N GLN A 143 -24.03 0.01 -27.72
CA GLN A 143 -23.92 -1.24 -26.98
C GLN A 143 -25.13 -1.35 -26.04
N VAL A 144 -25.90 -2.43 -26.20
CA VAL A 144 -27.18 -2.60 -25.54
C VAL A 144 -27.01 -2.59 -24.02
N GLY A 145 -25.98 -3.29 -23.51
CA GLY A 145 -25.72 -3.46 -22.09
C GLY A 145 -25.54 -2.15 -21.31
N TYR A 146 -25.35 -1.02 -22.01
CA TYR A 146 -25.24 0.29 -21.36
C TYR A 146 -26.60 0.99 -21.22
N ASP A 147 -27.65 0.41 -21.81
CA ASP A 147 -29.03 0.86 -21.67
C ASP A 147 -29.83 -0.23 -20.96
N PHE A 148 -30.13 -0.02 -19.68
CA PHE A 148 -30.76 -1.03 -18.84
C PHE A 148 -32.22 -1.28 -19.25
N ASP A 149 -32.94 -0.29 -19.80
CA ASP A 149 -34.30 -0.51 -20.30
C ASP A 149 -34.28 -1.43 -21.52
N THR A 150 -33.39 -1.14 -22.48
CA THR A 150 -33.21 -1.96 -23.66
C THR A 150 -32.72 -3.36 -23.26
N THR A 151 -31.71 -3.43 -22.38
CA THR A 151 -31.18 -4.71 -21.91
C THR A 151 -32.34 -5.57 -21.38
N ARG A 152 -33.18 -4.98 -20.53
CA ARG A 152 -34.33 -5.67 -19.95
C ARG A 152 -35.21 -6.28 -21.05
N THR A 153 -35.47 -5.51 -22.11
CA THR A 153 -36.34 -5.95 -23.20
C THR A 153 -35.73 -7.17 -23.90
N TYR A 154 -34.40 -7.18 -24.11
CA TYR A 154 -33.74 -8.27 -24.80
C TYR A 154 -33.85 -9.56 -23.98
N LEU A 155 -33.56 -9.45 -22.68
CA LEU A 155 -33.55 -10.61 -21.78
C LEU A 155 -34.96 -11.18 -21.64
N GLN A 156 -35.96 -10.28 -21.62
CA GLN A 156 -37.37 -10.64 -21.59
C GLN A 156 -37.71 -11.49 -22.82
N LYS A 157 -37.47 -10.91 -24.01
CA LYS A 157 -37.91 -11.51 -25.28
C LYS A 157 -37.07 -12.75 -25.61
N VAL A 158 -35.78 -12.77 -25.26
CA VAL A 158 -34.90 -13.91 -25.54
C VAL A 158 -35.30 -15.05 -24.60
N SER A 159 -35.61 -14.71 -23.35
CA SER A 159 -36.07 -15.66 -22.36
C SER A 159 -37.33 -16.39 -22.85
N GLU A 160 -38.32 -15.61 -23.29
CA GLU A 160 -39.59 -16.20 -23.70
C GLU A 160 -39.44 -16.93 -25.04
N ALA A 161 -38.56 -16.45 -25.92
CA ALA A 161 -38.38 -17.07 -27.23
C ALA A 161 -37.54 -18.34 -27.14
N TYR A 162 -36.36 -18.24 -26.49
CA TYR A 162 -35.41 -19.35 -26.41
C TYR A 162 -35.87 -20.32 -25.33
N GLY A 163 -36.21 -19.77 -24.14
CA GLY A 163 -36.83 -20.50 -23.04
C GLY A 163 -35.91 -21.56 -22.43
N LEU A 164 -34.59 -21.41 -22.63
CA LEU A 164 -33.60 -22.35 -22.13
C LEU A 164 -32.45 -21.56 -21.51
N PRO A 165 -31.59 -22.21 -20.70
CA PRO A 165 -30.45 -21.52 -20.11
C PRO A 165 -29.55 -20.89 -21.18
N PHE A 166 -29.17 -19.63 -20.94
CA PHE A 166 -28.23 -18.95 -21.82
C PHE A 166 -27.42 -17.91 -21.04
N GLY A 167 -26.37 -17.40 -21.70
CA GLY A 167 -25.49 -16.40 -21.12
C GLY A 167 -25.57 -15.08 -21.87
N VAL A 168 -24.95 -14.05 -21.30
CA VAL A 168 -24.91 -12.75 -21.92
C VAL A 168 -23.45 -12.31 -21.96
N LYS A 169 -23.06 -11.64 -23.05
CA LYS A 169 -21.77 -11.01 -23.19
C LYS A 169 -21.92 -9.53 -22.82
N MET A 170 -21.45 -9.15 -21.63
CA MET A 170 -21.69 -7.81 -21.13
C MET A 170 -20.55 -6.89 -21.56
N PRO A 171 -20.83 -5.58 -21.79
CA PRO A 171 -19.77 -4.61 -21.91
C PRO A 171 -19.12 -4.37 -20.56
N PRO A 172 -17.88 -3.87 -20.46
CA PRO A 172 -17.32 -3.56 -19.16
C PRO A 172 -18.03 -2.37 -18.52
N TYR A 173 -18.28 -2.42 -17.21
CA TYR A 173 -18.74 -1.29 -16.42
C TYR A 173 -17.63 -0.79 -15.50
N PHE A 174 -17.72 0.50 -15.14
CA PHE A 174 -16.66 1.22 -14.44
C PHE A 174 -17.21 2.01 -13.25
N ASP A 175 -18.44 1.73 -12.82
CA ASP A 175 -19.11 2.48 -11.77
C ASP A 175 -19.92 1.50 -10.91
N ILE A 176 -19.88 1.69 -9.59
CA ILE A 176 -20.54 0.78 -8.67
C ILE A 176 -22.04 0.75 -8.93
N ALA A 177 -22.68 1.92 -9.10
CA ALA A 177 -24.13 1.98 -9.32
C ALA A 177 -24.54 1.19 -10.56
N HIS A 178 -23.67 1.15 -11.58
CA HIS A 178 -23.94 0.44 -12.82
C HIS A 178 -23.84 -1.09 -12.60
N PHE A 179 -22.86 -1.54 -11.81
CA PHE A 179 -22.80 -2.94 -11.40
C PHE A 179 -24.12 -3.34 -10.73
N ASP A 180 -24.61 -2.50 -9.81
CA ASP A 180 -25.84 -2.78 -9.08
C ASP A 180 -27.01 -2.85 -10.06
N MET A 181 -27.11 -1.84 -10.94
CA MET A 181 -28.21 -1.70 -11.88
C MET A 181 -28.18 -2.88 -12.87
N ALA A 182 -26.99 -3.21 -13.39
CA ALA A 182 -26.83 -4.32 -14.31
C ALA A 182 -27.27 -5.63 -13.65
N ALA A 183 -26.77 -5.83 -12.43
CA ALA A 183 -27.08 -7.02 -11.65
C ALA A 183 -28.58 -7.11 -11.35
N ALA A 184 -29.21 -5.96 -11.07
CA ALA A 184 -30.63 -5.92 -10.73
C ALA A 184 -31.48 -6.39 -11.92
N VAL A 185 -31.10 -6.02 -13.16
CA VAL A 185 -31.86 -6.43 -14.32
C VAL A 185 -31.59 -7.91 -14.60
N LEU A 186 -30.31 -8.32 -14.56
CA LEU A 186 -29.91 -9.69 -14.86
C LEU A 186 -30.53 -10.68 -13.88
N ASN A 187 -30.71 -10.25 -12.63
CA ASN A 187 -31.20 -11.12 -11.57
C ASN A 187 -32.71 -11.33 -11.69
N ASP A 188 -33.40 -10.61 -12.60
CA ASP A 188 -34.82 -10.82 -12.85
C ASP A 188 -35.06 -11.86 -13.94
N PHE A 189 -33.98 -12.45 -14.49
CA PHE A 189 -34.07 -13.41 -15.58
C PHE A 189 -33.40 -14.72 -15.17
N PRO A 190 -34.18 -15.69 -14.63
CA PRO A 190 -33.63 -16.96 -14.19
C PRO A 190 -32.97 -17.80 -15.27
N LEU A 191 -33.33 -17.56 -16.55
CA LEU A 191 -32.79 -18.32 -17.67
C LEU A 191 -31.38 -17.83 -18.04
N VAL A 192 -30.98 -16.66 -17.52
CA VAL A 192 -29.62 -16.17 -17.67
C VAL A 192 -28.75 -16.89 -16.64
N LYS A 193 -27.98 -17.88 -17.09
CA LYS A 193 -27.23 -18.75 -16.18
C LYS A 193 -25.73 -18.43 -16.16
N PHE A 194 -25.26 -17.59 -17.10
CA PHE A 194 -23.86 -17.19 -17.07
C PHE A 194 -23.72 -15.78 -17.65
N ILE A 195 -22.78 -15.02 -17.08
CA ILE A 195 -22.43 -13.68 -17.50
C ILE A 195 -20.97 -13.71 -17.97
N THR A 196 -20.71 -13.35 -19.23
CA THR A 196 -19.35 -13.19 -19.73
C THR A 196 -18.92 -11.74 -19.57
N CYS A 197 -17.97 -11.53 -18.65
CA CYS A 197 -17.31 -10.25 -18.41
C CYS A 197 -15.85 -10.42 -18.79
N VAL A 198 -15.32 -9.63 -19.73
CA VAL A 198 -15.97 -8.48 -20.32
C VAL A 198 -15.65 -8.47 -21.80
N ASN A 199 -16.40 -7.66 -22.56
CA ASN A 199 -16.13 -7.34 -23.95
C ASN A 199 -15.00 -6.30 -24.04
N SER A 200 -14.59 -5.96 -25.26
CA SER A 200 -13.66 -4.87 -25.48
C SER A 200 -14.04 -3.66 -24.63
N ILE A 201 -13.03 -2.96 -24.10
CA ILE A 201 -13.19 -1.58 -23.67
C ILE A 201 -13.50 -0.76 -24.92
N GLY A 202 -14.72 -0.26 -25.07
CA GLY A 202 -15.22 0.24 -26.34
C GLY A 202 -14.73 1.66 -26.68
N ASN A 203 -14.59 1.91 -27.98
CA ASN A 203 -14.42 3.22 -28.59
C ASN A 203 -13.17 3.92 -28.05
N GLY A 204 -12.08 3.16 -27.97
CA GLY A 204 -10.73 3.68 -27.82
C GLY A 204 -10.22 4.23 -29.16
N LEU A 205 -9.08 4.93 -29.12
CA LEU A 205 -8.53 5.57 -30.30
C LEU A 205 -7.00 5.53 -30.27
N VAL A 206 -6.41 4.87 -31.27
CA VAL A 206 -4.97 4.80 -31.40
C VAL A 206 -4.56 5.69 -32.57
N ILE A 207 -3.52 6.51 -32.34
CA ILE A 207 -2.90 7.36 -33.34
C ILE A 207 -1.42 6.98 -33.45
N ASP A 208 -0.94 6.79 -34.67
CA ASP A 208 0.48 6.66 -34.98
C ASP A 208 1.13 8.04 -34.95
N PRO A 209 2.05 8.33 -33.99
CA PRO A 209 2.70 9.63 -33.96
C PRO A 209 3.46 9.97 -35.24
N ALA A 210 4.00 8.93 -35.92
CA ALA A 210 4.89 9.12 -37.07
C ALA A 210 4.16 9.78 -38.24
N ASN A 211 2.96 9.29 -38.57
CA ASN A 211 2.20 9.82 -39.70
C ASN A 211 1.00 10.66 -39.25
N GLU A 212 0.82 10.82 -37.94
CA GLU A 212 -0.23 11.65 -37.35
C GLU A 212 -1.63 11.19 -37.77
N THR A 213 -1.77 9.88 -38.01
CA THR A 213 -2.99 9.29 -38.53
C THR A 213 -3.41 8.17 -37.59
N VAL A 214 -4.74 7.97 -37.47
CA VAL A 214 -5.31 6.81 -36.79
C VAL A 214 -4.87 5.53 -37.50
N VAL A 215 -5.10 4.38 -36.84
CA VAL A 215 -4.59 3.10 -37.33
C VAL A 215 -5.71 2.22 -37.92
N ILE A 216 -6.98 2.56 -37.67
CA ILE A 216 -8.08 1.87 -38.30
C ILE A 216 -8.95 2.87 -39.05
N LYS A 217 -9.56 2.40 -40.15
CA LYS A 217 -10.39 3.23 -41.02
C LYS A 217 -11.76 3.52 -40.44
N PRO A 218 -12.56 2.52 -39.98
CA PRO A 218 -13.94 2.79 -39.60
C PRO A 218 -14.05 3.80 -38.48
N LYS A 219 -15.20 4.50 -38.41
CA LYS A 219 -15.56 5.33 -37.27
C LYS A 219 -14.41 6.24 -36.84
N GLN A 220 -13.73 6.86 -37.80
CA GLN A 220 -12.74 7.90 -37.53
C GLN A 220 -11.61 7.41 -36.62
N GLY A 221 -11.36 6.10 -36.61
CA GLY A 221 -10.32 5.50 -35.78
C GLY A 221 -10.83 4.79 -34.52
N PHE A 222 -12.13 4.95 -34.19
CA PHE A 222 -12.66 4.51 -32.90
C PHE A 222 -12.91 3.00 -32.95
N GLY A 223 -12.33 2.25 -32.01
CA GLY A 223 -12.49 0.80 -31.99
C GLY A 223 -12.30 0.21 -30.60
N GLY A 224 -12.71 -1.05 -30.44
CA GLY A 224 -12.62 -1.77 -29.18
C GLY A 224 -11.20 -2.22 -28.84
N LEU A 225 -10.83 -2.04 -27.56
CA LEU A 225 -9.55 -2.44 -27.02
C LEU A 225 -9.64 -3.83 -26.37
N GLY A 226 -8.64 -4.67 -26.64
CA GLY A 226 -8.46 -5.92 -25.94
C GLY A 226 -7.02 -6.05 -25.45
N GLY A 227 -6.74 -7.13 -24.71
CA GLY A 227 -5.39 -7.45 -24.24
C GLY A 227 -5.07 -6.81 -22.90
N LYS A 228 -3.79 -6.43 -22.73
CA LYS A 228 -3.26 -5.99 -21.44
C LYS A 228 -4.02 -4.78 -20.87
N TYR A 229 -4.56 -3.93 -21.73
CA TYR A 229 -5.35 -2.77 -21.32
C TYR A 229 -6.53 -3.17 -20.42
N VAL A 230 -7.02 -4.40 -20.57
CA VAL A 230 -8.35 -4.79 -20.12
C VAL A 230 -8.33 -5.60 -18.82
N LEU A 231 -7.17 -6.15 -18.43
CA LEU A 231 -7.12 -7.10 -17.33
C LEU A 231 -7.77 -6.53 -16.05
N PRO A 232 -7.33 -5.40 -15.47
CA PRO A 232 -7.94 -4.93 -14.22
C PRO A 232 -9.45 -4.66 -14.31
N THR A 233 -9.92 -4.18 -15.47
CA THR A 233 -11.35 -3.97 -15.71
C THR A 233 -12.08 -5.31 -15.80
N ALA A 234 -11.43 -6.30 -16.43
CA ALA A 234 -12.00 -7.63 -16.60
C ALA A 234 -12.24 -8.27 -15.23
N LEU A 235 -11.21 -8.27 -14.38
CA LEU A 235 -11.26 -8.90 -13.08
C LEU A 235 -12.33 -8.29 -12.18
N ALA A 236 -12.43 -6.95 -12.18
CA ALA A 236 -13.39 -6.22 -11.36
C ALA A 236 -14.82 -6.59 -11.76
N ASN A 237 -15.04 -6.69 -13.07
CA ASN A 237 -16.35 -7.02 -13.60
C ASN A 237 -16.67 -8.46 -13.22
N VAL A 238 -15.70 -9.36 -13.39
CA VAL A 238 -15.88 -10.76 -13.04
C VAL A 238 -16.32 -10.88 -11.57
N ASN A 239 -15.55 -10.25 -10.68
CA ASN A 239 -15.75 -10.38 -9.24
C ASN A 239 -17.06 -9.69 -8.79
N ALA A 240 -17.42 -8.58 -9.44
CA ALA A 240 -18.59 -7.77 -9.10
C ALA A 240 -19.89 -8.52 -9.42
N PHE A 241 -19.94 -9.18 -10.58
CA PHE A 241 -21.08 -9.99 -10.97
C PHE A 241 -21.06 -11.34 -10.24
N PHE A 242 -19.87 -11.87 -9.92
CA PHE A 242 -19.75 -13.09 -9.14
C PHE A 242 -20.48 -12.94 -7.81
N ARG A 243 -20.28 -11.78 -7.17
CA ARG A 243 -20.89 -11.48 -5.88
C ARG A 243 -22.36 -11.11 -6.03
N ARG A 244 -22.70 -10.23 -7.01
CA ARG A 244 -24.03 -9.64 -7.09
C ARG A 244 -25.05 -10.60 -7.71
N CYS A 245 -24.58 -11.53 -8.56
CA CYS A 245 -25.42 -12.52 -9.21
C CYS A 245 -24.97 -13.91 -8.80
N PRO A 246 -25.13 -14.29 -7.51
CA PRO A 246 -24.62 -15.57 -7.02
C PRO A 246 -25.34 -16.79 -7.58
N ASP A 247 -26.53 -16.59 -8.17
CA ASP A 247 -27.35 -17.63 -8.78
C ASP A 247 -27.01 -17.81 -10.26
N LYS A 248 -25.86 -17.26 -10.68
CA LYS A 248 -25.39 -17.34 -12.06
C LYS A 248 -23.90 -17.64 -12.06
N LEU A 249 -23.39 -18.11 -13.21
CA LEU A 249 -21.96 -18.28 -13.43
C LEU A 249 -21.38 -17.00 -14.01
N VAL A 250 -20.08 -16.82 -13.83
CA VAL A 250 -19.32 -15.77 -14.50
C VAL A 250 -18.25 -16.43 -15.38
N PHE A 251 -18.26 -16.12 -16.69
CA PHE A 251 -17.17 -16.44 -17.60
C PHE A 251 -16.23 -15.24 -17.66
N GLY A 252 -14.93 -15.48 -17.51
CA GLY A 252 -13.94 -14.42 -17.52
C GLY A 252 -13.41 -14.19 -18.93
N CYS A 253 -13.29 -12.91 -19.31
CA CYS A 253 -12.76 -12.53 -20.61
C CYS A 253 -12.05 -11.18 -20.51
N GLY A 254 -10.75 -11.16 -20.86
CA GLY A 254 -10.00 -9.91 -20.91
C GLY A 254 -8.58 -10.07 -20.38
N GLY A 255 -7.60 -9.80 -21.24
CA GLY A 255 -6.22 -9.66 -20.80
C GLY A 255 -5.49 -10.98 -20.51
N VAL A 256 -6.03 -12.13 -20.93
CA VAL A 256 -5.41 -13.43 -20.65
C VAL A 256 -4.30 -13.70 -21.68
N TYR A 257 -3.04 -13.71 -21.21
CA TYR A 257 -1.88 -14.02 -22.04
C TYR A 257 -1.20 -15.29 -21.58
N SER A 258 -1.44 -15.69 -20.32
CA SER A 258 -0.64 -16.71 -19.66
C SER A 258 -1.47 -17.36 -18.57
N GLY A 259 -0.94 -18.42 -17.95
CA GLY A 259 -1.62 -19.15 -16.89
C GLY A 259 -1.97 -18.25 -15.71
N GLU A 260 -1.14 -17.23 -15.48
CA GLU A 260 -1.26 -16.36 -14.33
C GLU A 260 -2.55 -15.54 -14.44
N GLU A 261 -2.79 -14.94 -15.61
CA GLU A 261 -4.00 -14.17 -15.82
C GLU A 261 -5.22 -15.09 -15.74
N ALA A 262 -5.09 -16.33 -16.22
CA ALA A 262 -6.20 -17.28 -16.14
C ALA A 262 -6.51 -17.56 -14.68
N PHE A 263 -5.46 -17.77 -13.89
CA PHE A 263 -5.57 -18.02 -12.46
C PHE A 263 -6.24 -16.85 -11.73
N LEU A 264 -5.93 -15.59 -12.10
CA LEU A 264 -6.54 -14.43 -11.48
C LEU A 264 -8.05 -14.37 -11.78
N HIS A 265 -8.44 -14.59 -13.03
CA HIS A 265 -9.83 -14.64 -13.46
C HIS A 265 -10.65 -15.66 -12.66
N ILE A 266 -10.08 -16.87 -12.52
CA ILE A 266 -10.74 -17.97 -11.83
C ILE A 266 -10.83 -17.61 -10.34
N LEU A 267 -9.71 -17.14 -9.77
CA LEU A 267 -9.69 -16.66 -8.39
C LEU A 267 -10.77 -15.59 -8.15
N ALA A 268 -10.99 -14.70 -9.12
CA ALA A 268 -11.94 -13.60 -8.97
C ALA A 268 -13.39 -14.09 -9.11
N GLY A 269 -13.58 -15.32 -9.64
CA GLY A 269 -14.89 -15.95 -9.70
C GLY A 269 -15.18 -16.69 -10.99
N ALA A 270 -14.34 -16.56 -12.02
CA ALA A 270 -14.65 -17.12 -13.34
C ALA A 270 -14.71 -18.64 -13.32
N SER A 271 -15.72 -19.18 -14.03
CA SER A 271 -15.91 -20.61 -14.24
C SER A 271 -15.16 -21.08 -15.50
N MET A 272 -15.41 -20.39 -16.63
CA MET A 272 -14.65 -20.53 -17.86
C MET A 272 -13.82 -19.26 -18.08
N VAL A 273 -12.72 -19.39 -18.83
CA VAL A 273 -11.83 -18.30 -19.19
C VAL A 273 -11.73 -18.26 -20.71
N GLN A 274 -12.20 -17.17 -21.33
CA GLN A 274 -12.14 -16.95 -22.76
C GLN A 274 -10.91 -16.10 -23.11
N VAL A 275 -10.37 -16.32 -24.32
CA VAL A 275 -9.12 -15.71 -24.77
C VAL A 275 -9.35 -15.08 -26.15
N GLY A 276 -8.98 -13.80 -26.27
CA GLY A 276 -9.22 -13.01 -27.46
C GLY A 276 -7.91 -12.61 -28.13
N THR A 277 -7.38 -11.44 -27.74
CA THR A 277 -6.24 -10.81 -28.38
C THR A 277 -5.07 -11.79 -28.47
N ALA A 278 -4.78 -12.51 -27.38
CA ALA A 278 -3.60 -13.38 -27.32
C ALA A 278 -3.79 -14.61 -28.22
N LEU A 279 -5.02 -15.07 -28.40
CA LEU A 279 -5.33 -16.18 -29.29
C LEU A 279 -5.21 -15.73 -30.74
N HIS A 280 -5.66 -14.50 -31.00
CA HIS A 280 -5.56 -13.89 -32.31
C HIS A 280 -4.08 -13.77 -32.75
N ASP A 281 -3.16 -13.45 -31.83
CA ASP A 281 -1.74 -13.28 -32.13
C ASP A 281 -1.02 -14.63 -32.29
N GLU A 282 -1.31 -15.60 -31.40
CA GLU A 282 -0.48 -16.79 -31.23
C GLU A 282 -1.09 -18.03 -31.87
N GLY A 283 -2.40 -18.00 -32.17
CA GLY A 283 -3.10 -19.13 -32.77
C GLY A 283 -3.46 -20.19 -31.72
N PRO A 284 -4.20 -21.26 -32.11
CA PRO A 284 -4.75 -22.23 -31.16
C PRO A 284 -3.78 -23.07 -30.34
N ILE A 285 -2.46 -22.98 -30.60
CA ILE A 285 -1.45 -23.63 -29.77
C ILE A 285 -1.49 -23.05 -28.36
N ILE A 286 -2.01 -21.82 -28.19
CA ILE A 286 -2.00 -21.12 -26.91
C ILE A 286 -2.74 -21.92 -25.83
N PHE A 287 -3.70 -22.78 -26.23
CA PHE A 287 -4.51 -23.50 -25.26
C PHE A 287 -3.70 -24.60 -24.59
N ALA A 288 -2.78 -25.22 -25.33
CA ALA A 288 -1.82 -26.16 -24.77
C ALA A 288 -0.94 -25.47 -23.73
N ARG A 289 -0.39 -24.31 -24.09
CA ARG A 289 0.49 -23.54 -23.23
C ARG A 289 -0.27 -23.08 -21.97
N LEU A 290 -1.51 -22.64 -22.15
CA LEU A 290 -2.31 -22.15 -21.04
C LEU A 290 -2.66 -23.30 -20.08
N ASN A 291 -3.01 -24.47 -20.62
CA ASN A 291 -3.30 -25.65 -19.81
C ASN A 291 -2.11 -26.00 -18.92
N LYS A 292 -0.89 -25.90 -19.46
CA LYS A 292 0.29 -26.40 -18.76
C LYS A 292 0.76 -25.35 -17.75
N GLU A 293 0.61 -24.06 -18.09
CA GLU A 293 1.00 -22.96 -17.23
C GLU A 293 0.06 -22.82 -16.03
N LEU A 294 -1.23 -23.11 -16.23
CA LEU A 294 -2.19 -23.05 -15.14
C LEU A 294 -1.88 -24.17 -14.15
N GLN A 295 -1.57 -25.36 -14.68
CA GLN A 295 -1.17 -26.50 -13.86
C GLN A 295 0.13 -26.24 -13.11
N GLU A 296 1.09 -25.57 -13.76
CA GLU A 296 2.36 -25.23 -13.14
C GLU A 296 2.10 -24.40 -11.88
N ILE A 297 1.25 -23.38 -11.99
CA ILE A 297 0.92 -22.49 -10.89
C ILE A 297 0.23 -23.29 -9.78
N MET A 298 -0.71 -24.15 -10.19
CA MET A 298 -1.45 -24.98 -9.26
C MET A 298 -0.51 -25.94 -8.51
N THR A 299 0.39 -26.61 -9.24
CA THR A 299 1.44 -27.42 -8.65
C THR A 299 2.22 -26.61 -7.62
N ASN A 300 2.56 -25.35 -7.91
CA ASN A 300 3.41 -24.53 -7.05
C ASN A 300 2.68 -24.13 -5.78
N LYS A 301 1.34 -24.11 -5.80
CA LYS A 301 0.52 -23.69 -4.67
C LYS A 301 -0.13 -24.87 -3.93
N GLY A 302 -0.02 -26.08 -4.49
CA GLY A 302 -0.58 -27.27 -3.87
C GLY A 302 -2.07 -27.48 -4.21
N TYR A 303 -2.56 -26.80 -5.24
CA TYR A 303 -3.94 -26.98 -5.68
C TYR A 303 -4.02 -28.19 -6.59
N LYS A 304 -5.09 -28.97 -6.43
CA LYS A 304 -5.35 -30.15 -7.24
C LYS A 304 -6.51 -29.90 -8.21
N THR A 305 -7.47 -29.05 -7.82
CA THR A 305 -8.64 -28.74 -8.65
C THR A 305 -8.87 -27.23 -8.67
N LEU A 306 -9.57 -26.76 -9.72
CA LEU A 306 -9.95 -25.36 -9.88
C LEU A 306 -10.78 -24.87 -8.70
N ASP A 307 -11.56 -25.77 -8.09
CA ASP A 307 -12.49 -25.37 -7.03
C ASP A 307 -11.78 -25.14 -5.70
N GLU A 308 -10.45 -25.34 -5.68
CA GLU A 308 -9.64 -25.09 -4.49
C GLU A 308 -9.48 -23.58 -4.33
N PHE A 309 -9.66 -22.82 -5.41
CA PHE A 309 -9.38 -21.39 -5.40
C PHE A 309 -10.37 -20.56 -6.22
N ARG A 310 -11.26 -21.18 -7.01
CA ARG A 310 -12.23 -20.43 -7.77
C ARG A 310 -13.09 -19.60 -6.82
N GLY A 311 -13.06 -18.27 -7.00
CA GLY A 311 -13.89 -17.34 -6.24
C GLY A 311 -13.31 -17.01 -4.86
N ARG A 312 -12.09 -17.46 -4.58
CA ARG A 312 -11.51 -17.33 -3.25
C ARG A 312 -10.54 -16.16 -3.16
N VAL A 313 -10.64 -15.17 -4.05
CA VAL A 313 -9.83 -13.97 -3.94
C VAL A 313 -9.95 -13.42 -2.52
N LYS A 314 -8.83 -12.99 -1.93
CA LYS A 314 -8.82 -12.41 -0.58
C LYS A 314 -8.85 -10.89 -0.68
N THR A 315 -9.65 -10.30 0.22
CA THR A 315 -9.77 -8.85 0.42
C THR A 315 -9.07 -8.45 1.71
N MET A 316 -8.88 -7.16 1.96
CA MET A 316 -8.14 -6.70 3.14
C MET A 316 -9.08 -6.01 4.16
N MET B 5 10.09 28.48 -32.14
CA MET B 5 9.45 27.37 -31.39
C MET B 5 8.69 27.91 -30.17
N SER B 6 7.44 27.45 -29.97
CA SER B 6 6.62 27.84 -28.83
C SER B 6 5.74 26.68 -28.36
N LEU B 7 5.69 26.49 -27.03
CA LEU B 7 4.81 25.56 -26.34
C LEU B 7 3.62 26.31 -25.76
N LYS B 8 3.56 27.63 -25.97
CA LYS B 8 2.58 28.47 -25.30
C LYS B 8 1.14 28.14 -25.73
N VAL B 9 0.24 28.25 -24.75
CA VAL B 9 -1.19 28.18 -24.96
C VAL B 9 -1.78 29.47 -24.42
N ASN B 10 -2.51 30.23 -25.25
CA ASN B 10 -3.22 31.41 -24.82
C ASN B 10 -4.71 31.07 -24.80
N ILE B 11 -5.27 30.88 -23.59
CA ILE B 11 -6.68 30.57 -23.42
C ILE B 11 -7.22 31.25 -22.16
N LEU B 12 -8.52 31.57 -22.23
CA LEU B 12 -9.28 32.18 -21.14
C LEU B 12 -8.58 33.41 -20.58
N GLY B 13 -7.90 34.17 -21.46
CA GLY B 13 -7.23 35.40 -21.09
C GLY B 13 -5.79 35.20 -20.62
N HIS B 14 -5.43 33.95 -20.29
CA HIS B 14 -4.13 33.66 -19.70
C HIS B 14 -3.14 33.19 -20.75
N GLU B 15 -1.86 33.50 -20.52
CA GLU B 15 -0.76 32.95 -21.28
C GLU B 15 -0.09 31.84 -20.45
N PHE B 16 -0.25 30.59 -20.89
CA PHE B 16 0.43 29.44 -20.32
C PHE B 16 1.73 29.18 -21.09
N SER B 17 2.83 28.96 -20.34
CA SER B 17 4.15 28.75 -20.91
C SER B 17 4.21 27.46 -21.73
N ASN B 18 3.48 26.45 -21.27
CA ASN B 18 3.41 25.17 -21.94
C ASN B 18 2.05 24.57 -21.59
N PRO B 19 1.62 23.44 -22.21
CA PRO B 19 0.28 22.92 -21.97
C PRO B 19 0.13 22.03 -20.74
N PHE B 20 1.21 21.83 -19.96
CA PHE B 20 1.24 20.82 -18.90
C PHE B 20 0.85 21.35 -17.52
N MET B 21 0.22 20.46 -16.76
CA MET B 21 -0.20 20.69 -15.39
C MET B 21 -0.40 19.31 -14.74
N ASN B 22 -0.48 19.27 -13.39
CA ASN B 22 -0.85 18.06 -12.69
C ASN B 22 -2.28 17.69 -13.04
N ALA B 23 -2.60 16.39 -12.95
CA ALA B 23 -3.98 15.94 -12.87
C ALA B 23 -4.51 16.22 -11.46
N ALA B 24 -5.81 16.55 -11.34
CA ALA B 24 -6.43 16.71 -10.04
C ALA B 24 -6.15 15.45 -9.22
N GLY B 25 -5.77 15.63 -7.94
CA GLY B 25 -5.51 14.53 -7.02
C GLY B 25 -4.02 14.17 -6.86
N VAL B 26 -3.16 14.64 -7.76
CA VAL B 26 -1.74 14.31 -7.71
C VAL B 26 -0.94 15.58 -7.38
N LEU B 27 -0.20 15.51 -6.27
CA LEU B 27 0.72 16.56 -5.86
C LEU B 27 0.02 17.92 -5.81
N CYS B 28 -1.14 17.96 -5.13
CA CYS B 28 -1.93 19.18 -5.06
C CYS B 28 -2.85 19.27 -3.83
N THR B 29 -2.66 18.39 -2.83
CA THR B 29 -3.56 18.32 -1.66
C THR B 29 -3.10 19.30 -0.58
N THR B 30 -1.78 19.42 -0.39
CA THR B 30 -1.23 20.14 0.74
C THR B 30 -0.55 21.39 0.21
N GLU B 31 -0.22 22.34 1.10
CA GLU B 31 0.41 23.58 0.68
C GLU B 31 1.79 23.27 0.12
N GLU B 32 2.53 22.36 0.77
CA GLU B 32 3.82 21.94 0.28
C GLU B 32 3.67 21.43 -1.16
N ASP B 33 2.61 20.66 -1.45
CA ASP B 33 2.39 20.09 -2.76
C ASP B 33 2.27 21.19 -3.81
N LEU B 34 1.38 22.16 -3.53
CA LEU B 34 1.04 23.23 -4.44
C LEU B 34 2.25 24.12 -4.70
N ARG B 35 3.12 24.26 -3.69
CA ARG B 35 4.33 25.05 -3.78
C ARG B 35 5.28 24.34 -4.76
N ARG B 36 5.37 23.01 -4.67
CA ARG B 36 6.30 22.25 -5.50
C ARG B 36 5.83 22.25 -6.95
N MET B 37 4.50 22.26 -7.15
CA MET B 37 3.89 22.40 -8.47
C MET B 37 4.12 23.79 -9.05
N THR B 38 3.95 24.83 -8.22
CA THR B 38 4.21 26.22 -8.62
C THR B 38 5.68 26.38 -9.03
N GLU B 39 6.62 25.69 -8.35
CA GLU B 39 8.04 25.88 -8.58
C GLU B 39 8.53 25.05 -9.77
N SER B 40 7.66 24.15 -10.27
CA SER B 40 7.98 23.23 -11.36
C SER B 40 7.92 23.95 -12.71
N GLU B 41 8.38 23.27 -13.77
CA GLU B 41 8.32 23.82 -15.13
C GLU B 41 6.92 23.69 -15.75
N SER B 42 5.90 23.29 -14.97
CA SER B 42 4.55 23.09 -15.50
C SER B 42 3.94 24.42 -15.91
N GLY B 43 3.09 24.37 -16.94
CA GLY B 43 2.41 25.54 -17.46
C GLY B 43 1.36 26.05 -16.48
N SER B 44 0.71 25.12 -15.77
CA SER B 44 -0.24 25.45 -14.72
C SER B 44 -0.25 24.35 -13.65
N LEU B 45 -1.21 24.44 -12.71
CA LEU B 45 -1.42 23.45 -11.65
C LEU B 45 -2.88 23.49 -11.21
N ILE B 46 -3.38 22.40 -10.62
CA ILE B 46 -4.74 22.33 -10.13
C ILE B 46 -4.76 21.77 -8.70
N GLY B 47 -5.54 22.39 -7.80
CA GLY B 47 -5.70 21.94 -6.43
C GLY B 47 -6.45 20.61 -6.33
N LYS B 48 -6.22 19.89 -5.23
CA LYS B 48 -6.91 18.64 -4.94
C LYS B 48 -8.43 18.86 -4.96
N SER B 49 -9.16 17.90 -5.53
CA SER B 49 -10.62 17.93 -5.52
C SER B 49 -11.13 18.01 -4.08
N CYS B 50 -11.72 19.15 -3.72
CA CYS B 50 -12.08 19.46 -2.35
C CYS B 50 -13.58 19.30 -2.12
N THR B 51 -13.96 19.24 -0.83
CA THR B 51 -15.33 19.20 -0.34
C THR B 51 -15.50 20.36 0.66
N LEU B 52 -16.74 20.57 1.13
CA LEU B 52 -17.06 21.71 1.99
C LEU B 52 -16.22 21.64 3.27
N ALA B 53 -16.33 20.49 3.95
CA ALA B 53 -15.53 20.16 5.12
C ALA B 53 -14.36 19.29 4.71
N PRO B 54 -13.26 19.24 5.50
CA PRO B 54 -12.15 18.33 5.23
C PRO B 54 -12.56 16.85 5.13
N ARG B 55 -11.75 16.06 4.42
CA ARG B 55 -11.92 14.63 4.37
C ARG B 55 -10.56 13.97 4.56
N THR B 56 -10.54 12.79 5.23
CA THR B 56 -9.31 12.03 5.46
C THR B 56 -9.17 10.93 4.41
N GLY B 57 -10.30 10.53 3.83
CA GLY B 57 -10.33 9.60 2.74
C GLY B 57 -10.48 8.16 3.22
N ASN B 58 -10.10 7.23 2.36
CA ASN B 58 -10.34 5.81 2.58
C ASN B 58 -9.18 5.23 3.36
N PRO B 59 -9.36 4.05 4.00
CA PRO B 59 -8.29 3.42 4.76
C PRO B 59 -7.23 2.79 3.85
N GLU B 60 -6.07 2.54 4.44
CA GLU B 60 -4.90 2.04 3.74
C GLU B 60 -4.81 0.53 3.70
N PRO B 61 -4.10 -0.09 2.70
CA PRO B 61 -3.55 0.63 1.55
C PRO B 61 -4.59 1.06 0.49
N ARG B 62 -4.43 2.29 -0.03
CA ARG B 62 -5.38 2.89 -0.98
C ARG B 62 -4.72 3.33 -2.29
N TYR B 63 -3.42 3.10 -2.44
CA TYR B 63 -2.71 3.40 -3.68
C TYR B 63 -1.67 2.32 -3.92
N PHE B 64 -1.64 1.77 -5.14
CA PHE B 64 -0.66 0.75 -5.50
C PHE B 64 -0.16 1.04 -6.91
N GLY B 65 1.15 1.26 -7.03
CA GLY B 65 1.80 1.52 -8.31
C GLY B 65 1.97 0.23 -9.09
N LEU B 66 1.74 0.27 -10.41
CA LEU B 66 1.72 -0.93 -11.23
C LEU B 66 2.75 -0.77 -12.35
N PRO B 67 3.24 -1.88 -12.95
CA PRO B 67 4.06 -1.76 -14.16
C PRO B 67 3.44 -0.85 -15.21
N LEU B 68 2.13 -1.01 -15.48
CA LEU B 68 1.46 -0.31 -16.55
C LEU B 68 0.70 0.93 -16.05
N GLY B 69 0.83 1.30 -14.77
CA GLY B 69 0.27 2.56 -14.29
C GLY B 69 0.02 2.59 -12.79
N SER B 70 -1.25 2.70 -12.40
CA SER B 70 -1.62 2.87 -10.99
C SER B 70 -3.06 2.45 -10.72
N ILE B 71 -3.31 1.97 -9.48
CA ILE B 71 -4.66 1.75 -9.00
C ILE B 71 -4.81 2.57 -7.73
N ASN B 72 -5.94 3.27 -7.56
CA ASN B 72 -6.14 3.98 -6.30
C ASN B 72 -7.62 4.03 -5.90
N SER B 73 -7.83 4.05 -4.58
CA SER B 73 -9.07 4.50 -3.95
C SER B 73 -8.76 5.51 -2.84
N MET B 74 -8.35 6.72 -3.21
CA MET B 74 -7.96 7.74 -2.25
C MET B 74 -9.13 8.17 -1.36
N GLY B 75 -10.29 8.42 -1.94
CA GLY B 75 -11.49 8.79 -1.19
C GLY B 75 -11.59 10.29 -1.00
N LEU B 76 -11.04 11.06 -1.94
CA LEU B 76 -11.11 12.52 -1.94
C LEU B 76 -10.54 13.07 -0.63
N PRO B 77 -9.31 12.70 -0.22
CA PRO B 77 -8.69 13.28 0.95
C PRO B 77 -8.34 14.73 0.67
N ASN B 78 -8.88 15.67 1.46
CA ASN B 78 -8.66 17.10 1.21
C ASN B 78 -8.78 17.89 2.51
N LEU B 79 -8.22 19.12 2.51
CA LEU B 79 -8.13 19.96 3.70
C LEU B 79 -9.37 20.84 3.86
N GLY B 80 -10.31 20.77 2.91
CA GLY B 80 -11.56 21.53 2.98
C GLY B 80 -11.52 22.73 2.04
N VAL B 81 -12.68 23.11 1.51
CA VAL B 81 -12.77 24.19 0.54
C VAL B 81 -12.06 25.45 1.02
N ASP B 82 -12.20 25.83 2.30
CA ASP B 82 -11.61 27.05 2.87
C ASP B 82 -10.08 27.09 2.71
N PHE B 83 -9.41 25.93 2.77
CA PHE B 83 -7.95 25.91 2.69
C PHE B 83 -7.50 26.26 1.26
N TYR B 84 -8.20 25.71 0.27
CA TYR B 84 -7.85 25.86 -1.14
C TYR B 84 -8.23 27.27 -1.61
N LEU B 85 -9.35 27.79 -1.08
CA LEU B 85 -9.77 29.16 -1.36
C LEU B 85 -8.74 30.16 -0.85
N SER B 86 -8.14 29.85 0.32
CA SER B 86 -7.07 30.66 0.91
C SER B 86 -5.77 30.56 0.11
N TYR B 87 -5.42 29.35 -0.37
CA TYR B 87 -4.29 29.17 -1.26
C TYR B 87 -4.42 30.10 -2.48
N ALA B 88 -5.62 30.10 -3.08
CA ALA B 88 -5.91 30.85 -4.28
C ALA B 88 -5.93 32.36 -4.03
N ALA B 89 -6.43 32.76 -2.85
CA ALA B 89 -6.56 34.16 -2.49
C ALA B 89 -5.22 34.76 -2.06
N GLN B 90 -4.51 34.07 -1.14
CA GLN B 90 -3.47 34.72 -0.36
C GLN B 90 -2.07 34.20 -0.74
N THR B 91 -1.92 32.90 -1.04
CA THR B 91 -0.61 32.26 -1.09
C THR B 91 -0.06 32.18 -2.51
N HIS B 92 -0.88 31.75 -3.48
CA HIS B 92 -0.40 31.34 -4.78
C HIS B 92 0.19 32.53 -5.55
N ASP B 93 1.38 32.33 -6.13
CA ASP B 93 2.04 33.30 -7.00
C ASP B 93 1.53 33.12 -8.43
N TYR B 94 0.77 34.11 -8.91
CA TYR B 94 0.10 34.07 -10.21
C TYR B 94 1.02 34.58 -11.32
N SER B 95 2.07 35.32 -10.95
CA SER B 95 3.08 35.76 -11.92
C SER B 95 3.87 34.56 -12.42
N ARG B 96 3.88 33.48 -11.62
CA ARG B 96 4.53 32.22 -11.95
C ARG B 96 3.66 31.43 -12.93
N LYS B 97 2.37 31.25 -12.60
CA LYS B 97 1.46 30.55 -13.50
C LYS B 97 0.02 30.62 -13.01
N PRO B 98 -0.97 30.50 -13.92
CA PRO B 98 -2.36 30.45 -13.50
C PRO B 98 -2.66 29.22 -12.64
N LEU B 99 -3.74 29.32 -11.86
CA LEU B 99 -4.18 28.29 -10.94
C LEU B 99 -5.61 27.86 -11.28
N PHE B 100 -5.79 26.52 -11.31
CA PHE B 100 -7.10 25.90 -11.30
C PHE B 100 -7.36 25.33 -9.91
N LEU B 101 -8.64 25.28 -9.52
CA LEU B 101 -9.13 24.54 -8.37
C LEU B 101 -10.14 23.51 -8.85
N SER B 102 -10.02 22.27 -8.34
CA SER B 102 -11.01 21.24 -8.58
C SER B 102 -11.98 21.23 -7.39
N MET B 103 -13.29 21.31 -7.67
CA MET B 103 -14.29 21.21 -6.61
C MET B 103 -15.11 19.96 -6.85
N SER B 104 -15.39 19.22 -5.77
CA SER B 104 -15.96 17.89 -5.85
C SER B 104 -16.93 17.60 -4.71
N GLY B 105 -17.88 18.52 -4.50
CA GLY B 105 -18.98 18.24 -3.59
C GLY B 105 -19.61 16.89 -3.90
N LEU B 106 -20.03 16.17 -2.84
CA LEU B 106 -20.58 14.82 -2.98
C LEU B 106 -22.10 14.85 -3.17
N SER B 107 -22.63 16.06 -3.39
CA SER B 107 -24.01 16.30 -3.78
C SER B 107 -24.05 17.68 -4.44
N VAL B 108 -25.12 17.97 -5.18
CA VAL B 108 -25.24 19.22 -5.92
C VAL B 108 -25.32 20.38 -4.93
N GLU B 109 -26.06 20.20 -3.82
CA GLU B 109 -26.13 21.18 -2.75
C GLU B 109 -24.72 21.59 -2.35
N GLU B 110 -23.85 20.58 -2.08
CA GLU B 110 -22.50 20.82 -1.58
C GLU B 110 -21.68 21.63 -2.59
N SER B 111 -21.77 21.24 -3.87
CA SER B 111 -20.97 21.88 -4.91
C SER B 111 -21.41 23.32 -5.12
N VAL B 112 -22.71 23.57 -5.03
CA VAL B 112 -23.26 24.91 -5.19
C VAL B 112 -22.70 25.84 -4.11
N GLU B 113 -22.60 25.33 -2.89
CA GLU B 113 -22.16 26.14 -1.77
C GLU B 113 -20.68 26.48 -1.91
N MET B 114 -19.86 25.54 -2.39
CA MET B 114 -18.43 25.75 -2.50
C MET B 114 -18.11 26.72 -3.64
N VAL B 115 -18.81 26.56 -4.76
CA VAL B 115 -18.58 27.32 -5.98
C VAL B 115 -18.83 28.83 -5.78
N LYS B 116 -19.89 29.18 -5.04
CA LYS B 116 -20.19 30.57 -4.71
C LYS B 116 -18.98 31.23 -4.04
N LYS B 117 -18.28 30.48 -3.19
CA LYS B 117 -17.19 31.01 -2.41
C LYS B 117 -16.02 31.40 -3.32
N LEU B 118 -15.89 30.76 -4.49
CA LEU B 118 -14.78 31.00 -5.41
C LEU B 118 -15.02 32.25 -6.27
N VAL B 119 -16.29 32.66 -6.48
CA VAL B 119 -16.64 33.76 -7.39
C VAL B 119 -15.76 34.98 -7.15
N PRO B 120 -15.69 35.55 -5.92
CA PRO B 120 -14.87 36.72 -5.64
C PRO B 120 -13.37 36.55 -5.92
N ILE B 121 -12.85 35.34 -5.64
CA ILE B 121 -11.43 35.06 -5.84
C ILE B 121 -11.13 34.88 -7.32
N THR B 122 -12.04 34.22 -8.06
CA THR B 122 -11.93 34.11 -9.51
C THR B 122 -11.82 35.52 -10.10
N LYS B 123 -12.68 36.44 -9.61
CA LYS B 123 -12.82 37.79 -10.13
C LYS B 123 -11.59 38.63 -9.85
N GLU B 124 -11.00 38.47 -8.64
CA GLU B 124 -9.85 39.26 -8.23
C GLU B 124 -8.54 38.65 -8.73
N LYS B 125 -8.44 37.31 -8.74
CA LYS B 125 -7.17 36.63 -8.94
C LYS B 125 -7.10 35.90 -10.29
N GLY B 126 -8.26 35.54 -10.85
CA GLY B 126 -8.34 34.83 -12.10
C GLY B 126 -8.33 33.31 -11.94
N THR B 127 -8.60 32.82 -10.72
CA THR B 127 -8.58 31.39 -10.40
C THR B 127 -9.68 30.67 -11.17
N ILE B 128 -9.31 29.57 -11.85
CA ILE B 128 -10.19 28.85 -12.77
C ILE B 128 -10.77 27.60 -12.10
N LEU B 129 -12.08 27.40 -12.24
CA LEU B 129 -12.80 26.26 -11.68
C LEU B 129 -12.82 25.08 -12.66
N GLU B 130 -12.46 23.89 -12.14
CA GLU B 130 -12.74 22.58 -12.74
C GLU B 130 -13.69 21.84 -11.81
N LEU B 131 -14.94 21.63 -12.25
CA LEU B 131 -15.92 20.87 -11.51
C LEU B 131 -15.68 19.38 -11.74
N ASN B 132 -15.51 18.62 -10.66
CA ASN B 132 -15.29 17.19 -10.70
C ASN B 132 -16.64 16.47 -10.83
N LEU B 133 -16.87 15.81 -11.97
CA LEU B 133 -18.06 15.00 -12.19
C LEU B 133 -17.70 13.53 -12.32
N SER B 134 -16.53 13.15 -11.78
CA SER B 134 -15.99 11.81 -11.91
C SER B 134 -15.24 11.39 -10.64
N ALA B 135 -15.95 11.33 -9.51
CA ALA B 135 -15.40 10.77 -8.28
C ALA B 135 -15.75 9.28 -8.22
N PRO B 136 -14.79 8.35 -8.45
CA PRO B 136 -15.08 6.93 -8.53
C PRO B 136 -14.77 6.12 -7.28
N ASN B 137 -14.20 6.76 -6.25
CA ASN B 137 -13.66 6.06 -5.08
C ASN B 137 -14.37 6.45 -3.78
N VAL B 138 -15.58 7.02 -3.86
CA VAL B 138 -16.32 7.34 -2.66
C VAL B 138 -17.43 6.30 -2.48
N PRO B 139 -17.34 5.41 -1.45
CA PRO B 139 -18.36 4.40 -1.25
C PRO B 139 -19.75 5.02 -1.18
N GLY B 140 -20.69 4.51 -1.99
CA GLY B 140 -22.09 4.93 -1.93
C GLY B 140 -22.38 6.13 -2.82
N LYS B 141 -21.34 6.75 -3.40
CA LYS B 141 -21.51 7.88 -4.31
C LYS B 141 -21.16 7.46 -5.74
N PRO B 142 -22.10 7.53 -6.72
CA PRO B 142 -21.80 7.21 -8.11
C PRO B 142 -21.02 8.33 -8.81
N GLN B 143 -20.39 7.99 -9.94
CA GLN B 143 -19.79 9.00 -10.81
C GLN B 143 -20.93 9.74 -11.53
N VAL B 144 -21.06 11.04 -11.22
CA VAL B 144 -22.13 11.90 -11.69
C VAL B 144 -22.22 11.90 -13.22
N GLY B 145 -21.06 11.89 -13.88
CA GLY B 145 -20.95 12.01 -15.33
C GLY B 145 -21.54 10.84 -16.13
N TYR B 146 -21.84 9.69 -15.48
CA TYR B 146 -22.50 8.59 -16.16
C TYR B 146 -24.03 8.65 -16.02
N ASP B 147 -24.55 9.69 -15.34
CA ASP B 147 -25.97 9.99 -15.28
C ASP B 147 -26.21 11.39 -15.86
N PHE B 148 -26.75 11.43 -17.08
CA PHE B 148 -26.84 12.66 -17.85
C PHE B 148 -27.89 13.63 -17.27
N ASP B 149 -28.89 13.09 -16.56
CA ASP B 149 -29.86 13.89 -15.83
C ASP B 149 -29.18 14.64 -14.69
N THR B 150 -28.40 13.94 -13.87
CA THR B 150 -27.73 14.53 -12.72
C THR B 150 -26.70 15.55 -13.19
N THR B 151 -25.91 15.19 -14.21
CA THR B 151 -24.93 16.09 -14.80
C THR B 151 -25.61 17.42 -15.15
N ARG B 152 -26.74 17.33 -15.85
CA ARG B 152 -27.48 18.51 -16.27
C ARG B 152 -27.81 19.37 -15.05
N THR B 153 -28.35 18.73 -14.01
CA THR B 153 -28.68 19.40 -12.75
C THR B 153 -27.46 20.15 -12.21
N TYR B 154 -26.28 19.52 -12.19
CA TYR B 154 -25.06 20.08 -11.61
C TYR B 154 -24.58 21.32 -12.39
N LEU B 155 -24.50 21.18 -13.72
CA LEU B 155 -24.14 22.24 -14.66
C LEU B 155 -25.13 23.41 -14.62
N GLN B 156 -26.42 23.11 -14.46
CA GLN B 156 -27.47 24.12 -14.34
C GLN B 156 -27.26 24.94 -13.07
N LYS B 157 -27.14 24.26 -11.93
CA LYS B 157 -27.11 24.89 -10.61
C LYS B 157 -25.77 25.57 -10.36
N VAL B 158 -24.68 25.03 -10.94
CA VAL B 158 -23.33 25.58 -10.77
C VAL B 158 -23.17 26.80 -11.69
N SER B 159 -23.74 26.72 -12.91
CA SER B 159 -23.82 27.85 -13.82
C SER B 159 -24.47 29.07 -13.16
N GLU B 160 -25.56 28.82 -12.43
CA GLU B 160 -26.31 29.86 -11.74
C GLU B 160 -25.54 30.40 -10.53
N ALA B 161 -24.92 29.52 -9.74
CA ALA B 161 -24.29 29.90 -8.49
C ALA B 161 -22.93 30.55 -8.71
N TYR B 162 -22.20 30.16 -9.76
CA TYR B 162 -20.86 30.65 -10.03
C TYR B 162 -20.98 31.78 -11.05
N GLY B 163 -21.62 31.48 -12.19
CA GLY B 163 -21.89 32.46 -13.23
C GLY B 163 -20.63 32.95 -13.94
N LEU B 164 -19.55 32.15 -13.91
CA LEU B 164 -18.33 32.50 -14.62
C LEU B 164 -17.85 31.27 -15.40
N PRO B 165 -16.94 31.44 -16.37
CA PRO B 165 -16.46 30.29 -17.14
C PRO B 165 -15.81 29.24 -16.24
N PHE B 166 -16.24 27.99 -16.37
CA PHE B 166 -15.61 26.87 -15.69
C PHE B 166 -15.54 25.67 -16.64
N GLY B 167 -14.87 24.62 -16.18
CA GLY B 167 -14.80 23.36 -16.90
C GLY B 167 -15.24 22.21 -16.02
N VAL B 168 -15.23 21.00 -16.60
CA VAL B 168 -15.81 19.82 -16.00
C VAL B 168 -14.88 18.63 -16.25
N LYS B 169 -14.56 17.91 -15.18
CA LYS B 169 -13.68 16.75 -15.27
C LYS B 169 -14.57 15.53 -15.46
N MET B 170 -14.55 14.94 -16.66
CA MET B 170 -15.53 13.94 -17.05
C MET B 170 -15.01 12.53 -16.79
N PRO B 171 -15.87 11.54 -16.49
CA PRO B 171 -15.45 10.15 -16.56
C PRO B 171 -15.26 9.76 -18.02
N PRO B 172 -14.46 8.71 -18.32
CA PRO B 172 -14.32 8.24 -19.69
C PRO B 172 -15.58 7.53 -20.16
N TYR B 173 -15.94 7.76 -21.43
CA TYR B 173 -17.07 7.07 -22.05
C TYR B 173 -16.54 6.09 -23.09
N PHE B 174 -17.35 5.05 -23.35
CA PHE B 174 -16.89 3.87 -24.06
C PHE B 174 -17.85 3.52 -25.18
N ASP B 175 -18.71 4.48 -25.54
CA ASP B 175 -19.83 4.24 -26.45
C ASP B 175 -20.21 5.55 -27.14
N ILE B 176 -20.38 5.48 -28.47
CA ILE B 176 -20.67 6.62 -29.31
C ILE B 176 -21.89 7.37 -28.81
N ALA B 177 -22.98 6.62 -28.53
CA ALA B 177 -24.23 7.20 -28.02
C ALA B 177 -23.99 8.04 -26.76
N HIS B 178 -23.03 7.62 -25.92
CA HIS B 178 -22.70 8.33 -24.71
C HIS B 178 -21.98 9.64 -25.02
N PHE B 179 -21.08 9.61 -26.03
CA PHE B 179 -20.42 10.83 -26.48
C PHE B 179 -21.50 11.83 -26.90
N ASP B 180 -22.51 11.35 -27.66
CA ASP B 180 -23.62 12.17 -28.15
C ASP B 180 -24.41 12.79 -27.00
N MET B 181 -24.82 11.97 -26.03
CA MET B 181 -25.63 12.46 -24.91
C MET B 181 -24.81 13.44 -24.06
N ALA B 182 -23.60 13.05 -23.66
CA ALA B 182 -22.68 13.90 -22.91
C ALA B 182 -22.53 15.27 -23.57
N ALA B 183 -22.31 15.29 -24.89
CA ALA B 183 -22.08 16.52 -25.64
C ALA B 183 -23.36 17.36 -25.70
N ALA B 184 -24.51 16.68 -25.81
CA ALA B 184 -25.80 17.34 -25.87
C ALA B 184 -26.07 18.09 -24.56
N VAL B 185 -25.70 17.50 -23.43
CA VAL B 185 -25.84 18.16 -22.14
C VAL B 185 -24.88 19.33 -22.08
N LEU B 186 -23.59 19.08 -22.33
CA LEU B 186 -22.55 20.10 -22.19
C LEU B 186 -22.88 21.30 -23.07
N ASN B 187 -23.38 21.06 -24.29
CA ASN B 187 -23.57 22.14 -25.25
C ASN B 187 -24.76 23.05 -24.87
N ASP B 188 -25.58 22.66 -23.88
CA ASP B 188 -26.63 23.54 -23.38
C ASP B 188 -26.10 24.51 -22.30
N PHE B 189 -24.79 24.50 -22.00
CA PHE B 189 -24.23 25.33 -20.95
C PHE B 189 -23.03 26.11 -21.47
N PRO B 190 -23.23 27.37 -21.92
CA PRO B 190 -22.15 28.16 -22.52
C PRO B 190 -21.05 28.58 -21.56
N LEU B 191 -21.30 28.52 -20.24
CA LEU B 191 -20.29 28.81 -19.22
C LEU B 191 -19.28 27.66 -19.08
N VAL B 192 -19.63 26.47 -19.57
CA VAL B 192 -18.69 25.35 -19.61
C VAL B 192 -17.77 25.57 -20.82
N LYS B 193 -16.57 26.11 -20.56
CA LYS B 193 -15.65 26.52 -21.61
C LYS B 193 -14.61 25.45 -21.90
N PHE B 194 -14.48 24.45 -21.02
CA PHE B 194 -13.54 23.37 -21.25
C PHE B 194 -14.01 22.08 -20.60
N ILE B 195 -13.64 20.97 -21.25
CA ILE B 195 -13.93 19.61 -20.82
C ILE B 195 -12.59 18.90 -20.62
N THR B 196 -12.35 18.37 -19.41
CA THR B 196 -11.16 17.57 -19.18
C THR B 196 -11.53 16.09 -19.34
N CYS B 197 -10.96 15.47 -20.39
CA CYS B 197 -11.05 14.05 -20.70
C CYS B 197 -9.66 13.40 -20.54
N VAL B 198 -9.48 12.45 -19.62
CA VAL B 198 -10.51 11.78 -18.83
C VAL B 198 -10.02 11.58 -17.40
N ASN B 199 -10.96 11.16 -16.55
CA ASN B 199 -10.66 10.67 -15.20
C ASN B 199 -10.16 9.22 -15.29
N SER B 200 -9.79 8.62 -14.14
CA SER B 200 -9.45 7.21 -14.05
C SER B 200 -10.47 6.36 -14.80
N ILE B 201 -10.01 5.27 -15.42
CA ILE B 201 -10.91 4.19 -15.77
C ILE B 201 -11.39 3.59 -14.46
N GLY B 202 -12.67 3.80 -14.15
CA GLY B 202 -13.20 3.54 -12.82
C GLY B 202 -13.28 2.05 -12.46
N ASN B 203 -13.15 1.77 -11.15
CA ASN B 203 -13.49 0.52 -10.48
C ASN B 203 -12.84 -0.70 -11.14
N GLY B 204 -11.52 -0.63 -11.30
CA GLY B 204 -10.71 -1.77 -11.64
C GLY B 204 -10.33 -2.57 -10.40
N LEU B 205 -9.95 -3.84 -10.62
CA LEU B 205 -9.49 -4.75 -9.56
C LEU B 205 -8.12 -5.28 -9.94
N VAL B 206 -7.13 -5.09 -9.06
CA VAL B 206 -5.81 -5.67 -9.27
C VAL B 206 -5.57 -6.73 -8.18
N ILE B 207 -5.14 -7.93 -8.58
CA ILE B 207 -4.93 -9.02 -7.63
C ILE B 207 -3.50 -9.53 -7.73
N ASP B 208 -2.86 -9.78 -6.58
CA ASP B 208 -1.52 -10.34 -6.55
C ASP B 208 -1.62 -11.86 -6.61
N PRO B 209 -1.05 -12.51 -7.66
CA PRO B 209 -1.10 -13.96 -7.81
C PRO B 209 -0.43 -14.72 -6.66
N ALA B 210 0.60 -14.09 -6.07
CA ALA B 210 1.42 -14.70 -5.04
C ALA B 210 0.61 -15.01 -3.78
N ASN B 211 -0.12 -14.00 -3.27
CA ASN B 211 -0.80 -14.10 -1.98
C ASN B 211 -2.32 -14.16 -2.17
N GLU B 212 -2.81 -14.21 -3.42
CA GLU B 212 -4.22 -14.32 -3.79
C GLU B 212 -5.06 -13.17 -3.23
N THR B 213 -4.42 -12.01 -3.01
CA THR B 213 -5.07 -10.93 -2.28
C THR B 213 -5.08 -9.67 -3.15
N VAL B 214 -6.14 -8.87 -3.00
CA VAL B 214 -6.24 -7.57 -3.65
C VAL B 214 -5.11 -6.68 -3.14
N VAL B 215 -4.76 -5.64 -3.90
CA VAL B 215 -3.63 -4.80 -3.58
C VAL B 215 -4.05 -3.53 -2.84
N ILE B 216 -5.36 -3.21 -2.85
CA ILE B 216 -5.89 -2.06 -2.10
C ILE B 216 -7.02 -2.50 -1.17
N LYS B 217 -7.15 -1.81 -0.03
CA LYS B 217 -8.12 -2.13 1.03
C LYS B 217 -9.55 -1.68 0.70
N PRO B 218 -9.82 -0.41 0.31
CA PRO B 218 -11.20 0.05 0.17
C PRO B 218 -12.00 -0.75 -0.86
N LYS B 219 -13.32 -0.84 -0.65
CA LYS B 219 -14.26 -1.36 -1.63
C LYS B 219 -13.82 -2.69 -2.24
N GLN B 220 -13.22 -3.58 -1.45
CA GLN B 220 -12.86 -4.93 -1.86
C GLN B 220 -11.85 -4.94 -3.01
N GLY B 221 -11.00 -3.90 -3.07
CA GLY B 221 -9.86 -3.85 -3.98
C GLY B 221 -10.13 -2.98 -5.20
N PHE B 222 -11.34 -2.42 -5.28
CA PHE B 222 -11.80 -1.74 -6.49
C PHE B 222 -11.37 -0.28 -6.47
N GLY B 223 -10.56 0.10 -7.47
CA GLY B 223 -9.98 1.41 -7.55
C GLY B 223 -9.92 1.90 -8.99
N GLY B 224 -9.83 3.22 -9.17
CA GLY B 224 -9.62 3.81 -10.49
C GLY B 224 -8.20 3.56 -11.00
N LEU B 225 -8.12 3.25 -12.30
CA LEU B 225 -6.90 2.98 -13.02
C LEU B 225 -6.42 4.22 -13.77
N GLY B 226 -5.11 4.50 -13.65
CA GLY B 226 -4.45 5.52 -14.45
C GLY B 226 -3.20 4.94 -15.11
N GLY B 227 -2.49 5.76 -15.90
CA GLY B 227 -1.24 5.37 -16.55
C GLY B 227 -1.49 4.81 -17.96
N LYS B 228 -0.65 3.86 -18.36
CA LYS B 228 -0.66 3.35 -19.73
C LYS B 228 -1.97 2.64 -20.09
N TYR B 229 -2.76 2.23 -19.10
CA TYR B 229 -4.03 1.55 -19.31
C TYR B 229 -5.02 2.42 -20.08
N VAL B 230 -4.87 3.75 -19.95
CA VAL B 230 -5.91 4.74 -20.20
C VAL B 230 -5.67 5.54 -21.49
N LEU B 231 -4.51 5.41 -22.13
CA LEU B 231 -4.15 6.34 -23.20
C LEU B 231 -5.16 6.27 -24.34
N PRO B 232 -5.45 5.09 -24.96
CA PRO B 232 -6.42 5.05 -26.05
C PRO B 232 -7.80 5.58 -25.67
N THR B 233 -8.27 5.28 -24.45
CA THR B 233 -9.53 5.82 -23.94
C THR B 233 -9.49 7.35 -23.93
N ALA B 234 -8.40 7.89 -23.36
CA ALA B 234 -8.24 9.33 -23.19
C ALA B 234 -8.25 10.04 -24.54
N LEU B 235 -7.51 9.53 -25.52
CA LEU B 235 -7.43 10.13 -26.85
C LEU B 235 -8.81 10.14 -27.53
N ALA B 236 -9.55 9.04 -27.40
CA ALA B 236 -10.87 8.87 -27.99
C ALA B 236 -11.84 9.92 -27.45
N ASN B 237 -11.85 10.06 -26.12
CA ASN B 237 -12.70 11.02 -25.44
C ASN B 237 -12.30 12.44 -25.83
N VAL B 238 -10.99 12.75 -25.82
CA VAL B 238 -10.50 14.06 -26.20
C VAL B 238 -10.99 14.41 -27.60
N ASN B 239 -10.78 13.52 -28.58
CA ASN B 239 -11.17 13.77 -29.95
C ASN B 239 -12.70 13.87 -30.07
N ALA B 240 -13.45 12.99 -29.41
CA ALA B 240 -14.91 12.95 -29.56
C ALA B 240 -15.58 14.24 -29.09
N PHE B 241 -15.08 14.81 -27.98
CA PHE B 241 -15.60 16.06 -27.45
C PHE B 241 -15.02 17.26 -28.20
N PHE B 242 -13.78 17.14 -28.69
CA PHE B 242 -13.21 18.13 -29.59
C PHE B 242 -14.14 18.39 -30.78
N ARG B 243 -14.59 17.32 -31.44
CA ARG B 243 -15.48 17.44 -32.60
C ARG B 243 -16.89 17.89 -32.23
N ARG B 244 -17.49 17.35 -31.17
CA ARG B 244 -18.90 17.54 -30.86
C ARG B 244 -19.16 18.84 -30.11
N CYS B 245 -18.11 19.39 -29.48
CA CYS B 245 -18.19 20.62 -28.70
C CYS B 245 -17.22 21.68 -29.21
N PRO B 246 -17.43 22.19 -30.44
CA PRO B 246 -16.49 23.12 -31.06
C PRO B 246 -16.46 24.51 -30.40
N ASP B 247 -17.46 24.80 -29.57
CA ASP B 247 -17.57 26.06 -28.84
C ASP B 247 -16.74 26.01 -27.55
N LYS B 248 -16.17 24.85 -27.26
CA LYS B 248 -15.44 24.57 -26.02
C LYS B 248 -14.00 24.15 -26.30
N LEU B 249 -13.17 24.24 -25.25
CA LEU B 249 -11.85 23.65 -25.23
C LEU B 249 -11.94 22.23 -24.68
N VAL B 250 -10.92 21.42 -24.96
CA VAL B 250 -10.77 20.11 -24.36
C VAL B 250 -9.36 20.04 -23.74
N PHE B 251 -9.29 19.59 -22.49
CA PHE B 251 -8.03 19.29 -21.82
C PHE B 251 -7.86 17.78 -21.80
N GLY B 252 -6.68 17.32 -22.21
CA GLY B 252 -6.36 15.91 -22.24
C GLY B 252 -5.83 15.43 -20.88
N CYS B 253 -6.27 14.23 -20.49
CA CYS B 253 -5.77 13.57 -19.29
C CYS B 253 -5.85 12.05 -19.47
N GLY B 254 -4.69 11.37 -19.34
CA GLY B 254 -4.64 9.92 -19.33
C GLY B 254 -3.41 9.39 -20.08
N GLY B 255 -2.55 8.65 -19.38
CA GLY B 255 -1.50 7.87 -20.00
C GLY B 255 -0.32 8.68 -20.53
N VAL B 256 -0.16 9.92 -20.07
CA VAL B 256 0.94 10.75 -20.51
C VAL B 256 2.17 10.41 -19.68
N TYR B 257 3.21 9.89 -20.35
CA TYR B 257 4.47 9.63 -19.71
C TYR B 257 5.60 10.40 -20.38
N SER B 258 5.35 10.91 -21.58
CA SER B 258 6.39 11.50 -22.41
C SER B 258 5.78 12.53 -23.37
N GLY B 259 6.63 13.21 -24.15
CA GLY B 259 6.18 14.17 -25.13
C GLY B 259 5.34 13.54 -26.25
N GLU B 260 5.68 12.30 -26.61
CA GLU B 260 4.96 11.57 -27.65
C GLU B 260 3.48 11.47 -27.27
N GLU B 261 3.20 11.09 -26.03
CA GLU B 261 1.82 10.97 -25.59
C GLU B 261 1.15 12.34 -25.54
N ALA B 262 1.91 13.38 -25.17
CA ALA B 262 1.39 14.74 -25.09
C ALA B 262 1.05 15.24 -26.50
N PHE B 263 1.91 14.88 -27.45
CA PHE B 263 1.73 15.20 -28.86
C PHE B 263 0.42 14.60 -29.38
N LEU B 264 0.13 13.33 -29.02
CA LEU B 264 -1.06 12.63 -29.47
C LEU B 264 -2.32 13.28 -28.90
N HIS B 265 -2.25 13.68 -27.61
CA HIS B 265 -3.36 14.37 -26.94
C HIS B 265 -3.72 15.65 -27.70
N ILE B 266 -2.69 16.46 -27.99
CA ILE B 266 -2.87 17.75 -28.64
C ILE B 266 -3.37 17.50 -30.05
N LEU B 267 -2.71 16.59 -30.77
CA LEU B 267 -3.17 16.14 -32.09
C LEU B 267 -4.63 15.72 -32.04
N ALA B 268 -5.08 15.11 -30.94
CA ALA B 268 -6.48 14.70 -30.80
C ALA B 268 -7.41 15.88 -30.54
N GLY B 269 -6.88 16.99 -29.97
CA GLY B 269 -7.67 18.21 -29.75
C GLY B 269 -7.36 18.95 -28.44
N ALA B 270 -6.37 18.49 -27.67
CA ALA B 270 -6.16 18.99 -26.31
C ALA B 270 -5.45 20.35 -26.31
N SER B 271 -5.97 21.26 -25.49
CA SER B 271 -5.38 22.56 -25.23
C SER B 271 -4.30 22.46 -24.15
N MET B 272 -4.71 21.94 -22.99
CA MET B 272 -3.83 21.61 -21.88
C MET B 272 -3.76 20.10 -21.71
N VAL B 273 -2.61 19.59 -21.22
CA VAL B 273 -2.34 18.17 -21.02
C VAL B 273 -2.04 17.94 -19.54
N GLN B 274 -2.87 17.11 -18.89
CA GLN B 274 -2.72 16.82 -17.47
C GLN B 274 -1.96 15.50 -17.28
N VAL B 275 -1.12 15.47 -16.25
CA VAL B 275 -0.27 14.33 -15.94
C VAL B 275 -0.57 13.88 -14.52
N GLY B 276 -0.91 12.59 -14.35
CA GLY B 276 -1.25 12.03 -13.05
C GLY B 276 -0.26 10.96 -12.60
N THR B 277 -0.53 9.71 -13.02
CA THR B 277 0.21 8.55 -12.56
C THR B 277 1.71 8.81 -12.71
N ALA B 278 2.15 9.33 -13.86
CA ALA B 278 3.57 9.47 -14.15
C ALA B 278 4.20 10.52 -13.25
N LEU B 279 3.42 11.54 -12.90
CA LEU B 279 3.88 12.61 -12.03
C LEU B 279 4.04 12.08 -10.60
N HIS B 280 3.11 11.21 -10.21
CA HIS B 280 3.16 10.51 -8.93
C HIS B 280 4.43 9.67 -8.77
N ASP B 281 4.82 8.94 -9.84
CA ASP B 281 6.02 8.11 -9.89
C ASP B 281 7.31 8.95 -9.88
N GLU B 282 7.33 10.04 -10.67
CA GLU B 282 8.56 10.73 -11.05
C GLU B 282 8.75 12.03 -10.26
N GLY B 283 7.65 12.67 -9.84
CA GLY B 283 7.72 13.93 -9.14
C GLY B 283 7.70 15.11 -10.11
N PRO B 284 7.57 16.37 -9.62
CA PRO B 284 7.33 17.52 -10.49
C PRO B 284 8.47 17.82 -11.46
N ILE B 285 9.63 17.17 -11.31
CA ILE B 285 10.73 17.30 -12.26
C ILE B 285 10.35 16.75 -13.65
N ILE B 286 9.27 15.96 -13.73
CA ILE B 286 8.81 15.35 -14.99
C ILE B 286 8.46 16.42 -16.02
N PHE B 287 8.01 17.59 -15.55
CA PHE B 287 7.54 18.65 -16.45
C PHE B 287 8.69 19.23 -17.27
N ALA B 288 9.91 19.30 -16.71
CA ALA B 288 11.10 19.71 -17.44
C ALA B 288 11.34 18.77 -18.62
N ARG B 289 11.19 17.47 -18.36
CA ARG B 289 11.37 16.41 -19.34
C ARG B 289 10.31 16.52 -20.45
N LEU B 290 9.04 16.69 -20.05
CA LEU B 290 7.92 16.71 -21.00
C LEU B 290 8.07 17.89 -21.97
N ASN B 291 8.43 19.08 -21.47
CA ASN B 291 8.62 20.25 -22.31
C ASN B 291 9.65 19.93 -23.40
N LYS B 292 10.82 19.42 -22.99
CA LYS B 292 11.93 19.18 -23.89
C LYS B 292 11.56 18.12 -24.93
N GLU B 293 10.88 17.06 -24.51
CA GLU B 293 10.50 15.97 -25.41
C GLU B 293 9.45 16.45 -26.42
N LEU B 294 8.54 17.34 -25.99
CA LEU B 294 7.50 17.86 -26.86
C LEU B 294 8.10 18.85 -27.87
N GLN B 295 9.03 19.71 -27.42
CA GLN B 295 9.84 20.56 -28.30
C GLN B 295 10.56 19.71 -29.35
N GLU B 296 11.12 18.57 -28.91
CA GLU B 296 11.85 17.64 -29.76
C GLU B 296 10.97 17.15 -30.92
N ILE B 297 9.74 16.70 -30.64
CA ILE B 297 8.87 16.13 -31.66
C ILE B 297 8.45 17.21 -32.65
N MET B 298 8.05 18.37 -32.14
CA MET B 298 7.68 19.51 -32.97
C MET B 298 8.83 19.92 -33.90
N THR B 299 10.07 19.93 -33.38
CA THR B 299 11.24 20.31 -34.16
C THR B 299 11.43 19.32 -35.32
N ASN B 300 11.31 18.02 -35.02
CA ASN B 300 11.49 16.97 -36.01
C ASN B 300 10.42 17.03 -37.10
N LYS B 301 9.25 17.58 -36.78
CA LYS B 301 8.11 17.58 -37.68
C LYS B 301 7.92 18.92 -38.38
N GLY B 302 8.59 19.98 -37.89
CA GLY B 302 8.52 21.29 -38.52
C GLY B 302 7.31 22.10 -38.05
N TYR B 303 6.71 21.70 -36.93
CA TYR B 303 5.69 22.50 -36.27
C TYR B 303 6.35 23.59 -35.42
N LYS B 304 5.87 24.83 -35.58
CA LYS B 304 6.39 26.00 -34.86
C LYS B 304 5.53 26.29 -33.62
N THR B 305 4.25 25.90 -33.65
CA THR B 305 3.31 26.10 -32.55
C THR B 305 2.38 24.90 -32.43
N LEU B 306 1.72 24.80 -31.27
CA LEU B 306 0.77 23.75 -30.98
C LEU B 306 -0.48 23.89 -31.84
N ASP B 307 -0.75 25.13 -32.28
CA ASP B 307 -1.95 25.48 -33.04
C ASP B 307 -1.84 24.94 -34.46
N GLU B 308 -0.62 24.67 -34.93
CA GLU B 308 -0.40 24.07 -36.24
C GLU B 308 -1.01 22.68 -36.34
N PHE B 309 -1.08 21.93 -35.21
CA PHE B 309 -1.52 20.54 -35.26
C PHE B 309 -2.65 20.22 -34.26
N ARG B 310 -3.04 21.17 -33.40
CA ARG B 310 -4.05 20.86 -32.38
C ARG B 310 -5.32 20.35 -33.07
N GLY B 311 -5.73 19.14 -32.75
CA GLY B 311 -6.96 18.59 -33.31
C GLY B 311 -6.87 18.28 -34.80
N ARG B 312 -5.66 18.15 -35.36
CA ARG B 312 -5.46 17.91 -36.78
C ARG B 312 -5.12 16.44 -37.06
N VAL B 313 -5.40 15.57 -36.08
CA VAL B 313 -5.36 14.13 -36.30
C VAL B 313 -5.98 13.79 -37.66
N LYS B 314 -5.33 12.89 -38.39
CA LYS B 314 -5.77 12.44 -39.70
C LYS B 314 -6.55 11.13 -39.56
N THR B 315 -7.65 11.01 -40.32
CA THR B 315 -8.44 9.78 -40.41
C THR B 315 -8.23 9.16 -41.80
N MET B 316 -8.77 7.95 -42.01
CA MET B 316 -8.57 7.16 -43.23
C MET B 316 -9.87 7.08 -44.08
N MET C 5 -18.34 -15.36 35.83
CA MET C 5 -17.19 -14.86 35.03
C MET C 5 -17.48 -13.48 34.45
N SER C 6 -16.46 -12.60 34.48
CA SER C 6 -16.58 -11.22 34.05
C SER C 6 -15.28 -10.72 33.42
N LEU C 7 -15.42 -10.00 32.29
CA LEU C 7 -14.32 -9.27 31.68
C LEU C 7 -14.35 -7.81 32.14
N LYS C 8 -15.26 -7.48 33.05
CA LYS C 8 -15.53 -6.10 33.43
C LYS C 8 -14.25 -5.47 33.99
N VAL C 9 -14.03 -4.20 33.62
CA VAL C 9 -13.04 -3.34 34.24
C VAL C 9 -13.79 -2.11 34.75
N ASN C 10 -13.56 -1.75 36.03
CA ASN C 10 -14.17 -0.58 36.67
C ASN C 10 -13.04 0.40 37.03
N ILE C 11 -12.81 1.39 36.15
CA ILE C 11 -11.74 2.38 36.31
C ILE C 11 -12.29 3.75 35.89
N LEU C 12 -11.71 4.81 36.46
CA LEU C 12 -11.99 6.20 36.10
C LEU C 12 -13.49 6.51 36.13
N GLY C 13 -14.23 5.88 37.05
CA GLY C 13 -15.63 6.17 37.28
C GLY C 13 -16.52 5.71 36.12
N HIS C 14 -16.15 4.56 35.54
CA HIS C 14 -16.84 3.94 34.42
C HIS C 14 -16.80 2.43 34.59
N GLU C 15 -17.85 1.74 34.12
CA GLU C 15 -17.85 0.28 34.01
C GLU C 15 -17.67 -0.12 32.54
N PHE C 16 -16.48 -0.66 32.18
CA PHE C 16 -16.21 -1.19 30.85
C PHE C 16 -16.65 -2.66 30.80
N SER C 17 -17.38 -3.05 29.74
CA SER C 17 -17.91 -4.42 29.58
C SER C 17 -16.78 -5.43 29.50
N ASN C 18 -15.66 -5.01 28.90
CA ASN C 18 -14.46 -5.82 28.71
C ASN C 18 -13.27 -4.87 28.55
N PRO C 19 -12.00 -5.36 28.63
CA PRO C 19 -10.84 -4.48 28.67
C PRO C 19 -10.28 -4.04 27.32
N PHE C 20 -11.00 -4.39 26.23
CA PHE C 20 -10.52 -4.20 24.87
C PHE C 20 -11.06 -2.90 24.27
N MET C 21 -10.18 -2.23 23.52
CA MET C 21 -10.50 -1.06 22.71
C MET C 21 -9.51 -1.01 21.54
N ASN C 22 -9.79 -0.14 20.56
CA ASN C 22 -8.87 0.12 19.45
C ASN C 22 -7.66 0.90 19.96
N ALA C 23 -6.53 0.73 19.26
CA ALA C 23 -5.38 1.60 19.40
C ALA C 23 -5.67 2.91 18.66
N ALA C 24 -5.21 4.04 19.21
CA ALA C 24 -5.33 5.32 18.55
C ALA C 24 -4.76 5.19 17.13
N GLY C 25 -5.51 5.71 16.14
CA GLY C 25 -5.10 5.70 14.74
C GLY C 25 -5.74 4.59 13.92
N VAL C 26 -6.34 3.57 14.55
CA VAL C 26 -6.91 2.43 13.83
C VAL C 26 -8.43 2.42 14.02
N LEU C 27 -9.15 2.40 12.88
CA LEU C 27 -10.60 2.43 12.80
C LEU C 27 -11.17 3.49 13.75
N CYS C 28 -10.70 4.75 13.61
CA CYS C 28 -11.17 5.82 14.51
C CYS C 28 -11.02 7.24 13.95
N THR C 29 -10.89 7.43 12.63
CA THR C 29 -10.61 8.75 12.06
C THR C 29 -11.91 9.45 11.66
N THR C 30 -12.87 8.70 11.08
CA THR C 30 -14.13 9.21 10.53
C THR C 30 -15.29 8.81 11.44
N GLU C 31 -16.45 9.44 11.19
CA GLU C 31 -17.69 9.12 11.89
C GLU C 31 -18.11 7.67 11.63
N GLU C 32 -17.84 7.17 10.42
CA GLU C 32 -18.06 5.78 10.06
C GLU C 32 -17.17 4.86 10.91
N ASP C 33 -15.88 5.20 10.98
CA ASP C 33 -14.92 4.46 11.79
C ASP C 33 -15.43 4.32 13.23
N LEU C 34 -15.81 5.45 13.85
CA LEU C 34 -16.16 5.52 15.27
C LEU C 34 -17.47 4.78 15.54
N ARG C 35 -18.42 4.86 14.58
CA ARG C 35 -19.68 4.14 14.67
C ARG C 35 -19.42 2.64 14.71
N ARG C 36 -18.57 2.14 13.80
CA ARG C 36 -18.32 0.72 13.66
C ARG C 36 -17.68 0.15 14.92
N MET C 37 -16.82 0.97 15.56
CA MET C 37 -16.17 0.64 16.83
C MET C 37 -17.20 0.63 17.97
N THR C 38 -18.14 1.58 17.95
CA THR C 38 -19.23 1.64 18.93
C THR C 38 -20.18 0.46 18.74
N GLU C 39 -20.47 0.08 17.49
CA GLU C 39 -21.33 -1.07 17.20
C GLU C 39 -20.63 -2.38 17.54
N SER C 40 -19.30 -2.33 17.72
CA SER C 40 -18.49 -3.53 17.93
C SER C 40 -18.63 -4.02 19.37
N GLU C 41 -18.01 -5.18 19.65
CA GLU C 41 -18.02 -5.78 20.99
C GLU C 41 -16.91 -5.21 21.88
N SER C 42 -16.18 -4.18 21.41
CA SER C 42 -15.14 -3.55 22.22
C SER C 42 -15.77 -2.96 23.48
N GLY C 43 -14.99 -2.92 24.57
CA GLY C 43 -15.43 -2.31 25.81
C GLY C 43 -15.24 -0.79 25.81
N SER C 44 -14.37 -0.29 24.93
CA SER C 44 -14.29 1.13 24.67
C SER C 44 -13.72 1.37 23.27
N LEU C 45 -13.44 2.65 22.98
CA LEU C 45 -12.85 3.13 21.73
C LEU C 45 -12.16 4.48 21.98
N ILE C 46 -11.20 4.84 21.11
CA ILE C 46 -10.48 6.10 21.19
C ILE C 46 -10.44 6.76 19.80
N GLY C 47 -10.66 8.08 19.75
CA GLY C 47 -10.59 8.85 18.51
C GLY C 47 -9.17 9.00 18.00
N LYS C 48 -9.03 9.26 16.69
CA LYS C 48 -7.75 9.45 16.02
C LYS C 48 -7.01 10.63 16.66
N SER C 49 -5.73 10.42 16.97
CA SER C 49 -4.82 11.48 17.41
C SER C 49 -5.07 12.71 16.54
N CYS C 50 -5.62 13.79 17.13
CA CYS C 50 -6.06 14.92 16.34
C CYS C 50 -5.17 16.15 16.56
N THR C 51 -5.39 17.15 15.70
CA THR C 51 -4.68 18.42 15.73
C THR C 51 -5.73 19.54 15.66
N LEU C 52 -5.32 20.79 15.81
CA LEU C 52 -6.24 21.92 15.91
C LEU C 52 -6.94 22.10 14.57
N ALA C 53 -6.13 22.17 13.49
CA ALA C 53 -6.60 22.20 12.11
C ALA C 53 -6.56 20.79 11.52
N PRO C 54 -7.43 20.48 10.52
CA PRO C 54 -7.40 19.17 9.88
C PRO C 54 -6.05 18.87 9.23
N ARG C 55 -5.77 17.59 9.01
CA ARG C 55 -4.57 17.15 8.31
C ARG C 55 -4.97 16.05 7.32
N THR C 56 -4.27 15.97 6.17
CA THR C 56 -4.49 14.91 5.20
C THR C 56 -3.42 13.84 5.36
N GLY C 57 -2.31 14.19 5.99
CA GLY C 57 -1.27 13.22 6.30
C GLY C 57 -0.21 13.16 5.21
N ASN C 58 0.54 12.06 5.22
CA ASN C 58 1.69 11.86 4.34
C ASN C 58 1.23 11.31 2.98
N PRO C 59 2.09 11.36 1.93
CA PRO C 59 1.77 10.77 0.63
C PRO C 59 1.81 9.25 0.59
N GLU C 60 1.24 8.66 -0.48
CA GLU C 60 1.09 7.22 -0.61
C GLU C 60 2.23 6.59 -1.39
N PRO C 61 2.67 5.33 -1.13
CA PRO C 61 2.16 4.49 -0.03
C PRO C 61 2.72 4.88 1.34
N ARG C 62 1.85 4.86 2.37
CA ARG C 62 2.22 5.21 3.74
C ARG C 62 1.91 4.08 4.71
N TYR C 63 1.50 2.91 4.19
CA TYR C 63 1.14 1.78 5.04
C TYR C 63 1.38 0.48 4.28
N PHE C 64 2.12 -0.44 4.91
CA PHE C 64 2.38 -1.73 4.31
C PHE C 64 2.16 -2.79 5.37
N GLY C 65 1.20 -3.69 5.09
CA GLY C 65 0.96 -4.87 5.91
C GLY C 65 2.11 -5.86 5.76
N LEU C 66 2.52 -6.47 6.87
CA LEU C 66 3.67 -7.36 6.92
C LEU C 66 3.23 -8.69 7.50
N PRO C 67 3.97 -9.79 7.22
CA PRO C 67 3.73 -11.06 7.91
C PRO C 67 3.69 -10.92 9.43
N LEU C 68 4.65 -10.16 9.99
CA LEU C 68 4.82 -10.04 11.42
C LEU C 68 4.10 -8.82 11.98
N GLY C 69 3.48 -7.99 11.14
CA GLY C 69 2.70 -6.87 11.65
C GLY C 69 2.46 -5.79 10.59
N SER C 70 3.02 -4.59 10.84
CA SER C 70 2.70 -3.44 10.01
C SER C 70 3.85 -2.44 10.05
N ILE C 71 3.98 -1.65 8.96
CA ILE C 71 4.81 -0.45 8.97
C ILE C 71 3.95 0.72 8.49
N ASN C 72 4.06 1.89 9.12
CA ASN C 72 3.21 3.02 8.75
C ASN C 72 3.96 4.33 8.95
N SER C 73 3.65 5.29 8.07
CA SER C 73 4.00 6.69 8.25
C SER C 73 2.78 7.55 7.88
N MET C 74 1.69 7.43 8.65
CA MET C 74 0.40 8.01 8.27
C MET C 74 0.51 9.52 8.16
N GLY C 75 1.09 10.16 9.20
CA GLY C 75 1.28 11.61 9.25
C GLY C 75 0.14 12.36 9.96
N LEU C 76 -0.50 11.70 10.94
CA LEU C 76 -1.56 12.29 11.74
C LEU C 76 -2.70 12.81 10.86
N PRO C 77 -3.20 12.01 9.89
CA PRO C 77 -4.41 12.38 9.16
C PRO C 77 -5.61 12.48 10.09
N ASN C 78 -6.22 13.66 10.21
CA ASN C 78 -7.33 13.84 11.14
C ASN C 78 -8.27 14.93 10.61
N LEU C 79 -9.54 14.87 11.07
CA LEU C 79 -10.60 15.78 10.64
C LEU C 79 -10.57 17.08 11.44
N GLY C 80 -9.57 17.25 12.31
CA GLY C 80 -9.45 18.43 13.16
C GLY C 80 -10.20 18.24 14.48
N VAL C 81 -9.75 18.94 15.53
CA VAL C 81 -10.23 18.73 16.89
C VAL C 81 -11.74 18.97 16.97
N ASP C 82 -12.25 19.99 16.25
CA ASP C 82 -13.67 20.32 16.28
C ASP C 82 -14.51 19.09 15.92
N PHE C 83 -14.11 18.33 14.89
CA PHE C 83 -14.84 17.14 14.48
C PHE C 83 -14.97 16.13 15.62
N TYR C 84 -13.86 15.82 16.32
CA TYR C 84 -13.83 14.76 17.30
C TYR C 84 -14.61 15.16 18.56
N LEU C 85 -14.46 16.40 19.05
CA LEU C 85 -15.11 16.76 20.30
C LEU C 85 -16.58 17.14 20.06
N SER C 86 -16.94 17.34 18.79
CA SER C 86 -18.35 17.40 18.37
C SER C 86 -18.95 16.00 18.35
N TYR C 87 -18.15 15.01 17.95
CA TYR C 87 -18.54 13.61 17.99
C TYR C 87 -18.79 13.16 19.44
N ALA C 88 -17.90 13.61 20.34
CA ALA C 88 -17.94 13.29 21.75
C ALA C 88 -19.14 13.94 22.42
N ALA C 89 -19.52 15.16 21.97
CA ALA C 89 -20.57 15.94 22.57
C ALA C 89 -21.98 15.51 22.10
N GLN C 90 -22.12 15.15 20.79
CA GLN C 90 -23.43 15.02 20.17
C GLN C 90 -23.68 13.61 19.60
N THR C 91 -22.72 13.04 18.87
CA THR C 91 -22.94 11.82 18.08
C THR C 91 -22.84 10.57 18.96
N HIS C 92 -21.75 10.46 19.75
CA HIS C 92 -21.41 9.20 20.40
C HIS C 92 -22.52 8.81 21.37
N ASP C 93 -22.82 7.49 21.37
CA ASP C 93 -23.75 6.84 22.29
C ASP C 93 -22.98 6.28 23.49
N TYR C 94 -23.04 7.01 24.62
CA TYR C 94 -22.33 6.66 25.85
C TYR C 94 -22.98 5.46 26.54
N SER C 95 -24.26 5.20 26.23
CA SER C 95 -24.97 4.02 26.71
C SER C 95 -24.31 2.72 26.21
N ARG C 96 -23.69 2.75 25.01
CA ARG C 96 -22.96 1.58 24.50
C ARG C 96 -21.66 1.39 25.29
N LYS C 97 -20.82 2.44 25.35
CA LYS C 97 -19.52 2.32 25.98
C LYS C 97 -18.89 3.71 26.14
N PRO C 98 -17.96 3.89 27.12
CA PRO C 98 -17.21 5.15 27.24
C PRO C 98 -16.33 5.49 26.03
N LEU C 99 -16.09 6.79 25.83
CA LEU C 99 -15.30 7.31 24.73
C LEU C 99 -14.01 7.96 25.24
N PHE C 100 -12.89 7.57 24.61
CA PHE C 100 -11.62 8.25 24.74
C PHE C 100 -11.39 9.10 23.50
N LEU C 101 -10.63 10.20 23.66
CA LEU C 101 -10.12 10.98 22.54
C LEU C 101 -8.61 11.11 22.71
N SER C 102 -7.87 10.84 21.62
CA SER C 102 -6.45 11.16 21.54
C SER C 102 -6.28 12.56 21.00
N MET C 103 -5.52 13.39 21.72
CA MET C 103 -5.23 14.76 21.31
C MET C 103 -3.72 14.92 21.09
N SER C 104 -3.36 15.31 19.87
CA SER C 104 -1.99 15.18 19.40
C SER C 104 -1.48 16.48 18.80
N GLY C 105 -1.66 17.58 19.53
CA GLY C 105 -1.02 18.84 19.16
C GLY C 105 0.46 18.62 18.89
N LEU C 106 1.00 19.36 17.93
CA LEU C 106 2.40 19.21 17.53
C LEU C 106 3.27 20.23 18.25
N SER C 107 2.69 20.87 19.26
CA SER C 107 3.38 21.74 20.20
C SER C 107 2.52 21.81 21.47
N VAL C 108 3.11 22.29 22.58
CA VAL C 108 2.42 22.34 23.87
C VAL C 108 1.23 23.32 23.75
N GLU C 109 1.46 24.50 23.17
CA GLU C 109 0.44 25.52 22.96
C GLU C 109 -0.76 24.94 22.20
N GLU C 110 -0.51 24.23 21.08
CA GLU C 110 -1.58 23.64 20.27
C GLU C 110 -2.40 22.68 21.14
N SER C 111 -1.71 21.83 21.91
CA SER C 111 -2.40 20.78 22.65
C SER C 111 -3.06 21.35 23.90
N VAL C 112 -2.51 22.44 24.47
CA VAL C 112 -3.17 23.20 25.53
C VAL C 112 -4.50 23.74 25.02
N GLU C 113 -4.51 24.32 23.81
CA GLU C 113 -5.70 24.94 23.24
C GLU C 113 -6.79 23.88 23.08
N MET C 114 -6.40 22.69 22.62
CA MET C 114 -7.34 21.63 22.29
C MET C 114 -7.99 21.10 23.58
N VAL C 115 -7.15 20.99 24.61
CA VAL C 115 -7.50 20.33 25.86
C VAL C 115 -8.50 21.18 26.64
N LYS C 116 -8.29 22.50 26.61
CA LYS C 116 -9.23 23.46 27.19
C LYS C 116 -10.62 23.29 26.59
N LYS C 117 -10.69 22.99 25.28
CA LYS C 117 -11.97 22.81 24.57
C LYS C 117 -12.72 21.53 25.01
N LEU C 118 -11.99 20.53 25.51
CA LEU C 118 -12.58 19.25 25.90
C LEU C 118 -13.17 19.29 27.32
N VAL C 119 -12.57 20.10 28.21
CA VAL C 119 -13.00 20.22 29.60
C VAL C 119 -14.53 20.10 29.72
N PRO C 120 -15.34 21.03 29.15
CA PRO C 120 -16.78 20.99 29.35
C PRO C 120 -17.47 19.71 28.90
N ILE C 121 -16.90 19.05 27.87
CA ILE C 121 -17.47 17.84 27.30
C ILE C 121 -17.19 16.65 28.23
N THR C 122 -16.00 16.63 28.88
CA THR C 122 -15.64 15.59 29.83
C THR C 122 -16.62 15.59 31.01
N LYS C 123 -16.92 16.76 31.58
CA LYS C 123 -17.76 16.83 32.76
C LYS C 123 -19.23 16.64 32.37
N GLU C 124 -19.59 17.06 31.16
CA GLU C 124 -20.91 16.78 30.61
C GLU C 124 -21.04 15.30 30.25
N LYS C 125 -20.04 14.71 29.54
CA LYS C 125 -20.23 13.40 28.93
C LYS C 125 -19.34 12.29 29.50
N GLY C 126 -18.28 12.66 30.21
CA GLY C 126 -17.34 11.68 30.75
C GLY C 126 -16.27 11.26 29.74
N THR C 127 -16.12 12.03 28.65
CA THR C 127 -15.12 11.71 27.64
C THR C 127 -13.72 11.77 28.29
N ILE C 128 -12.88 10.78 27.97
CA ILE C 128 -11.58 10.61 28.58
C ILE C 128 -10.48 11.02 27.59
N LEU C 129 -9.50 11.78 28.06
CA LEU C 129 -8.38 12.28 27.27
C LEU C 129 -7.18 11.33 27.36
N GLU C 130 -6.62 10.99 26.18
CA GLU C 130 -5.30 10.37 26.05
C GLU C 130 -4.39 11.36 25.31
N LEU C 131 -3.44 11.96 26.03
CA LEU C 131 -2.51 12.92 25.45
C LEU C 131 -1.45 12.18 24.64
N ASN C 132 -1.33 12.47 23.34
CA ASN C 132 -0.39 11.74 22.49
C ASN C 132 1.01 12.34 22.62
N LEU C 133 1.93 11.64 23.29
CA LEU C 133 3.33 12.06 23.43
C LEU C 133 4.27 11.17 22.60
N SER C 134 3.74 10.52 21.55
CA SER C 134 4.52 9.57 20.76
C SER C 134 4.11 9.61 19.28
N ALA C 135 4.40 10.75 18.65
CA ALA C 135 4.07 10.99 17.24
C ALA C 135 5.35 10.86 16.41
N PRO C 136 5.58 9.67 15.79
CA PRO C 136 6.89 9.32 15.25
C PRO C 136 7.06 9.51 13.74
N ASN C 137 5.98 9.93 13.05
CA ASN C 137 5.89 9.92 11.60
C ASN C 137 5.62 11.32 11.03
N VAL C 138 5.89 12.37 11.82
CA VAL C 138 5.70 13.73 11.34
C VAL C 138 7.07 14.32 11.07
N PRO C 139 7.48 14.46 9.79
CA PRO C 139 8.82 14.92 9.45
C PRO C 139 9.17 16.22 10.17
N GLY C 140 10.30 16.22 10.88
CA GLY C 140 10.83 17.41 11.54
C GLY C 140 10.40 17.53 12.99
N LYS C 141 9.46 16.67 13.44
CA LYS C 141 8.97 16.63 14.81
C LYS C 141 9.50 15.40 15.55
N PRO C 142 10.35 15.55 16.60
CA PRO C 142 10.75 14.41 17.42
C PRO C 142 9.62 13.93 18.35
N GLN C 143 9.67 12.63 18.71
CA GLN C 143 8.74 12.04 19.65
C GLN C 143 8.99 12.64 21.03
N VAL C 144 7.99 13.37 21.55
CA VAL C 144 8.08 14.16 22.77
C VAL C 144 8.51 13.30 23.96
N GLY C 145 7.91 12.10 24.05
CA GLY C 145 8.18 11.13 25.12
C GLY C 145 9.65 10.74 25.29
N TYR C 146 10.49 11.01 24.29
CA TYR C 146 11.92 10.73 24.37
C TYR C 146 12.70 11.94 24.89
N ASP C 147 12.02 13.09 25.07
CA ASP C 147 12.61 14.28 25.69
C ASP C 147 11.93 14.54 27.03
N PHE C 148 12.63 14.32 28.15
CA PHE C 148 12.00 14.30 29.46
C PHE C 148 11.69 15.72 29.95
N ASP C 149 12.47 16.73 29.53
CA ASP C 149 12.15 18.13 29.83
C ASP C 149 10.89 18.57 29.09
N THR C 150 10.80 18.24 27.79
CA THR C 150 9.64 18.61 26.99
C THR C 150 8.41 17.86 27.52
N THR C 151 8.58 16.58 27.86
CA THR C 151 7.50 15.78 28.42
C THR C 151 6.94 16.46 29.68
N ARG C 152 7.85 16.91 30.57
CA ARG C 152 7.47 17.55 31.83
C ARG C 152 6.64 18.80 31.58
N THR C 153 6.93 19.50 30.48
CA THR C 153 6.26 20.75 30.14
C THR C 153 4.85 20.45 29.63
N TYR C 154 4.71 19.42 28.79
CA TYR C 154 3.40 19.02 28.28
C TYR C 154 2.48 18.72 29.47
N LEU C 155 3.01 17.97 30.44
CA LEU C 155 2.26 17.46 31.59
C LEU C 155 1.89 18.58 32.58
N GLN C 156 2.80 19.53 32.83
CA GLN C 156 2.49 20.70 33.65
C GLN C 156 1.34 21.47 32.99
N LYS C 157 1.51 21.81 31.72
CA LYS C 157 0.61 22.73 31.03
C LYS C 157 -0.76 22.10 30.83
N VAL C 158 -0.81 20.79 30.55
CA VAL C 158 -2.08 20.11 30.29
C VAL C 158 -2.79 19.87 31.62
N SER C 159 -2.04 19.46 32.65
CA SER C 159 -2.54 19.38 34.01
C SER C 159 -3.25 20.67 34.42
N GLU C 160 -2.59 21.82 34.21
CA GLU C 160 -3.08 23.15 34.53
C GLU C 160 -4.35 23.45 33.73
N ALA C 161 -4.27 23.26 32.40
CA ALA C 161 -5.30 23.65 31.47
C ALA C 161 -6.56 22.79 31.61
N TYR C 162 -6.36 21.46 31.72
CA TYR C 162 -7.44 20.48 31.67
C TYR C 162 -7.99 20.21 33.07
N GLY C 163 -7.09 19.96 34.02
CA GLY C 163 -7.43 19.94 35.45
C GLY C 163 -8.30 18.75 35.88
N LEU C 164 -8.41 17.72 35.04
CA LEU C 164 -9.15 16.49 35.32
C LEU C 164 -8.26 15.29 35.01
N PRO C 165 -8.50 14.10 35.61
CA PRO C 165 -7.75 12.90 35.27
C PRO C 165 -7.70 12.64 33.76
N PHE C 166 -6.49 12.37 33.24
CA PHE C 166 -6.25 12.02 31.86
C PHE C 166 -5.08 11.03 31.79
N GLY C 167 -4.76 10.57 30.57
CA GLY C 167 -3.70 9.59 30.36
C GLY C 167 -2.72 10.05 29.28
N VAL C 168 -1.62 9.29 29.12
CA VAL C 168 -0.58 9.63 28.17
C VAL C 168 -0.24 8.39 27.32
N LYS C 169 -0.12 8.58 26.01
CA LYS C 169 0.34 7.52 25.11
C LYS C 169 1.85 7.68 24.94
N MET C 170 2.63 6.75 25.51
CA MET C 170 4.08 6.89 25.54
C MET C 170 4.72 6.09 24.39
N PRO C 171 5.93 6.51 23.95
CA PRO C 171 6.71 5.70 23.04
C PRO C 171 7.37 4.58 23.84
N PRO C 172 7.71 3.43 23.23
CA PRO C 172 8.40 2.37 23.98
C PRO C 172 9.78 2.83 24.44
N TYR C 173 10.20 2.41 25.64
CA TYR C 173 11.56 2.62 26.12
C TYR C 173 12.29 1.26 26.13
N PHE C 174 13.62 1.31 26.02
CA PHE C 174 14.47 0.13 25.86
C PHE C 174 15.64 0.12 26.84
N ASP C 175 15.60 1.01 27.85
CA ASP C 175 16.62 1.15 28.88
C ASP C 175 15.94 1.30 30.24
N ILE C 176 16.49 0.66 31.29
CA ILE C 176 16.02 0.80 32.66
C ILE C 176 16.06 2.27 33.10
N ALA C 177 17.14 2.99 32.77
CA ALA C 177 17.29 4.38 33.19
C ALA C 177 16.19 5.25 32.57
N HIS C 178 15.72 4.86 31.38
CA HIS C 178 14.65 5.57 30.70
C HIS C 178 13.30 5.30 31.37
N PHE C 179 13.06 4.09 31.87
CA PHE C 179 11.88 3.82 32.69
C PHE C 179 11.91 4.72 33.92
N ASP C 180 13.05 4.73 34.62
CA ASP C 180 13.27 5.51 35.82
C ASP C 180 13.01 6.99 35.55
N MET C 181 13.66 7.52 34.49
CA MET C 181 13.50 8.92 34.11
C MET C 181 12.04 9.21 33.75
N ALA C 182 11.42 8.29 32.98
CA ALA C 182 10.06 8.50 32.49
C ALA C 182 9.07 8.54 33.65
N ALA C 183 9.28 7.65 34.64
CA ALA C 183 8.41 7.51 35.80
C ALA C 183 8.60 8.68 36.78
N ALA C 184 9.84 9.16 36.93
CA ALA C 184 10.12 10.30 37.81
C ALA C 184 9.35 11.54 37.34
N VAL C 185 9.18 11.66 36.01
CA VAL C 185 8.42 12.74 35.40
C VAL C 185 6.93 12.47 35.59
N LEU C 186 6.47 11.30 35.12
CA LEU C 186 5.07 10.92 35.16
C LEU C 186 4.52 11.05 36.58
N ASN C 187 5.32 10.60 37.57
CA ASN C 187 4.87 10.46 38.96
C ASN C 187 4.74 11.82 39.64
N ASP C 188 5.29 12.89 39.05
CA ASP C 188 5.10 14.24 39.57
C ASP C 188 3.75 14.86 39.22
N PHE C 189 2.88 14.14 38.49
CA PHE C 189 1.62 14.68 38.00
C PHE C 189 0.47 13.75 38.38
N PRO C 190 -0.15 13.97 39.57
CA PRO C 190 -1.22 13.11 40.06
C PRO C 190 -2.43 13.01 39.12
N LEU C 191 -2.63 14.03 38.27
CA LEU C 191 -3.72 14.02 37.31
C LEU C 191 -3.46 13.07 36.12
N VAL C 192 -2.23 12.55 35.98
CA VAL C 192 -1.94 11.52 34.99
C VAL C 192 -2.36 10.20 35.62
N LYS C 193 -3.57 9.76 35.28
CA LYS C 193 -4.18 8.61 35.93
C LYS C 193 -3.88 7.33 35.14
N PHE C 194 -3.52 7.42 33.85
CA PHE C 194 -3.16 6.22 33.13
C PHE C 194 -2.06 6.47 32.09
N ILE C 195 -1.33 5.39 31.83
CA ILE C 195 -0.21 5.37 30.88
C ILE C 195 -0.51 4.27 29.87
N THR C 196 -0.59 4.63 28.57
CA THR C 196 -0.72 3.65 27.50
C THR C 196 0.67 3.31 26.97
N CYS C 197 1.09 2.08 27.27
CA CYS C 197 2.30 1.44 26.76
C CYS C 197 1.89 0.34 25.77
N VAL C 198 2.35 0.38 24.51
CA VAL C 198 3.26 1.37 23.97
C VAL C 198 2.78 1.80 22.58
N ASN C 199 3.40 2.87 22.08
CA ASN C 199 3.25 3.28 20.69
C ASN C 199 4.10 2.37 19.79
N SER C 200 3.99 2.60 18.47
CA SER C 200 4.83 1.96 17.47
C SER C 200 6.30 1.93 17.89
N ILE C 201 7.01 0.88 17.48
CA ILE C 201 8.46 0.93 17.50
C ILE C 201 8.86 1.82 16.32
N GLY C 202 9.29 3.04 16.63
CA GLY C 202 9.36 4.11 15.65
C GLY C 202 10.53 3.92 14.69
N ASN C 203 10.30 4.33 13.43
CA ASN C 203 11.35 4.58 12.45
C ASN C 203 12.06 3.28 12.13
N GLY C 204 11.26 2.25 11.82
CA GLY C 204 11.77 1.02 11.24
C GLY C 204 11.83 1.15 9.72
N LEU C 205 12.51 0.21 9.05
CA LEU C 205 12.64 0.22 7.59
C LEU C 205 12.43 -1.18 7.01
N VAL C 206 11.47 -1.28 6.08
CA VAL C 206 11.19 -2.54 5.39
C VAL C 206 11.60 -2.33 3.93
N ILE C 207 12.36 -3.27 3.38
CA ILE C 207 12.82 -3.20 1.99
C ILE C 207 12.32 -4.46 1.29
N ASP C 208 11.70 -4.29 0.11
CA ASP C 208 11.30 -5.42 -0.73
C ASP C 208 12.53 -5.88 -1.51
N PRO C 209 13.05 -7.11 -1.28
CA PRO C 209 14.29 -7.55 -1.91
C PRO C 209 14.20 -7.72 -3.43
N ALA C 210 13.00 -8.08 -3.93
CA ALA C 210 12.73 -8.25 -5.34
C ALA C 210 13.11 -6.99 -6.13
N ASN C 211 12.57 -5.83 -5.73
CA ASN C 211 12.75 -4.59 -6.48
C ASN C 211 13.70 -3.62 -5.78
N GLU C 212 14.27 -4.04 -4.63
CA GLU C 212 15.31 -3.30 -3.94
C GLU C 212 14.82 -1.91 -3.53
N THR C 213 13.50 -1.78 -3.35
CA THR C 213 12.85 -0.52 -3.00
C THR C 213 12.18 -0.66 -1.64
N VAL C 214 12.20 0.44 -0.87
CA VAL C 214 11.47 0.57 0.38
C VAL C 214 9.98 0.43 0.09
N VAL C 215 9.16 0.10 1.10
CA VAL C 215 7.77 -0.23 0.84
C VAL C 215 6.84 0.95 1.11
N ILE C 216 7.33 2.00 1.79
CA ILE C 216 6.53 3.20 2.01
C ILE C 216 7.30 4.41 1.48
N LYS C 217 6.56 5.45 1.10
CA LYS C 217 7.09 6.62 0.38
C LYS C 217 7.71 7.64 1.33
N PRO C 218 7.03 8.09 2.42
CA PRO C 218 7.57 9.16 3.26
C PRO C 218 8.85 8.77 4.00
N LYS C 219 9.70 9.77 4.27
CA LYS C 219 10.90 9.65 5.10
C LYS C 219 11.81 8.50 4.65
N GLN C 220 11.94 8.31 3.33
CA GLN C 220 12.86 7.34 2.74
C GLN C 220 12.54 5.92 3.21
N GLY C 221 11.25 5.69 3.52
CA GLY C 221 10.75 4.37 3.88
C GLY C 221 10.61 4.14 5.39
N PHE C 222 10.94 5.13 6.22
CA PHE C 222 11.00 4.96 7.67
C PHE C 222 9.61 5.16 8.29
N GLY C 223 9.14 4.15 9.05
CA GLY C 223 7.82 4.18 9.64
C GLY C 223 7.74 3.37 10.94
N GLY C 224 6.63 3.56 11.66
CA GLY C 224 6.39 2.87 12.92
C GLY C 224 6.01 1.40 12.69
N LEU C 225 6.58 0.52 13.52
CA LEU C 225 6.32 -0.90 13.49
C LEU C 225 5.26 -1.25 14.53
N GLY C 226 4.28 -2.06 14.10
CA GLY C 226 3.24 -2.59 14.97
C GLY C 226 3.13 -4.11 14.81
N GLY C 227 2.29 -4.75 15.62
CA GLY C 227 2.00 -6.17 15.50
C GLY C 227 2.96 -7.02 16.32
N LYS C 228 3.31 -8.19 15.78
CA LYS C 228 4.03 -9.22 16.51
C LYS C 228 5.43 -8.75 16.89
N TYR C 229 5.99 -7.78 16.17
CA TYR C 229 7.30 -7.21 16.47
C TYR C 229 7.34 -6.57 17.87
N VAL C 230 6.18 -6.20 18.42
CA VAL C 230 6.09 -5.21 19.50
C VAL C 230 5.78 -5.85 20.86
N LEU C 231 5.26 -7.08 20.88
CA LEU C 231 4.68 -7.66 22.09
C LEU C 231 5.68 -7.64 23.25
N PRO C 232 6.90 -8.22 23.12
CA PRO C 232 7.87 -8.17 24.21
C PRO C 232 8.23 -6.78 24.71
N THR C 233 8.26 -5.79 23.81
CA THR C 233 8.52 -4.41 24.20
C THR C 233 7.31 -3.87 24.96
N ALA C 234 6.10 -4.17 24.45
CA ALA C 234 4.86 -3.73 25.08
C ALA C 234 4.75 -4.25 26.52
N LEU C 235 4.95 -5.57 26.70
CA LEU C 235 4.87 -6.22 28.01
C LEU C 235 5.90 -5.62 28.98
N ALA C 236 7.13 -5.42 28.51
CA ALA C 236 8.18 -4.84 29.33
C ALA C 236 7.75 -3.47 29.84
N ASN C 237 7.23 -2.62 28.94
CA ASN C 237 6.89 -1.24 29.26
C ASN C 237 5.70 -1.22 30.22
N VAL C 238 4.71 -2.09 29.97
CA VAL C 238 3.54 -2.22 30.83
C VAL C 238 3.99 -2.54 32.26
N ASN C 239 4.78 -3.61 32.41
CA ASN C 239 5.20 -4.10 33.72
C ASN C 239 6.08 -3.08 34.45
N ALA C 240 6.99 -2.41 33.72
CA ALA C 240 7.90 -1.43 34.27
C ALA C 240 7.17 -0.23 34.87
N PHE C 241 6.14 0.28 34.19
CA PHE C 241 5.38 1.44 34.66
C PHE C 241 4.35 1.02 35.69
N PHE C 242 3.80 -0.20 35.56
CA PHE C 242 2.93 -0.79 36.57
C PHE C 242 3.60 -0.76 37.95
N ARG C 243 4.85 -1.22 38.00
CA ARG C 243 5.63 -1.27 39.23
C ARG C 243 6.09 0.14 39.64
N ARG C 244 6.53 0.96 38.67
CA ARG C 244 7.16 2.24 38.98
C ARG C 244 6.15 3.33 39.30
N CYS C 245 4.92 3.20 38.78
CA CYS C 245 3.87 4.21 38.89
C CYS C 245 2.63 3.61 39.54
N PRO C 246 2.66 3.31 40.86
CA PRO C 246 1.60 2.54 41.49
C PRO C 246 0.28 3.28 41.69
N ASP C 247 0.28 4.61 41.51
CA ASP C 247 -0.95 5.42 41.62
C ASP C 247 -1.56 5.63 40.23
N LYS C 248 -0.95 5.04 39.20
CA LYS C 248 -1.41 5.13 37.83
C LYS C 248 -1.87 3.76 37.34
N LEU C 249 -2.95 3.78 36.53
CA LEU C 249 -3.35 2.64 35.70
C LEU C 249 -2.43 2.56 34.48
N VAL C 250 -2.22 1.34 33.97
CA VAL C 250 -1.44 1.11 32.75
C VAL C 250 -2.38 0.46 31.73
N PHE C 251 -2.44 1.02 30.51
CA PHE C 251 -3.13 0.40 29.38
C PHE C 251 -2.08 -0.25 28.47
N GLY C 252 -2.27 -1.54 28.19
CA GLY C 252 -1.39 -2.27 27.30
C GLY C 252 -1.78 -2.00 25.86
N CYS C 253 -0.75 -1.81 25.02
CA CYS C 253 -0.92 -1.67 23.58
C CYS C 253 0.34 -2.24 22.93
N GLY C 254 0.15 -3.07 21.90
CA GLY C 254 1.26 -3.72 21.20
C GLY C 254 1.16 -5.25 21.21
N GLY C 255 1.02 -5.83 20.00
CA GLY C 255 1.30 -7.24 19.81
C GLY C 255 0.06 -8.12 19.94
N VAL C 256 -1.09 -7.50 20.27
CA VAL C 256 -2.29 -8.24 20.61
C VAL C 256 -2.95 -8.76 19.34
N TYR C 257 -2.92 -10.09 19.17
CA TYR C 257 -3.58 -10.78 18.08
C TYR C 257 -4.67 -11.74 18.61
N SER C 258 -4.70 -12.00 19.92
CA SER C 258 -5.47 -13.11 20.50
C SER C 258 -5.67 -12.93 22.00
N GLY C 259 -6.58 -13.74 22.56
CA GLY C 259 -6.80 -13.85 23.99
C GLY C 259 -5.50 -14.00 24.77
N GLU C 260 -4.57 -14.83 24.27
CA GLU C 260 -3.31 -15.13 24.94
C GLU C 260 -2.49 -13.86 25.25
N GLU C 261 -2.31 -12.98 24.26
CA GLU C 261 -1.53 -11.75 24.43
C GLU C 261 -2.28 -10.74 25.31
N ALA C 262 -3.61 -10.73 25.21
CA ALA C 262 -4.46 -9.91 26.08
C ALA C 262 -4.21 -10.29 27.55
N PHE C 263 -4.22 -11.60 27.81
CA PHE C 263 -4.00 -12.18 29.12
C PHE C 263 -2.60 -11.82 29.64
N LEU C 264 -1.58 -11.89 28.78
CA LEU C 264 -0.23 -11.56 29.20
C LEU C 264 -0.12 -10.06 29.54
N HIS C 265 -0.76 -9.20 28.74
CA HIS C 265 -0.81 -7.78 29.02
C HIS C 265 -1.37 -7.49 30.42
N ILE C 266 -2.52 -8.09 30.73
CA ILE C 266 -3.22 -7.89 32.00
C ILE C 266 -2.37 -8.43 33.14
N LEU C 267 -1.80 -9.62 32.95
CA LEU C 267 -0.86 -10.24 33.87
C LEU C 267 0.36 -9.35 34.15
N ALA C 268 0.86 -8.64 33.12
CA ALA C 268 2.00 -7.75 33.29
C ALA C 268 1.62 -6.48 34.05
N GLY C 269 0.32 -6.10 34.03
CA GLY C 269 -0.19 -5.02 34.86
C GLY C 269 -1.31 -4.20 34.20
N ALA C 270 -1.73 -4.59 32.99
CA ALA C 270 -2.62 -3.77 32.18
C ALA C 270 -4.05 -3.86 32.70
N SER C 271 -4.74 -2.70 32.70
CA SER C 271 -6.15 -2.59 33.06
C SER C 271 -7.03 -2.69 31.82
N MET C 272 -6.58 -2.07 30.72
CA MET C 272 -7.22 -2.10 29.41
C MET C 272 -6.20 -2.54 28.38
N VAL C 273 -6.68 -3.07 27.25
CA VAL C 273 -5.80 -3.63 26.23
C VAL C 273 -6.20 -3.06 24.87
N GLN C 274 -5.27 -2.37 24.19
CA GLN C 274 -5.53 -1.69 22.93
C GLN C 274 -5.03 -2.55 21.77
N VAL C 275 -5.81 -2.57 20.66
CA VAL C 275 -5.51 -3.40 19.49
C VAL C 275 -5.35 -2.53 18.25
N GLY C 276 -4.14 -2.51 17.68
CA GLY C 276 -3.82 -1.75 16.47
C GLY C 276 -3.80 -2.63 15.22
N THR C 277 -2.60 -3.08 14.84
CA THR C 277 -2.37 -3.74 13.56
C THR C 277 -3.43 -4.83 13.31
N ALA C 278 -3.63 -5.73 14.28
CA ALA C 278 -4.50 -6.88 14.13
C ALA C 278 -5.95 -6.46 13.86
N LEU C 279 -6.39 -5.34 14.44
CA LEU C 279 -7.71 -4.78 14.18
C LEU C 279 -7.73 -4.19 12.78
N HIS C 280 -6.65 -3.49 12.41
CA HIS C 280 -6.53 -2.91 11.08
C HIS C 280 -6.74 -4.00 10.03
N ASP C 281 -6.08 -5.15 10.21
CA ASP C 281 -6.20 -6.28 9.29
C ASP C 281 -7.61 -6.87 9.33
N GLU C 282 -8.07 -7.28 10.52
CA GLU C 282 -9.20 -8.19 10.69
C GLU C 282 -10.53 -7.43 10.73
N GLY C 283 -10.50 -6.19 11.22
CA GLY C 283 -11.71 -5.38 11.37
C GLY C 283 -12.38 -5.62 12.72
N PRO C 284 -13.46 -4.85 13.05
CA PRO C 284 -14.03 -4.82 14.40
C PRO C 284 -14.56 -6.14 14.97
N ILE C 285 -14.74 -7.15 14.11
CA ILE C 285 -15.18 -8.48 14.52
C ILE C 285 -14.15 -9.12 15.46
N ILE C 286 -12.90 -8.64 15.44
CA ILE C 286 -11.82 -9.15 16.28
C ILE C 286 -12.20 -9.06 17.78
N PHE C 287 -12.99 -8.04 18.15
CA PHE C 287 -13.35 -7.82 19.54
C PHE C 287 -14.17 -8.99 20.09
N ALA C 288 -15.14 -9.47 19.28
CA ALA C 288 -15.93 -10.66 19.58
C ALA C 288 -15.02 -11.87 19.82
N ARG C 289 -14.02 -12.05 18.96
CA ARG C 289 -13.09 -13.16 19.04
C ARG C 289 -12.21 -13.03 20.29
N LEU C 290 -11.83 -11.79 20.63
CA LEU C 290 -10.93 -11.54 21.75
C LEU C 290 -11.63 -11.81 23.08
N ASN C 291 -12.87 -11.32 23.23
CA ASN C 291 -13.71 -11.63 24.38
C ASN C 291 -13.75 -13.15 24.61
N LYS C 292 -14.16 -13.90 23.59
CA LYS C 292 -14.29 -15.36 23.67
C LYS C 292 -12.98 -16.01 24.11
N GLU C 293 -11.86 -15.60 23.50
CA GLU C 293 -10.56 -16.23 23.73
C GLU C 293 -10.05 -15.92 25.14
N LEU C 294 -10.21 -14.68 25.62
CA LEU C 294 -9.75 -14.33 26.94
C LEU C 294 -10.53 -15.16 27.97
N GLN C 295 -11.85 -15.30 27.74
CA GLN C 295 -12.74 -16.09 28.58
C GLN C 295 -12.38 -17.58 28.54
N GLU C 296 -12.07 -18.10 27.35
CA GLU C 296 -11.64 -19.48 27.21
C GLU C 296 -10.44 -19.71 28.14
N ILE C 297 -9.47 -18.77 28.16
CA ILE C 297 -8.23 -18.89 28.92
C ILE C 297 -8.49 -18.72 30.42
N MET C 298 -9.39 -17.81 30.78
CA MET C 298 -9.77 -17.62 32.17
C MET C 298 -10.49 -18.86 32.74
N THR C 299 -11.41 -19.46 31.96
CA THR C 299 -12.07 -20.70 32.34
C THR C 299 -11.04 -21.81 32.59
N ASN C 300 -9.97 -21.87 31.77
CA ASN C 300 -8.95 -22.91 31.91
C ASN C 300 -8.24 -22.80 33.26
N LYS C 301 -8.03 -21.57 33.74
CA LYS C 301 -7.21 -21.32 34.91
C LYS C 301 -8.04 -21.07 36.16
N GLY C 302 -9.38 -21.09 36.03
CA GLY C 302 -10.29 -20.95 37.16
C GLY C 302 -10.25 -19.54 37.76
N TYR C 303 -10.11 -18.53 36.89
CA TYR C 303 -10.26 -17.12 37.22
C TYR C 303 -11.64 -16.68 36.73
N LYS C 304 -12.38 -15.95 37.59
CA LYS C 304 -13.72 -15.47 37.29
C LYS C 304 -13.67 -13.99 36.92
N THR C 305 -12.51 -13.34 37.17
CA THR C 305 -12.38 -11.90 37.27
C THR C 305 -10.98 -11.49 36.83
N LEU C 306 -10.82 -10.25 36.32
CA LEU C 306 -9.55 -9.76 35.79
C LEU C 306 -8.56 -9.45 36.90
N ASP C 307 -9.05 -8.94 38.04
CA ASP C 307 -8.20 -8.58 39.17
C ASP C 307 -7.67 -9.80 39.91
N GLU C 308 -8.14 -11.00 39.54
CA GLU C 308 -7.57 -12.25 40.03
C GLU C 308 -6.15 -12.49 39.50
N PHE C 309 -5.78 -11.88 38.36
CA PHE C 309 -4.45 -12.09 37.80
C PHE C 309 -3.78 -10.79 37.31
N ARG C 310 -4.50 -9.66 37.28
CA ARG C 310 -3.90 -8.38 36.89
C ARG C 310 -2.64 -8.11 37.72
N GLY C 311 -1.49 -8.03 37.04
CA GLY C 311 -0.23 -7.66 37.69
C GLY C 311 0.41 -8.80 38.49
N ARG C 312 -0.01 -10.05 38.25
CA ARG C 312 0.46 -11.18 39.04
C ARG C 312 1.58 -11.98 38.35
N VAL C 313 2.22 -11.39 37.32
CA VAL C 313 3.38 -12.01 36.69
C VAL C 313 4.40 -12.36 37.77
N LYS C 314 4.87 -13.61 37.77
CA LYS C 314 5.85 -14.11 38.72
C LYS C 314 7.25 -14.00 38.13
N THR C 315 8.22 -13.50 38.93
CA THR C 315 9.63 -13.56 38.55
C THR C 315 10.20 -14.86 39.15
N MET C 316 11.39 -15.27 38.68
CA MET C 316 12.04 -16.48 39.14
C MET C 316 12.79 -16.23 40.48
N MET D 5 30.92 -15.28 -8.85
CA MET D 5 30.34 -14.51 -7.72
C MET D 5 31.39 -14.27 -6.64
N SER D 6 31.80 -13.01 -6.46
CA SER D 6 32.70 -12.64 -5.39
C SER D 6 31.94 -12.05 -4.20
N LEU D 7 32.16 -12.62 -3.01
CA LEU D 7 31.64 -12.10 -1.74
C LEU D 7 32.70 -11.27 -1.02
N LYS D 8 33.90 -11.13 -1.60
CA LYS D 8 35.03 -10.44 -0.99
C LYS D 8 34.63 -9.06 -0.46
N VAL D 9 35.33 -8.63 0.60
CA VAL D 9 35.21 -7.30 1.20
C VAL D 9 36.60 -6.85 1.66
N ASN D 10 36.98 -5.60 1.33
CA ASN D 10 38.32 -5.10 1.60
C ASN D 10 38.25 -3.86 2.48
N ILE D 11 38.37 -4.05 3.81
CA ILE D 11 38.24 -2.95 4.77
C ILE D 11 39.36 -3.05 5.83
N LEU D 12 39.91 -1.90 6.23
CA LEU D 12 40.95 -1.73 7.24
C LEU D 12 42.25 -2.46 6.91
N GLY D 13 42.57 -2.62 5.62
CA GLY D 13 43.82 -3.24 5.22
C GLY D 13 43.81 -4.75 5.42
N HIS D 14 42.58 -5.32 5.48
CA HIS D 14 42.34 -6.74 5.60
C HIS D 14 41.43 -7.16 4.44
N GLU D 15 41.65 -8.36 3.90
CA GLU D 15 40.72 -8.96 2.95
C GLU D 15 39.83 -9.97 3.69
N PHE D 16 38.52 -9.89 3.44
CA PHE D 16 37.56 -10.78 4.07
C PHE D 16 36.96 -11.65 2.97
N SER D 17 37.01 -12.97 3.18
CA SER D 17 36.48 -13.94 2.23
C SER D 17 34.99 -13.66 1.95
N ASN D 18 34.26 -13.16 2.95
CA ASN D 18 32.84 -12.85 2.81
C ASN D 18 32.45 -11.85 3.91
N PRO D 19 31.26 -11.23 3.84
CA PRO D 19 30.90 -10.19 4.81
C PRO D 19 30.54 -10.71 6.20
N PHE D 20 30.30 -12.02 6.33
CA PHE D 20 29.69 -12.60 7.51
C PHE D 20 30.69 -12.79 8.66
N MET D 21 30.16 -12.56 9.88
CA MET D 21 30.81 -12.84 11.14
C MET D 21 29.72 -13.11 12.20
N ASN D 22 30.11 -13.60 13.38
CA ASN D 22 29.17 -13.71 14.51
C ASN D 22 28.89 -12.32 15.07
N ALA D 23 27.73 -12.17 15.73
CA ALA D 23 27.47 -11.01 16.56
C ALA D 23 28.21 -11.19 17.88
N ALA D 24 28.88 -10.13 18.37
CA ALA D 24 29.52 -10.16 19.67
C ALA D 24 28.55 -10.76 20.69
N GLY D 25 29.02 -11.75 21.45
CA GLY D 25 28.21 -12.41 22.45
C GLY D 25 27.79 -13.85 22.11
N VAL D 26 27.78 -14.22 20.83
CA VAL D 26 27.33 -15.54 20.40
C VAL D 26 28.51 -16.37 19.89
N LEU D 27 28.73 -17.55 20.49
CA LEU D 27 29.76 -18.49 20.10
C LEU D 27 31.13 -17.81 20.04
N CYS D 28 31.51 -17.08 21.10
CA CYS D 28 32.74 -16.30 21.05
C CYS D 28 33.34 -16.01 22.43
N THR D 29 32.92 -16.72 23.48
CA THR D 29 33.36 -16.39 24.84
C THR D 29 34.55 -17.26 25.28
N THR D 30 34.62 -18.53 24.86
CA THR D 30 35.69 -19.46 25.26
C THR D 30 36.68 -19.69 24.12
N GLU D 31 37.83 -20.28 24.44
CA GLU D 31 38.80 -20.68 23.43
C GLU D 31 38.14 -21.61 22.40
N GLU D 32 37.25 -22.50 22.87
CA GLU D 32 36.61 -23.48 22.00
C GLU D 32 35.66 -22.77 21.04
N ASP D 33 34.80 -21.90 21.60
CA ASP D 33 33.89 -21.04 20.84
C ASP D 33 34.63 -20.36 19.69
N LEU D 34 35.78 -19.73 20.01
CA LEU D 34 36.54 -18.92 19.07
C LEU D 34 37.15 -19.78 17.94
N ARG D 35 37.70 -20.94 18.32
CA ARG D 35 38.22 -21.93 17.36
C ARG D 35 37.10 -22.45 16.45
N ARG D 36 35.92 -22.71 17.01
CA ARG D 36 34.79 -23.17 16.22
C ARG D 36 34.41 -22.09 15.19
N MET D 37 34.51 -20.81 15.60
CA MET D 37 34.17 -19.68 14.74
C MET D 37 35.22 -19.51 13.64
N THR D 38 36.50 -19.68 14.00
CA THR D 38 37.61 -19.62 13.05
C THR D 38 37.52 -20.76 12.03
N GLU D 39 37.04 -21.94 12.45
CA GLU D 39 36.90 -23.10 11.56
C GLU D 39 35.48 -23.15 10.97
N SER D 40 35.08 -21.99 10.43
CA SER D 40 33.74 -21.67 9.97
C SER D 40 33.86 -21.11 8.55
N GLU D 41 32.76 -21.11 7.77
CA GLU D 41 32.77 -20.46 6.46
C GLU D 41 32.71 -18.94 6.61
N SER D 42 32.53 -18.44 7.85
CA SER D 42 32.42 -17.02 8.12
C SER D 42 33.69 -16.27 7.72
N GLY D 43 33.52 -15.03 7.22
CA GLY D 43 34.62 -14.20 6.77
C GLY D 43 35.44 -13.59 7.92
N SER D 44 34.81 -13.51 9.12
CA SER D 44 35.48 -13.08 10.33
C SER D 44 34.76 -13.57 11.58
N LEU D 45 35.32 -13.21 12.75
CA LEU D 45 34.73 -13.46 14.06
C LEU D 45 35.05 -12.25 14.96
N ILE D 46 34.21 -12.09 16.00
CA ILE D 46 34.44 -11.11 17.06
C ILE D 46 34.42 -11.86 18.40
N GLY D 47 35.39 -11.51 19.29
CA GLY D 47 35.44 -12.03 20.65
C GLY D 47 34.37 -11.41 21.55
N LYS D 48 33.86 -12.20 22.50
CA LYS D 48 32.87 -11.78 23.49
C LYS D 48 33.25 -10.45 24.12
N SER D 49 32.25 -9.55 24.26
CA SER D 49 32.41 -8.27 24.93
C SER D 49 33.09 -8.48 26.29
N CYS D 50 34.33 -7.97 26.44
CA CYS D 50 35.15 -8.30 27.60
C CYS D 50 35.26 -7.13 28.58
N THR D 51 35.56 -7.47 29.85
CA THR D 51 35.89 -6.51 30.90
C THR D 51 37.36 -6.73 31.28
N LEU D 52 37.94 -5.79 32.07
CA LEU D 52 39.35 -5.82 32.46
C LEU D 52 39.63 -7.07 33.32
N ALA D 53 38.73 -7.35 34.27
CA ALA D 53 38.72 -8.62 34.99
C ALA D 53 37.62 -9.50 34.39
N PRO D 54 37.71 -10.84 34.49
CA PRO D 54 36.59 -11.70 34.10
C PRO D 54 35.28 -11.39 34.84
N ARG D 55 34.16 -11.87 34.30
CA ARG D 55 32.85 -11.70 34.91
C ARG D 55 32.05 -13.00 34.83
N THR D 56 31.30 -13.31 35.89
CA THR D 56 30.35 -14.43 35.91
C THR D 56 29.16 -14.14 35.00
N GLY D 57 28.71 -12.89 35.02
CA GLY D 57 27.44 -12.50 34.43
C GLY D 57 26.29 -12.75 35.41
N ASN D 58 25.07 -12.71 34.87
CA ASN D 58 23.84 -12.70 35.65
C ASN D 58 23.41 -14.13 35.99
N PRO D 59 22.49 -14.30 36.98
CA PRO D 59 21.94 -15.61 37.30
C PRO D 59 21.19 -16.26 36.13
N GLU D 60 21.32 -17.59 36.07
CA GLU D 60 20.71 -18.45 35.07
C GLU D 60 19.32 -18.92 35.48
N PRO D 61 18.42 -19.31 34.54
CA PRO D 61 18.69 -19.22 33.10
C PRO D 61 18.60 -17.79 32.59
N ARG D 62 19.44 -17.45 31.59
CA ARG D 62 19.66 -16.08 31.15
C ARG D 62 19.61 -15.95 29.62
N TYR D 63 19.06 -16.99 28.95
CA TYR D 63 18.83 -17.01 27.52
C TYR D 63 17.58 -17.84 27.25
N PHE D 64 16.69 -17.38 26.35
CA PHE D 64 15.52 -18.15 25.97
C PHE D 64 15.24 -18.00 24.47
N GLY D 65 15.30 -19.13 23.75
CA GLY D 65 14.90 -19.19 22.35
C GLY D 65 13.39 -19.04 22.20
N LEU D 66 12.97 -18.14 21.29
CA LEU D 66 11.58 -17.90 20.95
C LEU D 66 11.36 -18.26 19.49
N PRO D 67 10.11 -18.58 19.08
CA PRO D 67 9.77 -18.73 17.67
C PRO D 67 10.31 -17.61 16.80
N LEU D 68 10.27 -16.37 17.30
CA LEU D 68 10.58 -15.20 16.50
C LEU D 68 11.94 -14.61 16.87
N GLY D 69 12.77 -15.34 17.64
CA GLY D 69 14.14 -14.88 17.90
C GLY D 69 14.70 -15.33 19.25
N SER D 70 15.03 -14.35 20.11
CA SER D 70 15.68 -14.62 21.39
C SER D 70 15.46 -13.45 22.36
N ILE D 71 15.40 -13.77 23.67
CA ILE D 71 15.56 -12.82 24.76
C ILE D 71 16.72 -13.31 25.65
N ASN D 72 17.52 -12.38 26.17
CA ASN D 72 18.71 -12.73 26.93
C ASN D 72 19.08 -11.62 27.91
N SER D 73 19.62 -12.03 29.06
CA SER D 73 20.27 -11.14 30.02
C SER D 73 21.56 -11.78 30.51
N MET D 74 22.54 -11.95 29.60
CA MET D 74 23.76 -12.66 29.91
C MET D 74 24.52 -11.91 31.00
N GLY D 75 24.60 -10.58 30.89
CA GLY D 75 25.30 -9.75 31.85
C GLY D 75 26.81 -9.75 31.68
N LEU D 76 27.27 -9.88 30.43
CA LEU D 76 28.68 -9.79 30.07
C LEU D 76 29.52 -10.86 30.77
N PRO D 77 29.13 -12.15 30.70
CA PRO D 77 30.01 -13.23 31.13
C PRO D 77 31.20 -13.32 30.19
N ASN D 78 32.42 -13.10 30.68
CA ASN D 78 33.60 -13.18 29.84
C ASN D 78 34.81 -13.63 30.66
N LEU D 79 35.85 -14.08 29.96
CA LEU D 79 37.09 -14.59 30.56
C LEU D 79 38.09 -13.47 30.82
N GLY D 80 37.64 -12.22 30.70
CA GLY D 80 38.47 -11.08 31.00
C GLY D 80 39.45 -10.77 29.87
N VAL D 81 39.97 -9.54 29.88
CA VAL D 81 40.66 -8.96 28.75
C VAL D 81 41.94 -9.73 28.49
N ASP D 82 42.61 -10.18 29.56
CA ASP D 82 43.91 -10.85 29.43
C ASP D 82 43.74 -12.11 28.57
N PHE D 83 42.61 -12.82 28.75
CA PHE D 83 42.33 -14.02 27.98
C PHE D 83 42.24 -13.70 26.48
N TYR D 84 41.51 -12.63 26.14
CA TYR D 84 41.19 -12.27 24.76
C TYR D 84 42.42 -11.71 24.02
N LEU D 85 43.24 -10.90 24.72
CA LEU D 85 44.53 -10.44 24.21
C LEU D 85 45.45 -11.62 23.91
N SER D 86 45.56 -12.57 24.86
CA SER D 86 46.32 -13.80 24.66
C SER D 86 45.86 -14.56 23.40
N TYR D 87 44.54 -14.65 23.18
CA TYR D 87 44.00 -15.40 22.06
C TYR D 87 44.39 -14.71 20.76
N ALA D 88 44.28 -13.38 20.74
CA ALA D 88 44.57 -12.55 19.57
C ALA D 88 46.08 -12.53 19.31
N ALA D 89 46.88 -12.48 20.38
CA ALA D 89 48.32 -12.29 20.26
C ALA D 89 49.03 -13.60 19.93
N GLN D 90 48.47 -14.76 20.33
CA GLN D 90 49.20 -16.02 20.31
C GLN D 90 48.43 -17.17 19.65
N THR D 91 47.10 -17.29 19.89
CA THR D 91 46.39 -18.52 19.52
C THR D 91 45.76 -18.37 18.14
N HIS D 92 45.02 -17.28 17.92
CA HIS D 92 44.20 -17.12 16.71
C HIS D 92 45.03 -17.34 15.45
N ASP D 93 44.42 -18.00 14.46
CA ASP D 93 45.01 -18.21 13.15
C ASP D 93 44.54 -17.13 12.18
N TYR D 94 45.40 -16.13 11.96
CA TYR D 94 45.12 -14.97 11.12
C TYR D 94 45.09 -15.36 9.64
N SER D 95 45.64 -16.52 9.28
CA SER D 95 45.62 -16.98 7.89
C SER D 95 44.25 -17.58 7.54
N ARG D 96 43.44 -17.91 8.54
CA ARG D 96 42.05 -18.31 8.30
C ARG D 96 41.19 -17.07 8.02
N LYS D 97 41.25 -16.09 8.93
CA LYS D 97 40.48 -14.86 8.80
C LYS D 97 40.95 -13.83 9.83
N PRO D 98 40.71 -12.52 9.60
CA PRO D 98 40.98 -11.49 10.61
C PRO D 98 40.08 -11.61 11.85
N LEU D 99 40.48 -10.94 12.94
CA LEU D 99 39.82 -11.07 14.24
C LEU D 99 39.39 -9.70 14.76
N PHE D 100 38.21 -9.67 15.40
CA PHE D 100 37.72 -8.51 16.13
C PHE D 100 37.63 -8.87 17.60
N LEU D 101 38.01 -7.93 18.49
CA LEU D 101 37.73 -7.99 19.92
C LEU D 101 36.69 -6.91 20.24
N SER D 102 35.56 -7.32 20.82
CA SER D 102 34.63 -6.43 21.48
C SER D 102 35.17 -6.12 22.88
N MET D 103 35.29 -4.82 23.20
CA MET D 103 35.73 -4.41 24.53
C MET D 103 34.60 -3.57 25.14
N SER D 104 34.31 -3.85 26.43
CA SER D 104 33.04 -3.47 27.04
C SER D 104 33.21 -3.09 28.50
N GLY D 105 34.26 -2.32 28.81
CA GLY D 105 34.47 -1.80 30.14
C GLY D 105 33.22 -1.05 30.61
N LEU D 106 32.87 -1.20 31.90
CA LEU D 106 31.61 -0.69 32.41
C LEU D 106 31.78 0.75 32.91
N SER D 107 32.94 1.36 32.62
CA SER D 107 33.19 2.76 32.84
C SER D 107 34.24 3.25 31.83
N VAL D 108 34.46 4.56 31.79
CA VAL D 108 35.45 5.18 30.91
C VAL D 108 36.85 4.69 31.29
N GLU D 109 37.13 4.71 32.60
CA GLU D 109 38.45 4.37 33.13
C GLU D 109 38.82 2.93 32.76
N GLU D 110 37.90 1.98 32.97
CA GLU D 110 38.12 0.57 32.69
C GLU D 110 38.39 0.36 31.20
N SER D 111 37.58 1.00 30.34
CA SER D 111 37.69 0.84 28.89
C SER D 111 39.01 1.43 28.38
N VAL D 112 39.42 2.58 28.94
CA VAL D 112 40.69 3.19 28.58
C VAL D 112 41.82 2.19 28.86
N GLU D 113 41.81 1.61 30.06
CA GLU D 113 42.85 0.69 30.50
C GLU D 113 42.93 -0.52 29.56
N MET D 114 41.77 -0.97 29.05
CA MET D 114 41.70 -2.19 28.24
C MET D 114 42.29 -1.97 26.85
N VAL D 115 41.97 -0.82 26.22
CA VAL D 115 42.33 -0.55 24.82
C VAL D 115 43.83 -0.23 24.73
N LYS D 116 44.38 0.42 25.78
CA LYS D 116 45.82 0.67 25.89
C LYS D 116 46.61 -0.64 25.75
N LYS D 117 46.07 -1.73 26.32
CA LYS D 117 46.69 -3.04 26.24
C LYS D 117 46.63 -3.64 24.84
N LEU D 118 45.62 -3.24 24.04
CA LEU D 118 45.37 -3.80 22.71
C LEU D 118 46.25 -3.16 21.64
N VAL D 119 46.65 -1.90 21.87
CA VAL D 119 47.45 -1.12 20.94
C VAL D 119 48.55 -1.99 20.34
N PRO D 120 49.53 -2.49 21.13
CA PRO D 120 50.65 -3.27 20.58
C PRO D 120 50.26 -4.54 19.84
N ILE D 121 49.08 -5.10 20.15
CA ILE D 121 48.57 -6.31 19.50
C ILE D 121 47.93 -5.96 18.15
N THR D 122 47.24 -4.82 18.05
CA THR D 122 46.70 -4.37 16.78
C THR D 122 47.85 -4.05 15.82
N LYS D 123 48.90 -3.38 16.30
CA LYS D 123 50.04 -3.05 15.47
C LYS D 123 50.71 -4.32 14.95
N GLU D 124 50.81 -5.34 15.80
CA GLU D 124 51.53 -6.58 15.50
C GLU D 124 50.67 -7.53 14.67
N LYS D 125 49.44 -7.83 15.11
CA LYS D 125 48.60 -8.86 14.52
C LYS D 125 47.45 -8.31 13.68
N GLY D 126 47.16 -7.01 13.79
CA GLY D 126 46.07 -6.39 13.06
C GLY D 126 44.69 -6.67 13.68
N THR D 127 44.66 -7.00 14.98
CA THR D 127 43.40 -7.23 15.68
C THR D 127 42.57 -5.94 15.68
N ILE D 128 41.27 -6.04 15.32
CA ILE D 128 40.39 -4.89 15.18
C ILE D 128 39.50 -4.75 16.42
N LEU D 129 39.26 -3.50 16.85
CA LEU D 129 38.48 -3.16 18.05
C LEU D 129 37.07 -2.71 17.67
N GLU D 130 36.07 -3.24 18.42
CA GLU D 130 34.69 -2.77 18.47
C GLU D 130 34.40 -2.39 19.92
N LEU D 131 34.12 -1.10 20.19
CA LEU D 131 33.78 -0.64 21.53
C LEU D 131 32.28 -0.80 21.77
N ASN D 132 31.91 -1.56 22.81
CA ASN D 132 30.51 -1.81 23.15
C ASN D 132 29.95 -0.63 23.95
N LEU D 133 29.06 0.15 23.32
CA LEU D 133 28.35 1.24 23.97
C LEU D 133 26.87 0.90 24.06
N SER D 134 26.57 -0.39 24.26
CA SER D 134 25.18 -0.85 24.22
C SER D 134 25.03 -2.15 25.00
N ALA D 135 25.37 -2.13 26.30
CA ALA D 135 25.20 -3.27 27.18
C ALA D 135 23.90 -3.11 27.97
N PRO D 136 22.78 -3.74 27.56
CA PRO D 136 21.48 -3.47 28.14
C PRO D 136 21.10 -4.37 29.33
N ASN D 137 21.98 -5.32 29.69
CA ASN D 137 21.68 -6.34 30.69
C ASN D 137 22.63 -6.29 31.88
N VAL D 138 23.38 -5.18 32.09
CA VAL D 138 24.14 -4.98 33.30
C VAL D 138 23.26 -4.20 34.28
N PRO D 139 22.84 -4.80 35.43
CA PRO D 139 22.03 -4.09 36.42
C PRO D 139 22.70 -2.83 36.94
N GLY D 140 21.97 -1.70 36.91
CA GLY D 140 22.44 -0.43 37.45
C GLY D 140 23.35 0.33 36.49
N LYS D 141 23.45 -0.14 35.24
CA LYS D 141 24.27 0.51 34.21
C LYS D 141 23.41 0.81 32.98
N PRO D 142 23.05 2.09 32.74
CA PRO D 142 22.36 2.50 31.51
C PRO D 142 23.16 2.24 30.24
N GLN D 143 22.49 1.92 29.13
CA GLN D 143 23.18 1.77 27.84
C GLN D 143 23.82 3.10 27.47
N VAL D 144 25.16 3.11 27.33
CA VAL D 144 25.91 4.33 27.11
C VAL D 144 25.40 5.10 25.89
N GLY D 145 24.99 4.37 24.84
CA GLY D 145 24.67 4.96 23.55
C GLY D 145 23.42 5.85 23.57
N TYR D 146 22.58 5.74 24.60
CA TYR D 146 21.39 6.58 24.73
C TYR D 146 21.71 7.87 25.49
N ASP D 147 22.94 7.99 25.99
CA ASP D 147 23.46 9.21 26.60
C ASP D 147 24.61 9.73 25.74
N PHE D 148 24.38 10.86 25.05
CA PHE D 148 25.30 11.39 24.06
C PHE D 148 26.47 12.12 24.74
N ASP D 149 26.26 12.70 25.93
CA ASP D 149 27.38 13.33 26.65
C ASP D 149 28.35 12.23 27.10
N THR D 150 27.83 11.16 27.69
CA THR D 150 28.66 10.05 28.12
C THR D 150 29.31 9.41 26.88
N THR D 151 28.54 9.20 25.81
CA THR D 151 29.11 8.61 24.59
C THR D 151 30.31 9.43 24.09
N ARG D 152 30.19 10.77 24.12
CA ARG D 152 31.27 11.66 23.68
C ARG D 152 32.53 11.39 24.49
N THR D 153 32.38 11.26 25.83
CA THR D 153 33.51 11.06 26.73
C THR D 153 34.27 9.78 26.38
N TYR D 154 33.53 8.67 26.22
CA TYR D 154 34.08 7.36 25.88
C TYR D 154 34.88 7.45 24.58
N LEU D 155 34.28 8.06 23.55
CA LEU D 155 34.91 8.15 22.24
C LEU D 155 36.18 9.01 22.29
N GLN D 156 36.12 10.15 23.00
CA GLN D 156 37.27 11.05 23.08
C GLN D 156 38.39 10.42 23.91
N LYS D 157 38.04 9.61 24.93
CA LYS D 157 39.05 8.99 25.78
C LYS D 157 39.67 7.76 25.11
N VAL D 158 38.83 6.95 24.44
CA VAL D 158 39.29 5.78 23.72
C VAL D 158 40.19 6.18 22.54
N SER D 159 39.82 7.26 21.83
CA SER D 159 40.61 7.84 20.77
C SER D 159 42.01 8.25 21.23
N GLU D 160 42.10 8.98 22.35
CA GLU D 160 43.38 9.37 22.93
C GLU D 160 44.16 8.10 23.31
N ALA D 161 43.51 7.20 24.06
CA ALA D 161 44.17 6.02 24.59
C ALA D 161 44.59 5.03 23.50
N TYR D 162 43.66 4.66 22.61
CA TYR D 162 43.89 3.61 21.62
C TYR D 162 44.64 4.19 20.42
N GLY D 163 44.13 5.31 19.88
CA GLY D 163 44.82 6.09 18.86
C GLY D 163 44.85 5.43 17.47
N LEU D 164 44.08 4.36 17.29
CA LEU D 164 43.98 3.66 16.02
C LEU D 164 42.50 3.58 15.63
N PRO D 165 42.20 3.32 14.33
CA PRO D 165 40.82 3.10 13.89
C PRO D 165 40.13 2.01 14.71
N PHE D 166 38.89 2.27 15.13
CA PHE D 166 38.08 1.30 15.86
C PHE D 166 36.60 1.52 15.49
N GLY D 167 35.75 0.58 15.90
CA GLY D 167 34.32 0.66 15.64
C GLY D 167 33.56 0.81 16.95
N VAL D 168 32.24 1.00 16.85
CA VAL D 168 31.37 1.13 18.02
C VAL D 168 30.08 0.36 17.78
N LYS D 169 29.71 -0.47 18.77
CA LYS D 169 28.46 -1.22 18.72
C LYS D 169 27.39 -0.34 19.36
N MET D 170 26.43 0.13 18.55
CA MET D 170 25.44 1.09 18.98
C MET D 170 24.15 0.38 19.39
N PRO D 171 23.38 0.94 20.35
CA PRO D 171 22.03 0.48 20.59
C PRO D 171 21.16 0.93 19.45
N PRO D 172 20.01 0.28 19.18
CA PRO D 172 19.08 0.78 18.18
C PRO D 172 18.45 2.11 18.58
N TYR D 173 18.32 3.04 17.62
CA TYR D 173 17.57 4.28 17.81
C TYR D 173 16.23 4.18 17.09
N PHE D 174 15.24 4.90 17.59
CA PHE D 174 13.86 4.74 17.12
C PHE D 174 13.21 6.07 16.80
N ASP D 175 14.03 7.14 16.75
CA ASP D 175 13.59 8.51 16.56
C ASP D 175 14.61 9.18 15.64
N ILE D 176 14.13 10.05 14.73
CA ILE D 176 14.98 10.70 13.73
C ILE D 176 15.95 11.66 14.41
N ALA D 177 15.49 12.38 15.45
CA ALA D 177 16.34 13.34 16.15
C ALA D 177 17.52 12.63 16.83
N HIS D 178 17.34 11.34 17.11
CA HIS D 178 18.35 10.52 17.79
C HIS D 178 19.40 10.01 16.81
N PHE D 179 19.00 9.65 15.59
CA PHE D 179 19.95 9.40 14.51
C PHE D 179 20.83 10.64 14.33
N ASP D 180 20.19 11.82 14.30
CA ASP D 180 20.89 13.08 14.11
C ASP D 180 21.88 13.30 15.23
N MET D 181 21.40 13.21 16.48
CA MET D 181 22.23 13.47 17.64
C MET D 181 23.38 12.45 17.71
N ALA D 182 23.07 11.17 17.45
CA ALA D 182 24.06 10.11 17.53
C ALA D 182 25.15 10.30 16.48
N ALA D 183 24.73 10.69 15.27
CA ALA D 183 25.63 10.94 14.16
C ALA D 183 26.54 12.14 14.43
N ALA D 184 26.00 13.19 15.07
CA ALA D 184 26.73 14.42 15.33
C ALA D 184 27.94 14.14 16.24
N VAL D 185 27.75 13.20 17.18
CA VAL D 185 28.81 12.74 18.08
C VAL D 185 29.84 11.93 17.29
N LEU D 186 29.37 10.86 16.65
CA LEU D 186 30.24 9.92 15.94
C LEU D 186 31.11 10.64 14.91
N ASN D 187 30.53 11.63 14.23
CA ASN D 187 31.18 12.32 13.13
C ASN D 187 32.23 13.29 13.68
N ASP D 188 32.25 13.51 14.99
CA ASP D 188 33.29 14.33 15.60
C ASP D 188 34.55 13.51 15.88
N PHE D 189 34.51 12.21 15.56
CA PHE D 189 35.55 11.26 15.94
C PHE D 189 36.03 10.50 14.69
N PRO D 190 37.06 11.04 14.02
CA PRO D 190 37.64 10.44 12.83
C PRO D 190 38.00 8.96 12.96
N LEU D 191 38.47 8.55 14.15
CA LEU D 191 39.02 7.22 14.36
C LEU D 191 37.91 6.17 14.44
N VAL D 192 36.68 6.61 14.74
CA VAL D 192 35.53 5.75 14.60
C VAL D 192 35.37 5.44 13.12
N LYS D 193 35.81 4.25 12.72
CA LYS D 193 35.92 3.85 11.32
C LYS D 193 34.72 3.00 10.90
N PHE D 194 34.04 2.36 11.85
CA PHE D 194 32.81 1.66 11.54
C PHE D 194 31.82 1.72 12.72
N ILE D 195 30.56 1.47 12.37
CA ILE D 195 29.44 1.55 13.29
C ILE D 195 28.67 0.24 13.17
N THR D 196 28.55 -0.52 14.27
CA THR D 196 27.76 -1.74 14.22
C THR D 196 26.33 -1.39 14.66
N CYS D 197 25.39 -1.54 13.72
CA CYS D 197 23.97 -1.32 13.91
C CYS D 197 23.26 -2.66 13.65
N VAL D 198 22.60 -3.28 14.63
CA VAL D 198 22.31 -2.73 15.95
C VAL D 198 22.55 -3.80 17.03
N ASN D 199 22.63 -3.32 18.29
CA ASN D 199 22.57 -4.19 19.45
C ASN D 199 21.14 -4.66 19.66
N SER D 200 20.94 -5.51 20.66
CA SER D 200 19.63 -6.04 21.02
C SER D 200 18.62 -4.91 21.20
N ILE D 201 17.34 -5.17 20.87
CA ILE D 201 16.27 -4.27 21.27
C ILE D 201 16.10 -4.42 22.78
N GLY D 202 16.57 -3.42 23.53
CA GLY D 202 16.81 -3.54 24.95
C GLY D 202 15.53 -3.79 25.78
N ASN D 203 15.70 -4.56 26.85
CA ASN D 203 14.78 -4.61 27.99
C ASN D 203 13.37 -4.94 27.53
N GLY D 204 13.22 -6.05 26.80
CA GLY D 204 11.92 -6.61 26.48
C GLY D 204 11.53 -7.61 27.56
N LEU D 205 10.27 -8.09 27.54
CA LEU D 205 9.76 -8.98 28.57
C LEU D 205 8.95 -10.10 27.90
N VAL D 206 9.34 -11.34 28.18
CA VAL D 206 8.63 -12.52 27.69
C VAL D 206 8.06 -13.28 28.88
N ILE D 207 6.78 -13.61 28.80
CA ILE D 207 6.03 -14.30 29.85
C ILE D 207 5.45 -15.57 29.24
N ASP D 208 5.65 -16.71 29.92
CA ASP D 208 5.00 -17.96 29.57
C ASP D 208 3.58 -18.00 30.15
N PRO D 209 2.50 -18.01 29.32
CA PRO D 209 1.13 -17.94 29.82
C PRO D 209 0.60 -19.18 30.53
N ALA D 210 1.28 -20.32 30.36
CA ALA D 210 0.92 -21.57 31.02
C ALA D 210 1.16 -21.46 32.53
N ASN D 211 2.39 -21.07 32.90
CA ASN D 211 2.80 -20.95 34.29
C ASN D 211 2.87 -19.50 34.77
N GLU D 212 2.37 -18.54 33.97
CA GLU D 212 2.29 -17.12 34.35
C GLU D 212 3.61 -16.57 34.92
N THR D 213 4.74 -16.95 34.30
CA THR D 213 6.09 -16.65 34.79
C THR D 213 6.96 -16.16 33.64
N VAL D 214 7.88 -15.22 33.94
CA VAL D 214 8.91 -14.77 33.01
C VAL D 214 9.85 -15.95 32.71
N VAL D 215 10.53 -15.91 31.55
CA VAL D 215 11.29 -17.05 31.06
C VAL D 215 12.78 -16.92 31.35
N ILE D 216 13.24 -15.77 31.85
CA ILE D 216 14.62 -15.64 32.31
C ILE D 216 14.67 -15.03 33.71
N LYS D 217 15.79 -15.26 34.41
CA LYS D 217 15.92 -15.01 35.84
C LYS D 217 16.25 -13.54 36.12
N PRO D 218 17.28 -12.94 35.48
CA PRO D 218 17.73 -11.61 35.88
C PRO D 218 16.72 -10.52 35.58
N LYS D 219 16.81 -9.43 36.35
CA LYS D 219 16.09 -8.20 36.10
C LYS D 219 14.59 -8.45 35.83
N GLN D 220 13.98 -9.33 36.63
CA GLN D 220 12.54 -9.56 36.65
C GLN D 220 12.04 -10.01 35.27
N GLY D 221 12.92 -10.69 34.50
CA GLY D 221 12.57 -11.26 33.20
C GLY D 221 12.92 -10.34 32.03
N PHE D 222 13.45 -9.14 32.31
CA PHE D 222 13.71 -8.13 31.28
C PHE D 222 15.05 -8.43 30.62
N GLY D 223 15.05 -8.61 29.29
CA GLY D 223 16.29 -8.90 28.56
C GLY D 223 16.26 -8.31 27.15
N GLY D 224 17.45 -8.22 26.54
CA GLY D 224 17.59 -7.83 25.14
C GLY D 224 16.95 -8.82 24.17
N LEU D 225 16.28 -8.26 23.14
CA LEU D 225 15.69 -9.04 22.06
C LEU D 225 16.64 -9.06 20.86
N GLY D 226 16.73 -10.24 20.23
CA GLY D 226 17.38 -10.45 18.94
C GLY D 226 16.48 -11.28 18.03
N GLY D 227 16.90 -11.46 16.78
CA GLY D 227 16.19 -12.27 15.81
C GLY D 227 15.17 -11.45 15.01
N LYS D 228 14.04 -12.08 14.66
CA LYS D 228 13.14 -11.55 13.65
C LYS D 228 12.44 -10.27 14.12
N TYR D 229 12.40 -10.05 15.45
CA TYR D 229 11.88 -8.83 16.07
C TYR D 229 12.61 -7.56 15.61
N VAL D 230 13.89 -7.73 15.27
CA VAL D 230 14.85 -6.65 15.17
C VAL D 230 15.15 -6.27 13.72
N LEU D 231 14.66 -7.04 12.74
CA LEU D 231 15.12 -6.85 11.37
C LEU D 231 14.76 -5.44 10.87
N PRO D 232 13.48 -5.00 10.88
CA PRO D 232 13.15 -3.65 10.45
C PRO D 232 13.93 -2.53 11.15
N THR D 233 14.17 -2.66 12.47
CA THR D 233 14.93 -1.70 13.26
C THR D 233 16.39 -1.67 12.82
N ALA D 234 16.94 -2.86 12.56
CA ALA D 234 18.32 -3.02 12.14
C ALA D 234 18.54 -2.34 10.78
N LEU D 235 17.67 -2.66 9.82
CA LEU D 235 17.76 -2.12 8.47
C LEU D 235 17.71 -0.59 8.52
N ALA D 236 16.76 -0.06 9.31
CA ALA D 236 16.57 1.38 9.44
C ALA D 236 17.83 2.03 9.99
N ASN D 237 18.43 1.45 11.03
CA ASN D 237 19.62 2.02 11.68
C ASN D 237 20.83 1.91 10.76
N VAL D 238 20.98 0.77 10.08
CA VAL D 238 22.05 0.59 9.12
C VAL D 238 22.00 1.75 8.11
N ASN D 239 20.80 1.96 7.55
CA ASN D 239 20.59 2.95 6.49
C ASN D 239 20.78 4.38 7.01
N ALA D 240 20.26 4.69 8.20
CA ALA D 240 20.37 6.02 8.75
C ALA D 240 21.82 6.46 8.88
N PHE D 241 22.70 5.55 9.33
CA PHE D 241 24.08 5.89 9.64
C PHE D 241 24.96 5.77 8.40
N PHE D 242 24.57 4.90 7.47
CA PHE D 242 25.17 4.84 6.15
C PHE D 242 25.12 6.22 5.49
N ARG D 243 23.93 6.85 5.48
CA ARG D 243 23.74 8.17 4.91
C ARG D 243 24.36 9.27 5.77
N ARG D 244 24.27 9.16 7.10
CA ARG D 244 24.68 10.25 7.99
C ARG D 244 26.19 10.24 8.27
N CYS D 245 26.84 9.08 8.12
CA CYS D 245 28.26 8.95 8.36
C CYS D 245 28.95 8.31 7.15
N PRO D 246 29.01 8.98 5.99
CA PRO D 246 29.51 8.35 4.77
C PRO D 246 31.02 8.06 4.83
N ASP D 247 31.72 8.70 5.77
CA ASP D 247 33.16 8.50 6.00
C ASP D 247 33.41 7.26 6.87
N LYS D 248 32.35 6.53 7.21
CA LYS D 248 32.42 5.39 8.11
C LYS D 248 31.73 4.19 7.47
N LEU D 249 32.23 2.99 7.77
CA LEU D 249 31.58 1.73 7.41
C LEU D 249 30.41 1.47 8.37
N VAL D 250 29.31 0.93 7.85
CA VAL D 250 28.29 0.38 8.71
C VAL D 250 28.41 -1.15 8.65
N PHE D 251 28.41 -1.78 9.83
CA PHE D 251 28.26 -3.24 9.95
C PHE D 251 26.81 -3.48 10.34
N GLY D 252 26.13 -4.36 9.60
CA GLY D 252 24.74 -4.66 9.90
C GLY D 252 24.65 -5.75 10.95
N CYS D 253 23.66 -5.65 11.86
CA CYS D 253 23.36 -6.68 12.84
C CYS D 253 21.88 -6.61 13.22
N GLY D 254 21.19 -7.75 13.19
CA GLY D 254 19.78 -7.85 13.53
C GLY D 254 19.01 -8.61 12.46
N GLY D 255 18.37 -9.71 12.88
CA GLY D 255 17.33 -10.37 12.10
C GLY D 255 17.84 -11.26 10.97
N VAL D 256 19.16 -11.46 10.87
CA VAL D 256 19.74 -12.21 9.77
C VAL D 256 19.56 -13.72 10.02
N TYR D 257 18.70 -14.35 9.20
CA TYR D 257 18.46 -15.78 9.21
C TYR D 257 18.81 -16.45 7.88
N SER D 258 19.16 -15.66 6.85
CA SER D 258 19.25 -16.17 5.48
C SER D 258 19.93 -15.15 4.58
N GLY D 259 20.32 -15.58 3.37
CA GLY D 259 20.91 -14.70 2.37
C GLY D 259 20.04 -13.48 2.08
N GLU D 260 18.71 -13.66 2.09
CA GLU D 260 17.78 -12.58 1.77
C GLU D 260 17.98 -11.41 2.71
N GLU D 261 18.03 -11.68 4.02
CA GLU D 261 18.26 -10.66 5.04
C GLU D 261 19.68 -10.09 4.92
N ALA D 262 20.67 -10.94 4.67
CA ALA D 262 22.04 -10.50 4.43
C ALA D 262 22.08 -9.47 3.30
N PHE D 263 21.32 -9.77 2.22
CA PHE D 263 21.27 -8.97 1.01
C PHE D 263 20.66 -7.60 1.31
N LEU D 264 19.62 -7.56 2.17
CA LEU D 264 18.95 -6.31 2.51
C LEU D 264 19.86 -5.43 3.38
N HIS D 265 20.64 -6.06 4.27
CA HIS D 265 21.55 -5.34 5.14
C HIS D 265 22.60 -4.59 4.32
N ILE D 266 23.21 -5.32 3.36
CA ILE D 266 24.25 -4.81 2.48
C ILE D 266 23.65 -3.73 1.59
N LEU D 267 22.45 -3.98 1.06
CA LEU D 267 21.73 -3.03 0.24
C LEU D 267 21.45 -1.73 0.99
N ALA D 268 21.18 -1.83 2.30
CA ALA D 268 20.92 -0.69 3.17
C ALA D 268 22.20 0.09 3.48
N GLY D 269 23.37 -0.56 3.33
CA GLY D 269 24.66 0.13 3.41
C GLY D 269 25.77 -0.67 4.10
N ALA D 270 25.51 -1.92 4.49
CA ALA D 270 26.41 -2.67 5.36
C ALA D 270 27.62 -3.21 4.61
N SER D 271 28.82 -2.97 5.17
CA SER D 271 30.08 -3.56 4.72
C SER D 271 30.23 -5.00 5.24
N MET D 272 29.89 -5.23 6.52
CA MET D 272 29.87 -6.56 7.12
C MET D 272 28.48 -6.89 7.66
N VAL D 273 28.20 -8.18 7.87
CA VAL D 273 26.91 -8.63 8.35
C VAL D 273 27.13 -9.65 9.47
N GLN D 274 26.68 -9.29 10.70
CA GLN D 274 26.86 -10.09 11.90
C GLN D 274 25.59 -10.86 12.23
N VAL D 275 25.78 -12.10 12.73
CA VAL D 275 24.70 -13.04 13.00
C VAL D 275 24.75 -13.45 14.47
N GLY D 276 23.65 -13.16 15.19
CA GLY D 276 23.51 -13.49 16.59
C GLY D 276 22.58 -14.70 16.79
N THR D 277 21.30 -14.40 16.94
CA THR D 277 20.32 -15.39 17.37
C THR D 277 20.36 -16.62 16.44
N ALA D 278 20.40 -16.40 15.12
CA ALA D 278 20.28 -17.50 14.17
C ALA D 278 21.50 -18.42 14.26
N LEU D 279 22.66 -17.87 14.59
CA LEU D 279 23.88 -18.64 14.81
C LEU D 279 23.82 -19.43 16.12
N HIS D 280 23.25 -18.82 17.17
CA HIS D 280 23.05 -19.44 18.49
C HIS D 280 22.12 -20.65 18.38
N ASP D 281 21.11 -20.57 17.51
CA ASP D 281 20.17 -21.65 17.27
C ASP D 281 20.80 -22.72 16.39
N GLU D 282 21.34 -22.32 15.23
CA GLU D 282 21.68 -23.23 14.14
C GLU D 282 23.12 -23.72 14.25
N GLY D 283 23.98 -22.95 14.92
CA GLY D 283 25.40 -23.29 15.01
C GLY D 283 26.18 -22.83 13.79
N PRO D 284 27.54 -22.91 13.82
CA PRO D 284 28.40 -22.31 12.78
C PRO D 284 28.30 -22.88 11.37
N ILE D 285 27.50 -23.93 11.12
CA ILE D 285 27.16 -24.37 9.77
C ILE D 285 26.45 -23.24 9.03
N ILE D 286 25.82 -22.30 9.75
CA ILE D 286 24.96 -21.28 9.14
C ILE D 286 25.73 -20.44 8.12
N PHE D 287 27.03 -20.18 8.35
CA PHE D 287 27.81 -19.32 7.46
C PHE D 287 27.90 -19.95 6.07
N ALA D 288 28.02 -21.29 6.00
CA ALA D 288 28.00 -22.01 4.73
C ALA D 288 26.67 -21.78 4.01
N ARG D 289 25.56 -21.85 4.76
CA ARG D 289 24.23 -21.63 4.18
C ARG D 289 24.05 -20.17 3.75
N LEU D 290 24.61 -19.22 4.52
CA LEU D 290 24.49 -17.80 4.23
C LEU D 290 25.28 -17.43 2.97
N ASN D 291 26.55 -17.84 2.90
CA ASN D 291 27.40 -17.65 1.72
C ASN D 291 26.69 -18.14 0.46
N LYS D 292 26.16 -19.36 0.51
CA LYS D 292 25.49 -19.98 -0.63
C LYS D 292 24.25 -19.17 -1.01
N GLU D 293 23.45 -18.75 -0.01
CA GLU D 293 22.17 -18.10 -0.28
C GLU D 293 22.39 -16.70 -0.87
N LEU D 294 23.39 -15.97 -0.36
CA LEU D 294 23.69 -14.63 -0.82
C LEU D 294 24.21 -14.68 -2.26
N GLN D 295 25.11 -15.63 -2.53
CA GLN D 295 25.58 -15.99 -3.87
C GLN D 295 24.39 -16.23 -4.81
N GLU D 296 23.39 -16.99 -4.36
CA GLU D 296 22.27 -17.37 -5.22
C GLU D 296 21.47 -16.13 -5.60
N ILE D 297 21.32 -15.17 -4.66
CA ILE D 297 20.55 -13.97 -4.92
C ILE D 297 21.34 -13.05 -5.85
N MET D 298 22.67 -12.99 -5.67
CA MET D 298 23.52 -12.13 -6.48
C MET D 298 23.62 -12.62 -7.93
N THR D 299 23.49 -13.95 -8.12
CA THR D 299 23.46 -14.56 -9.43
C THR D 299 22.15 -14.20 -10.14
N ASN D 300 21.03 -14.30 -9.41
CA ASN D 300 19.72 -13.92 -9.91
C ASN D 300 19.66 -12.48 -10.45
N LYS D 301 20.44 -11.56 -9.85
CA LYS D 301 20.35 -10.13 -10.09
C LYS D 301 21.51 -9.60 -10.93
N GLY D 302 22.37 -10.50 -11.42
CA GLY D 302 23.53 -10.13 -12.23
C GLY D 302 24.54 -9.27 -11.48
N TYR D 303 24.72 -9.53 -10.18
CA TYR D 303 25.70 -8.82 -9.37
C TYR D 303 26.94 -9.69 -9.22
N LYS D 304 28.12 -9.14 -9.56
CA LYS D 304 29.40 -9.85 -9.52
C LYS D 304 30.09 -9.63 -8.18
N THR D 305 30.04 -8.39 -7.66
CA THR D 305 30.62 -8.05 -6.36
C THR D 305 29.54 -7.36 -5.52
N LEU D 306 29.87 -7.16 -4.23
CA LEU D 306 28.99 -6.47 -3.29
C LEU D 306 28.89 -5.00 -3.66
N ASP D 307 29.99 -4.42 -4.15
CA ASP D 307 30.06 -3.04 -4.60
C ASP D 307 28.91 -2.70 -5.55
N GLU D 308 28.44 -3.71 -6.32
CA GLU D 308 27.38 -3.54 -7.30
C GLU D 308 26.02 -3.20 -6.68
N PHE D 309 25.82 -3.39 -5.36
CA PHE D 309 24.54 -3.06 -4.72
C PHE D 309 24.66 -2.53 -3.28
N ARG D 310 25.87 -2.44 -2.73
CA ARG D 310 26.00 -1.92 -1.38
C ARG D 310 25.50 -0.47 -1.35
N GLY D 311 24.40 -0.24 -0.61
CA GLY D 311 23.91 1.11 -0.30
C GLY D 311 22.96 1.65 -1.35
N ARG D 312 22.56 0.82 -2.33
CA ARG D 312 21.77 1.27 -3.46
C ARG D 312 20.28 0.93 -3.29
N VAL D 313 19.81 0.77 -2.05
CA VAL D 313 18.37 0.65 -1.79
C VAL D 313 17.67 1.87 -2.39
N LYS D 314 16.49 1.66 -3.00
CA LYS D 314 15.76 2.74 -3.67
C LYS D 314 14.65 3.28 -2.76
N THR D 315 14.39 4.61 -2.85
CA THR D 315 13.24 5.26 -2.24
C THR D 315 12.26 5.69 -3.34
N MET D 316 11.07 6.22 -2.96
CA MET D 316 10.04 6.58 -3.93
C MET D 316 9.87 8.12 -4.04
C9A FNR E . -13.71 -9.24 -30.59
N10 FNR E . -14.71 -9.23 -29.59
CAA FNR E . -15.97 -9.74 -29.86
N1 FNR E . -16.88 -9.97 -28.86
C2 FNR E . -18.11 -10.54 -29.11
O2 FNR E . -18.94 -10.69 -28.23
N3 FNR E . -18.37 -10.91 -30.42
C4 FNR E . -17.50 -10.75 -31.47
O4 FNR E . -17.84 -11.13 -32.60
C4A FNR E . -16.28 -10.13 -31.21
N5 FNR E . -15.36 -9.95 -32.19
C5A FNR E . -14.06 -9.60 -31.90
C6 FNR E . -13.08 -9.68 -32.88
C7 FNR E . -11.77 -9.40 -32.61
C7M FNR E . -10.77 -9.48 -33.72
C8 FNR E . -11.41 -9.02 -31.28
C8M FNR E . -9.99 -8.68 -30.91
C9 FNR E . -12.37 -8.95 -30.31
C1' FNR E . -14.31 -8.99 -28.18
C2' FNR E . -13.74 -10.25 -27.55
O2' FNR E . -14.69 -11.29 -27.49
C3' FNR E . -13.23 -9.99 -26.13
O3' FNR E . -14.34 -9.71 -25.28
C4' FNR E . -12.19 -8.87 -26.02
O4' FNR E . -11.25 -8.99 -27.08
C5' FNR E . -11.46 -8.88 -24.69
O5' FNR E . -10.67 -10.08 -24.54
P FNR E . -9.08 -10.06 -24.90
O1P FNR E . -8.97 -9.63 -26.36
O2P FNR E . -8.67 -11.51 -24.66
O3P FNR E . -8.37 -9.09 -23.96
OXT FUM F . -16.88 -5.71 -34.54
C FUM F . -17.11 -6.77 -33.91
O FUM F . -17.46 -7.78 -34.57
C4 FUM F . -17.10 -6.72 -32.43
C5 FUM F . -17.86 -7.61 -31.77
C6 FUM F . -17.99 -7.63 -30.27
O7 FUM F . -17.31 -6.57 -29.60
O8 FUM F . -19.37 -7.83 -29.87
C1 MLI G . -16.95 -3.53 -4.41
C2 MLI G . -17.23 -2.55 -3.28
C3 MLI G . -18.19 -3.81 -5.23
O6 MLI G . -17.27 -2.98 -2.10
O7 MLI G . -17.43 -1.36 -3.59
O8 MLI G . -18.13 -4.67 -6.09
O9 MLI G . -19.21 -3.16 -4.98
C1 MLI H . -23.35 -4.42 -43.78
C2 MLI H . -24.75 -4.96 -44.07
C3 MLI H . -22.30 -5.51 -43.67
O6 MLI H . -25.74 -4.19 -43.85
O7 MLI H . -24.87 -6.16 -44.52
O8 MLI H . -21.34 -5.32 -42.89
O9 MLI H . -22.43 -6.56 -44.36
C1 MLI I . -10.32 -12.83 -36.28
C2 MLI I . -9.99 -12.12 -37.59
C3 MLI I . -9.74 -14.24 -36.31
O6 MLI I . -10.76 -12.32 -38.54
O7 MLI I . -8.97 -11.41 -37.64
O8 MLI I . -9.01 -14.60 -35.37
O9 MLI I . -9.99 -14.95 -37.30
C9A FNR J . -6.63 10.77 -9.16
N10 FNR J . -7.66 11.27 -9.99
CAA FNR J . -8.46 12.32 -9.54
N1 FNR J . -9.26 13.05 -10.39
C2 FNR J . -9.97 14.16 -9.97
O2 FNR J . -10.70 14.76 -10.74
N3 FNR J . -9.83 14.53 -8.66
C4 FNR J . -9.00 13.90 -7.74
O4 FNR J . -8.95 14.32 -6.58
C4A FNR J . -8.33 12.75 -8.18
N5 FNR J . -7.49 12.08 -7.35
C5A FNR J . -6.55 11.19 -7.82
C6 FNR J . -5.49 10.79 -7.02
C7 FNR J . -4.54 9.92 -7.48
C7M FNR J . -3.42 9.48 -6.57
C8 FNR J . -4.60 9.48 -8.86
C8M FNR J . -3.57 8.55 -9.42
C9 FNR J . -5.62 9.91 -9.65
C1' FNR J . -7.65 10.92 -11.44
C2' FNR J . -6.57 11.71 -12.19
O2' FNR J . -6.78 13.13 -12.07
C3' FNR J . -6.51 11.33 -13.67
O3' FNR J . -7.78 11.56 -14.27
C4' FNR J . -6.14 9.86 -13.91
O4' FNR J . -5.11 9.51 -12.97
C5' FNR J . -5.67 9.60 -15.32
O5' FNR J . -4.43 10.30 -15.62
P FNR J . -3.04 9.47 -15.62
O1P FNR J . -2.85 8.96 -14.19
O2P FNR J . -1.95 10.45 -16.03
O3P FNR J . -3.20 8.35 -16.64
OXT FUM K . -11.90 12.36 -9.02
C FUM K . -11.19 11.41 -8.60
O FUM K . -10.82 10.42 -9.31
C4 FUM K . -10.88 11.41 -7.16
C5 FUM K . -10.32 10.33 -6.65
C6 FUM K . -10.09 10.25 -5.19
O7 FUM K . -10.33 9.02 -4.56
O8 FUM K . -9.61 11.39 -4.49
C1 MLI L . -16.66 8.31 -33.92
C2 MLI L . -17.39 9.49 -33.28
C3 MLI L . -17.39 7.74 -35.13
O6 MLI L . -16.73 10.38 -32.76
O7 MLI L . -18.64 9.48 -33.32
O8 MLI L . -17.12 8.23 -36.25
O9 MLI L . -18.22 6.83 -34.95
C1 MLI M . -15.24 10.43 5.31
C2 MLI M . -13.88 11.11 5.18
C3 MLI M . -15.18 8.92 5.08
O6 MLI M . -13.03 10.58 4.45
O7 MLI M . -13.69 12.17 5.82
O8 MLI M . -16.13 8.24 5.54
O9 MLI M . -14.17 8.42 4.47
C1 MLI N . -1.05 11.71 -3.85
C2 MLI N . 0.02 12.77 -3.98
C3 MLI N . -0.91 11.00 -2.51
O6 MLI N . 0.07 13.67 -3.09
O7 MLI N . 0.82 12.69 -4.94
O8 MLI N . -1.46 11.51 -1.54
O9 MLI N . -0.21 10.00 -2.46
C9A FNR O . -0.83 3.96 14.74
N10 FNR O . -0.42 4.41 16.04
CAA FNR O . -0.91 5.62 16.54
N1 FNR O . -0.74 5.97 17.85
C2 FNR O . -1.29 7.11 18.39
O2 FNR O . -1.10 7.41 19.56
N3 FNR O . -2.03 7.89 17.54
C4 FNR O . -2.29 7.60 16.21
O4 FNR O . -3.01 8.36 15.54
C4A FNR O . -1.69 6.45 15.68
N5 FNR O . -1.87 6.09 14.39
C5A FNR O . -1.56 4.84 13.92
C6 FNR O . -2.05 4.41 12.70
C7 FNR O . -1.79 3.16 12.23
C7M FNR O . -2.32 2.77 10.87
C8 FNR O . -1.05 2.25 13.04
C8M FNR O . -0.77 0.85 12.57
C9 FNR O . -0.60 2.66 14.28
C1' FNR O . 0.25 3.45 16.97
C2' FNR O . -0.78 2.47 17.56
O2' FNR O . -1.80 3.12 18.31
C3' FNR O . -0.12 1.41 18.45
O3' FNR O . 0.54 2.01 19.56
C4' FNR O . 0.87 0.55 17.66
O4' FNR O . 0.26 0.23 16.41
C5' FNR O . 1.25 -0.72 18.39
O5' FNR O . 0.06 -1.54 18.50
P FNR O . -0.11 -2.85 17.56
O1P FNR O . -1.38 -3.48 18.11
O2P FNR O . 1.11 -3.71 17.77
O3P FNR O . -0.24 -2.36 16.13
OXT FUM P . 1.38 8.68 11.60
C FUM P . 0.59 8.70 12.56
O FUM P . -0.51 9.30 12.51
C4 FUM P . 1.14 8.17 13.84
C5 FUM P . 0.62 8.46 15.03
C6 FUM P . 1.37 8.03 16.27
O7 FUM P . 0.82 8.31 17.58
O8 FUM P . 2.12 6.80 16.19
C1 MLI Q . 13.56 -4.31 35.43
C2 MLI Q . 12.78 -3.07 35.84
C3 MLI Q . 14.40 -4.82 36.58
O6 MLI Q . 13.39 -2.19 36.45
O7 MLI Q . 11.56 -3.01 35.58
O8 MLI Q . 13.81 -5.22 37.60
O9 MLI Q . 15.64 -4.79 36.46
C1 MLI R . 0.25 18.37 6.28
C2 MLI R . 0.28 19.87 5.99
C3 MLI R . -1.14 17.74 6.29
O6 MLI R . 0.93 20.25 4.99
O7 MLI R . -0.32 20.64 6.77
O8 MLI R . -2.13 18.47 6.06
O9 MLI R . -1.22 16.54 6.55
C1 MLI S . -6.62 3.57 9.58
C2 MLI S . -6.07 3.78 8.17
C3 MLI S . -7.96 2.83 9.61
O6 MLI S . -5.60 2.80 7.58
O7 MLI S . -6.16 4.91 7.68
O8 MLI S . -8.97 3.41 9.13
O9 MLI S . -7.98 1.69 10.10
C1 MLI T . 15.01 9.01 7.36
C2 MLI T . 14.06 10.13 6.95
C3 MLI T . 16.29 9.59 7.96
O6 MLI T . 14.17 10.60 5.80
O7 MLI T . 13.24 10.54 7.78
O8 MLI T . 17.34 8.91 7.91
O9 MLI T . 16.22 10.72 8.43
C9A FNR U . 24.16 -10.72 22.48
N10 FNR U . 24.48 -9.40 22.08
CAA FNR U . 25.71 -8.83 22.47
N1 FNR U . 26.18 -7.67 21.89
C2 FNR U . 27.40 -7.14 22.21
O2 FNR U . 27.80 -6.10 21.70
N3 FNR U . 28.15 -7.82 23.13
C4 FNR U . 27.79 -9.00 23.74
O4 FNR U . 28.56 -9.52 24.54
C4A FNR U . 26.50 -9.51 23.44
N5 FNR U . 26.06 -10.67 23.98
C5A FNR U . 24.96 -11.34 23.47
C6 FNR U . 24.71 -12.65 23.84
C7 FNR U . 23.65 -13.34 23.33
C7M FNR U . 23.38 -14.75 23.80
C8 FNR U . 22.82 -12.72 22.32
C8M FNR U . 21.66 -13.45 21.72
C9 FNR U . 23.10 -11.44 21.93
C1' FNR U . 23.63 -8.73 21.04
C2' FNR U . 24.04 -9.19 19.66
O2' FNR U . 25.39 -8.82 19.40
C3' FNR U . 23.16 -8.64 18.53
O3' FNR U . 23.39 -7.24 18.41
C4' FNR U . 21.66 -8.92 18.72
O4' FNR U . 21.47 -10.24 19.20
C5' FNR U . 20.86 -8.73 17.44
O5' FNR U . 21.33 -9.66 16.41
P FNR U . 20.48 -10.99 16.08
O1P FNR U . 20.41 -11.78 17.39
O2P FNR U . 21.31 -11.67 15.00
O3P FNR U . 19.08 -10.60 15.62
OXT FUM V . 26.37 -5.86 24.43
C FUM V . 25.49 -6.67 24.81
O FUM V . 24.31 -6.67 24.35
C4 FUM V . 25.84 -7.67 25.86
C5 FUM V . 24.86 -8.38 26.43
C6 FUM V . 25.09 -9.40 27.51
O7 FUM V . 26.37 -9.43 28.05
O8 FUM V . 24.23 -9.20 28.63
C1 MLI W . 30.33 -8.94 38.53
C2 MLI W . 29.07 -8.50 39.28
C3 MLI W . 30.38 -10.34 37.90
O6 MLI W . 29.17 -7.57 40.11
O7 MLI W . 27.99 -9.09 39.02
O8 MLI W . 29.35 -10.81 37.37
O9 MLI W . 31.49 -10.94 37.94
#